data_5V48
#
_entry.id   5V48
#
_cell.length_a   68.994
_cell.length_b   108.446
_cell.length_c   211.887
_cell.angle_alpha   90.000
_cell.angle_beta   90.000
_cell.angle_gamma   90.000
#
_symmetry.space_group_name_H-M   'P 21 21 21'
#
loop_
_entity.id
_entity.type
_entity.pdbx_description
1 polymer Neprilysin
2 branched 2-acetamido-2-deoxy-beta-D-glucopyranose-(1-4)-2-acetamido-2-deoxy-beta-D-glucopyranose
3 non-polymer 'ZINC ION'
4 non-polymer (2-MERCAPTOMETHYL-3-PHENYL-PROPIONYL)-GLYCINE
5 non-polymer 2-acetamido-2-deoxy-beta-D-glucopyranose
6 water water
#
_entity_poly.entity_id   1
_entity_poly.type   'polypeptide(L)'
_entity_poly.pdbx_seq_one_letter_code
;GICKSSDCIKSAARLIQNMDATAEPCTDFFKYACGGWLKRNVIPETSSRYSNFDILRDELEVILKDVLQEPKTEDIVAVQ
KAKTLYRSCVNETAIDSRGGQPLLKLLPDVYGWPVATQNWEQTYGTSWSAEKSIAQLNSKYGKKVLINFFVGTDDKNSMN
HIIHIDQPRLGLPSRDYYECTGIYKEACTAYVDFMIAVAKLIRQEEGLPIDENQISVEMNKVMELEKEIANATTKSEDRN
DPMLLYNKMTLAQIQNNFSLEINGKPFSWSNFTNEIMSTVNINIPNEEDVVVYAPEYLIKLKPILTKYSPRDLQNLMSWR
FIMDLVSSLSRTYKDSRNAFRKALYGTTSESATWRRCANYVNGNMENAVGRLYVEAAFAGESKHVVEDLIAQIREVFIQT
LDDLTWMDAETKKKAEEKALAIKERIGYPDDIVSNDNKLNNEYLELNYKEDEYFENIIQNLKFSQSKQLKKLREKVDKDE
WITGAAIVNAFYSSGRNQIVFPAGILQPPFFSAQQSNSLNYGGIGMVIGHEITHGFDDNGRNFNKDGDLVDWWTQQSANN
FKEQSQCMVYQYGNFSWDLAGGQHLNGINTLGENIADNGGIGQAYRAYQNYVKKNGEEKLLPGIDLNHKQLFFLNFAQVW
CGTYRPEYAVNSIKTDVHSPGNFRIIGSLQNSVEFSEAFQCPKNSYMNPEKKCRVW
;
_entity_poly.pdbx_strand_id   A,B
#
# COMPACT_ATOMS: atom_id res chain seq x y z
N GLY A 1 -15.06 -1.50 39.41
CA GLY A 1 -14.92 -2.80 38.76
C GLY A 1 -14.65 -2.69 37.28
N ILE A 2 -13.73 -1.81 36.90
CA ILE A 2 -13.36 -1.58 35.51
C ILE A 2 -11.85 -1.73 35.38
N CYS A 3 -11.41 -2.53 34.41
CA CYS A 3 -10.00 -2.70 34.17
C CYS A 3 -9.38 -1.38 33.71
N LYS A 4 -8.14 -1.13 34.15
CA LYS A 4 -7.45 0.13 33.86
C LYS A 4 -6.02 -0.07 33.37
N SER A 5 -5.62 -1.31 33.06
CA SER A 5 -4.26 -1.54 32.59
C SER A 5 -4.08 -1.01 31.17
N SER A 6 -2.82 -0.85 30.79
CA SER A 6 -2.52 -0.36 29.44
C SER A 6 -3.01 -1.32 28.37
N ASP A 7 -3.04 -2.62 28.68
CA ASP A 7 -3.53 -3.59 27.71
C ASP A 7 -5.05 -3.51 27.57
N CYS A 8 -5.76 -3.24 28.67
CA CYS A 8 -7.21 -3.08 28.60
C CYS A 8 -7.61 -1.83 27.84
N ILE A 9 -6.76 -0.79 27.87
CA ILE A 9 -7.12 0.46 27.19
C ILE A 9 -7.10 0.28 25.68
N LYS A 10 -5.99 -0.24 25.15
CA LYS A 10 -5.91 -0.44 23.70
C LYS A 10 -6.79 -1.60 23.24
N SER A 11 -7.15 -2.53 24.14
CA SER A 11 -8.09 -3.57 23.76
C SER A 11 -9.50 -3.02 23.61
N ALA A 12 -9.91 -2.16 24.55
CA ALA A 12 -11.24 -1.57 24.47
C ALA A 12 -11.36 -0.61 23.31
N ALA A 13 -10.30 0.17 23.05
CA ALA A 13 -10.33 1.12 21.93
C ALA A 13 -10.45 0.40 20.60
N ARG A 14 -9.84 -0.78 20.47
CA ARG A 14 -10.00 -1.56 19.26
C ARG A 14 -11.45 -1.97 19.06
N LEU A 15 -12.13 -2.36 20.14
CA LEU A 15 -13.55 -2.70 20.05
C LEU A 15 -14.39 -1.48 19.74
N ILE A 16 -14.01 -0.31 20.27
CA ILE A 16 -14.81 0.89 20.05
C ILE A 16 -14.64 1.40 18.63
N GLN A 17 -13.40 1.40 18.13
CA GLN A 17 -13.14 1.96 16.80
C GLN A 17 -13.72 1.10 15.69
N ASN A 18 -13.80 -0.22 15.90
CA ASN A 18 -14.32 -1.09 14.86
C ASN A 18 -15.85 -1.05 14.80
N MET A 19 -16.51 -0.93 15.94
CA MET A 19 -17.95 -1.00 15.98
C MET A 19 -18.58 0.33 15.56
N ASP A 20 -19.89 0.29 15.33
CA ASP A 20 -20.68 1.47 14.97
C ASP A 20 -21.86 1.52 15.93
N ALA A 21 -21.76 2.36 16.96
CA ALA A 21 -22.78 2.40 18.00
C ALA A 21 -24.14 2.87 17.47
N THR A 22 -24.16 3.55 16.32
CA THR A 22 -25.42 4.02 15.76
C THR A 22 -26.24 2.89 15.14
N ALA A 23 -25.61 1.78 14.79
CA ALA A 23 -26.31 0.67 14.17
C ALA A 23 -27.05 -0.16 15.23
N GLU A 24 -28.04 -0.91 14.76
CA GLU A 24 -28.82 -1.77 15.64
C GLU A 24 -28.21 -3.16 15.65
N PRO A 25 -27.84 -3.70 16.81
CA PRO A 25 -27.24 -5.05 16.82
C PRO A 25 -28.16 -6.13 16.28
N CYS A 26 -29.47 -5.96 16.40
CA CYS A 26 -30.42 -6.99 15.99
C CYS A 26 -30.90 -6.82 14.55
N THR A 27 -30.58 -5.70 13.91
CA THR A 27 -30.92 -5.51 12.50
C THR A 27 -29.81 -6.03 11.59
N ASP A 28 -28.55 -5.82 11.97
CA ASP A 28 -27.39 -6.27 11.20
C ASP A 28 -26.18 -6.21 12.11
N PHE A 29 -25.83 -7.35 12.73
CA PHE A 29 -24.74 -7.35 13.69
C PHE A 29 -23.38 -7.14 13.02
N PHE A 30 -23.28 -7.42 11.71
CA PHE A 30 -22.05 -7.12 11.00
C PHE A 30 -21.81 -5.61 10.93
N LYS A 31 -22.85 -4.85 10.58
CA LYS A 31 -22.71 -3.39 10.57
C LYS A 31 -22.51 -2.85 11.98
N TYR A 32 -23.11 -3.48 12.99
CA TYR A 32 -22.95 -3.01 14.36
C TYR A 32 -21.54 -3.27 14.89
N ALA A 33 -20.92 -4.37 14.48
CA ALA A 33 -19.59 -4.72 14.98
C ALA A 33 -18.47 -4.28 14.05
N CYS A 34 -18.78 -3.82 12.84
CA CYS A 34 -17.74 -3.48 11.87
C CYS A 34 -18.01 -2.17 11.14
N GLY A 35 -19.08 -1.45 11.46
CA GLY A 35 -19.38 -0.21 10.77
C GLY A 35 -18.29 0.83 10.92
N GLY A 36 -17.61 0.85 12.07
CA GLY A 36 -16.48 1.74 12.24
C GLY A 36 -15.26 1.29 11.46
N TRP A 37 -15.07 -0.02 11.33
CA TRP A 37 -13.94 -0.54 10.55
C TRP A 37 -14.07 -0.17 9.09
N LEU A 38 -15.31 -0.17 8.57
CA LEU A 38 -15.51 0.10 7.14
C LEU A 38 -15.15 1.53 6.77
N LYS A 39 -15.39 2.48 7.67
CA LYS A 39 -15.00 3.87 7.39
C LYS A 39 -13.53 4.12 7.65
N ARG A 40 -12.93 3.36 8.57
CA ARG A 40 -11.56 3.58 9.00
C ARG A 40 -10.54 2.89 8.10
N ASN A 41 -10.82 1.67 7.66
CA ASN A 41 -9.89 0.89 6.86
C ASN A 41 -10.42 0.76 5.44
N VAL A 42 -9.56 1.06 4.47
CA VAL A 42 -9.88 0.95 3.05
C VAL A 42 -8.98 -0.11 2.42
N ILE A 43 -9.51 -0.82 1.43
CA ILE A 43 -8.75 -1.91 0.82
C ILE A 43 -7.49 -1.36 0.16
N PRO A 44 -6.30 -1.90 0.48
CA PRO A 44 -5.09 -1.48 -0.23
C PRO A 44 -5.14 -1.87 -1.70
N GLU A 45 -4.26 -1.26 -2.48
CA GLU A 45 -4.18 -1.58 -3.90
C GLU A 45 -3.64 -2.98 -4.14
N THR A 46 -2.96 -3.56 -3.15
CA THR A 46 -2.32 -4.86 -3.30
C THR A 46 -3.06 -5.94 -2.51
N SER A 47 -4.37 -5.79 -2.32
CA SER A 47 -5.15 -6.74 -1.55
C SER A 47 -6.47 -6.98 -2.25
N SER A 48 -6.73 -8.24 -2.63
CA SER A 48 -8.04 -8.59 -3.15
C SER A 48 -9.07 -8.66 -2.04
N ARG A 49 -8.63 -8.91 -0.82
CA ARG A 49 -9.49 -8.92 0.35
C ARG A 49 -8.72 -8.29 1.50
N TYR A 50 -9.39 -7.40 2.24
CA TYR A 50 -8.79 -6.75 3.40
C TYR A 50 -9.73 -6.88 4.57
N SER A 51 -9.25 -7.50 5.65
CA SER A 51 -10.04 -7.71 6.85
C SER A 51 -9.11 -7.78 8.05
N ASN A 52 -9.70 -7.76 9.26
CA ASN A 52 -8.91 -7.88 10.46
C ASN A 52 -8.12 -9.19 10.48
N PHE A 53 -8.61 -10.21 9.78
CA PHE A 53 -7.85 -11.45 9.66
C PHE A 53 -6.61 -11.25 8.80
N ASP A 54 -6.75 -10.56 7.67
CA ASP A 54 -5.61 -10.36 6.78
C ASP A 54 -4.58 -9.41 7.40
N ILE A 55 -5.01 -8.50 8.27
CA ILE A 55 -4.08 -7.59 8.91
C ILE A 55 -3.13 -8.36 9.84
N LEU A 56 -3.66 -9.35 10.56
CA LEU A 56 -2.79 -10.20 11.37
C LEU A 56 -1.74 -10.90 10.52
N ARG A 57 -2.07 -11.23 9.28
CA ARG A 57 -1.06 -11.80 8.38
C ARG A 57 -0.09 -10.72 7.91
N ASP A 58 -0.60 -9.53 7.59
CA ASP A 58 0.28 -8.45 7.18
C ASP A 58 1.22 -8.03 8.29
N GLU A 59 0.75 -8.09 9.54
CA GLU A 59 1.62 -7.78 10.67
C GLU A 59 2.63 -8.89 10.91
N LEU A 60 2.26 -10.14 10.62
CA LEU A 60 3.19 -11.24 10.80
C LEU A 60 4.30 -11.20 9.75
N GLU A 61 3.99 -10.73 8.54
CA GLU A 61 5.01 -10.62 7.51
C GLU A 61 6.10 -9.63 7.89
N VAL A 62 5.77 -8.63 8.71
CA VAL A 62 6.77 -7.69 9.19
C VAL A 62 7.75 -8.40 10.13
N ILE A 63 7.24 -9.25 11.01
CA ILE A 63 8.11 -10.00 11.92
C ILE A 63 9.01 -10.95 11.14
N LEU A 64 8.47 -11.54 10.06
CA LEU A 64 9.30 -12.38 9.21
C LEU A 64 10.39 -11.56 8.53
N LYS A 65 10.08 -10.33 8.15
CA LYS A 65 11.07 -9.47 7.52
C LYS A 65 12.23 -9.17 8.45
N ASP A 66 11.93 -8.89 9.72
CA ASP A 66 12.99 -8.54 10.67
C ASP A 66 13.93 -9.71 10.96
N VAL A 67 13.38 -10.93 10.96
CA VAL A 67 14.16 -12.12 11.30
C VAL A 67 14.79 -12.77 10.07
N LEU A 68 14.67 -12.15 8.90
CA LEU A 68 15.24 -12.71 7.68
C LEU A 68 16.16 -11.78 6.90
N GLN A 69 16.04 -10.46 7.07
CA GLN A 69 16.79 -9.52 6.23
C GLN A 69 18.27 -9.48 6.59
N GLU A 70 18.60 -9.40 7.89
CA GLU A 70 19.99 -9.23 8.31
C GLU A 70 20.57 -10.56 8.75
N PRO A 71 21.70 -10.99 8.17
CA PRO A 71 22.32 -12.23 8.64
C PRO A 71 22.97 -12.05 10.00
N LYS A 72 23.07 -13.15 10.73
CA LYS A 72 23.70 -13.15 12.05
C LYS A 72 24.77 -14.23 12.08
N THR A 73 25.77 -14.03 12.95
CA THR A 73 26.94 -14.89 12.96
C THR A 73 26.63 -16.27 13.54
N GLU A 74 25.63 -16.38 14.41
CA GLU A 74 25.31 -17.63 15.07
C GLU A 74 24.22 -18.42 14.36
N ASP A 75 23.77 -17.97 13.19
CA ASP A 75 22.72 -18.67 12.48
C ASP A 75 23.18 -20.05 12.04
N ILE A 76 22.29 -21.03 12.17
CA ILE A 76 22.58 -22.39 11.74
C ILE A 76 22.42 -22.47 10.24
N VAL A 77 22.76 -23.62 9.65
CA VAL A 77 22.75 -23.75 8.19
C VAL A 77 21.34 -23.56 7.65
N ALA A 78 20.33 -24.07 8.37
CA ALA A 78 18.95 -23.91 7.92
C ALA A 78 18.54 -22.45 7.91
N VAL A 79 18.95 -21.68 8.93
CA VAL A 79 18.64 -20.26 8.96
C VAL A 79 19.41 -19.52 7.87
N GLN A 80 20.64 -19.96 7.58
CA GLN A 80 21.43 -19.30 6.57
C GLN A 80 20.83 -19.50 5.18
N LYS A 81 20.28 -20.70 4.92
CA LYS A 81 19.68 -20.95 3.61
C LYS A 81 18.38 -20.19 3.43
N ALA A 82 17.60 -20.02 4.51
CA ALA A 82 16.39 -19.20 4.41
C ALA A 82 16.73 -17.76 4.09
N LYS A 83 17.69 -17.19 4.82
CA LYS A 83 18.10 -15.82 4.54
C LYS A 83 18.76 -15.69 3.18
N THR A 84 19.45 -16.74 2.73
CA THR A 84 20.00 -16.73 1.38
C THR A 84 18.88 -16.69 0.34
N LEU A 85 17.84 -17.50 0.55
CA LEU A 85 16.69 -17.48 -0.37
C LEU A 85 15.99 -16.14 -0.31
N TYR A 86 15.83 -15.57 0.88
CA TYR A 86 15.14 -14.29 1.01
C TYR A 86 15.91 -13.17 0.32
N ARG A 87 17.24 -13.14 0.49
CA ARG A 87 18.04 -12.10 -0.14
C ARG A 87 18.02 -12.22 -1.66
N SER A 88 18.00 -13.46 -2.18
CA SER A 88 17.88 -13.65 -3.61
C SER A 88 16.53 -13.15 -4.12
N CYS A 89 15.51 -13.18 -3.26
CA CYS A 89 14.18 -12.79 -3.69
C CYS A 89 13.99 -11.28 -3.69
N VAL A 90 14.60 -10.59 -2.74
CA VAL A 90 14.39 -9.15 -2.63
C VAL A 90 15.25 -8.35 -3.61
N ASN A 91 16.32 -8.93 -4.13
CA ASN A 91 17.18 -8.20 -5.05
C ASN A 91 16.47 -8.03 -6.39
N GLU A 92 15.65 -6.99 -6.50
CA GLU A 92 14.97 -6.70 -7.76
C GLU A 92 15.93 -6.27 -8.85
N THR A 93 17.10 -5.74 -8.49
CA THR A 93 18.07 -5.32 -9.50
C THR A 93 18.60 -6.51 -10.28
N ALA A 94 18.97 -7.59 -9.58
CA ALA A 94 19.46 -8.78 -10.27
C ALA A 94 18.36 -9.46 -11.06
N ILE A 95 17.12 -9.40 -10.57
CA ILE A 95 16.01 -10.04 -11.28
C ILE A 95 15.70 -9.30 -12.57
N ASP A 96 15.66 -7.97 -12.52
CA ASP A 96 15.38 -7.20 -13.72
C ASP A 96 16.49 -7.32 -14.76
N SER A 97 17.74 -7.48 -14.30
CA SER A 97 18.87 -7.57 -15.22
C SER A 97 18.88 -8.88 -16.01
N ARG A 98 18.09 -9.87 -15.61
CA ARG A 98 18.04 -11.16 -16.30
C ARG A 98 16.87 -11.26 -17.26
N GLY A 99 15.91 -10.34 -17.20
CA GLY A 99 14.79 -10.36 -18.14
C GLY A 99 14.01 -11.64 -18.04
N GLY A 100 13.82 -12.31 -19.17
CA GLY A 100 13.22 -13.62 -19.22
C GLY A 100 14.18 -14.75 -19.50
N GLN A 101 15.49 -14.50 -19.43
CA GLN A 101 16.45 -15.56 -19.72
C GLN A 101 16.30 -16.79 -18.82
N PRO A 102 16.09 -16.68 -17.51
CA PRO A 102 15.91 -17.90 -16.70
C PRO A 102 14.74 -18.75 -17.17
N LEU A 103 13.70 -18.15 -17.74
CA LEU A 103 12.57 -18.93 -18.25
C LEU A 103 12.85 -19.47 -19.65
N LEU A 104 13.42 -18.63 -20.52
CA LEU A 104 13.73 -19.08 -21.87
C LEU A 104 14.72 -20.23 -21.87
N LYS A 105 15.69 -20.19 -20.95
CA LYS A 105 16.66 -21.28 -20.84
C LYS A 105 16.03 -22.56 -20.30
N LEU A 106 14.87 -22.46 -19.67
CA LEU A 106 14.25 -23.61 -19.00
C LEU A 106 13.14 -24.26 -19.80
N LEU A 107 12.47 -23.50 -20.68
CA LEU A 107 11.29 -23.91 -21.45
C LEU A 107 11.46 -25.24 -22.18
N PRO A 108 12.64 -25.55 -22.73
CA PRO A 108 12.81 -26.88 -23.33
C PRO A 108 12.48 -28.03 -22.41
N ASP A 109 12.60 -27.85 -21.09
CA ASP A 109 12.36 -28.95 -20.16
C ASP A 109 10.91 -29.40 -20.14
N VAL A 110 9.99 -28.60 -20.68
CA VAL A 110 8.57 -28.94 -20.68
C VAL A 110 8.10 -29.08 -22.11
N TYR A 111 9.01 -29.49 -23.00
CA TYR A 111 8.75 -29.61 -24.44
C TYR A 111 8.42 -28.25 -25.06
N GLY A 112 8.91 -27.18 -24.45
CA GLY A 112 8.81 -25.85 -25.03
C GLY A 112 7.41 -25.31 -25.20
N TRP A 113 7.31 -24.07 -25.70
CA TRP A 113 6.03 -23.44 -26.00
C TRP A 113 5.92 -23.28 -27.50
N PRO A 114 4.98 -23.98 -28.16
CA PRO A 114 4.96 -23.97 -29.64
C PRO A 114 4.79 -22.59 -30.24
N VAL A 115 4.00 -21.72 -29.62
CA VAL A 115 3.76 -20.40 -30.21
C VAL A 115 5.02 -19.54 -30.15
N ALA A 116 5.88 -19.76 -29.15
CA ALA A 116 7.08 -18.97 -28.98
C ALA A 116 8.34 -19.71 -29.43
N THR A 117 8.18 -20.78 -30.21
CA THR A 117 9.29 -21.57 -30.72
C THR A 117 9.41 -21.35 -32.22
N GLN A 118 10.65 -21.27 -32.71
CA GLN A 118 10.87 -21.04 -34.13
C GLN A 118 10.27 -22.16 -34.97
N ASN A 119 10.45 -23.41 -34.52
CA ASN A 119 9.87 -24.57 -35.21
C ASN A 119 9.66 -25.64 -34.15
N TRP A 120 8.47 -25.66 -33.56
CA TRP A 120 8.21 -26.59 -32.46
C TRP A 120 8.17 -28.03 -32.93
N GLU A 121 7.59 -28.27 -34.12
CA GLU A 121 7.51 -29.64 -34.63
C GLU A 121 8.88 -30.21 -34.96
N GLN A 122 9.82 -29.36 -35.38
CA GLN A 122 11.16 -29.85 -35.72
C GLN A 122 12.01 -30.08 -34.48
N THR A 123 11.84 -29.28 -33.44
CA THR A 123 12.68 -29.36 -32.24
C THR A 123 12.14 -30.36 -31.23
N TYR A 124 10.83 -30.30 -30.95
CA TYR A 124 10.24 -31.15 -29.92
C TYR A 124 9.26 -32.18 -30.45
N GLY A 125 8.80 -32.04 -31.69
CA GLY A 125 7.74 -32.89 -32.21
C GLY A 125 8.11 -34.34 -32.39
N THR A 126 9.41 -34.65 -32.48
CA THR A 126 9.83 -36.03 -32.70
C THR A 126 9.72 -36.86 -31.44
N SER A 127 10.18 -36.32 -30.31
CA SER A 127 10.19 -37.05 -29.04
C SER A 127 9.04 -36.66 -28.12
N TRP A 128 8.08 -35.91 -28.62
CA TRP A 128 6.97 -35.44 -27.79
C TRP A 128 5.98 -36.58 -27.52
N SER A 129 5.39 -36.55 -26.33
CA SER A 129 4.32 -37.46 -25.98
C SER A 129 3.53 -36.85 -24.83
N ALA A 130 2.24 -37.19 -24.77
CA ALA A 130 1.40 -36.66 -23.70
C ALA A 130 1.78 -37.27 -22.35
N GLU A 131 2.14 -38.56 -22.33
CA GLU A 131 2.52 -39.19 -21.07
C GLU A 131 3.72 -38.49 -20.45
N LYS A 132 4.72 -38.16 -21.26
CA LYS A 132 5.93 -37.52 -20.74
C LYS A 132 5.74 -36.03 -20.50
N SER A 133 4.87 -35.38 -21.28
CA SER A 133 4.65 -33.95 -21.08
C SER A 133 3.92 -33.65 -19.79
N ILE A 134 2.89 -34.45 -19.48
CA ILE A 134 2.18 -34.27 -18.22
C ILE A 134 3.05 -34.71 -17.06
N ALA A 135 3.84 -35.77 -17.25
CA ALA A 135 4.67 -36.30 -16.17
C ALA A 135 5.77 -35.32 -15.77
N GLN A 136 6.42 -34.68 -16.74
CA GLN A 136 7.50 -33.75 -16.42
C GLN A 136 6.96 -32.51 -15.70
N LEU A 137 5.80 -32.02 -16.12
CA LEU A 137 5.18 -30.89 -15.42
C LEU A 137 4.70 -31.26 -14.03
N ASN A 138 4.47 -32.55 -13.77
CA ASN A 138 3.99 -33.00 -12.47
C ASN A 138 5.16 -33.27 -11.51
N SER A 139 6.10 -34.11 -11.94
CA SER A 139 7.13 -34.57 -11.03
C SER A 139 8.20 -33.52 -10.76
N LYS A 140 8.35 -32.54 -11.64
CA LYS A 140 9.42 -31.56 -11.50
C LYS A 140 8.95 -30.19 -11.03
N TYR A 141 7.73 -29.78 -11.38
CA TYR A 141 7.28 -28.43 -11.08
C TYR A 141 5.95 -28.36 -10.34
N GLY A 142 5.25 -29.48 -10.17
CA GLY A 142 3.97 -29.43 -9.49
C GLY A 142 2.85 -28.81 -10.28
N LYS A 143 3.02 -28.65 -11.59
CA LYS A 143 1.99 -28.09 -12.45
C LYS A 143 1.09 -29.23 -12.93
N LYS A 144 -0.13 -29.28 -12.41
CA LYS A 144 -1.07 -30.35 -12.74
C LYS A 144 -1.90 -29.91 -13.94
N VAL A 145 -1.68 -30.55 -15.08
CA VAL A 145 -2.41 -30.26 -16.31
C VAL A 145 -3.05 -31.54 -16.83
N LEU A 146 -4.23 -31.38 -17.44
CA LEU A 146 -4.99 -32.47 -18.06
C LEU A 146 -5.41 -33.55 -17.06
N ILE A 147 -4.44 -34.17 -16.39
CA ILE A 147 -4.70 -35.23 -15.42
C ILE A 147 -3.91 -34.92 -14.15
N ASN A 148 -4.60 -34.90 -13.01
CA ASN A 148 -3.96 -34.59 -11.73
C ASN A 148 -3.45 -35.87 -11.09
N PHE A 149 -2.15 -35.94 -10.85
CA PHE A 149 -1.49 -37.08 -10.25
C PHE A 149 -0.77 -36.60 -8.99
N PHE A 150 -1.01 -37.28 -7.87
CA PHE A 150 -0.27 -36.98 -6.65
C PHE A 150 -0.36 -38.16 -5.70
N VAL A 151 0.70 -38.34 -4.92
CA VAL A 151 0.75 -39.38 -3.89
C VAL A 151 0.28 -38.78 -2.58
N GLY A 152 -0.79 -39.33 -2.03
CA GLY A 152 -1.36 -38.82 -0.80
C GLY A 152 -1.85 -39.90 0.14
N THR A 153 -2.48 -39.50 1.24
CA THR A 153 -2.95 -40.45 2.22
C THR A 153 -4.18 -41.21 1.72
N ASP A 154 -4.19 -42.52 1.94
CA ASP A 154 -5.36 -43.33 1.60
C ASP A 154 -6.54 -42.90 2.47
N ASP A 155 -7.68 -42.66 1.84
CA ASP A 155 -8.86 -42.19 2.57
C ASP A 155 -9.36 -43.24 3.55
N LYS A 156 -9.31 -44.52 3.15
CA LYS A 156 -9.80 -45.62 3.98
C LYS A 156 -8.72 -46.29 4.79
N ASN A 157 -7.43 -46.04 4.50
CA ASN A 157 -6.31 -46.56 5.26
C ASN A 157 -5.41 -45.38 5.61
N SER A 158 -5.77 -44.67 6.70
CA SER A 158 -5.08 -43.43 7.05
C SER A 158 -3.61 -43.63 7.37
N MET A 159 -3.14 -44.87 7.48
CA MET A 159 -1.74 -45.15 7.77
C MET A 159 -0.90 -45.41 6.53
N ASN A 160 -1.52 -45.45 5.35
CA ASN A 160 -0.82 -45.77 4.11
C ASN A 160 -0.99 -44.67 3.09
N HIS A 161 0.05 -44.48 2.28
CA HIS A 161 -0.01 -43.58 1.13
C HIS A 161 -0.43 -44.36 -0.10
N ILE A 162 -1.06 -43.66 -1.05
CA ILE A 162 -1.57 -44.29 -2.26
C ILE A 162 -1.66 -43.22 -3.35
N ILE A 163 -1.62 -43.66 -4.60
CA ILE A 163 -1.68 -42.77 -5.76
C ILE A 163 -3.11 -42.30 -5.95
N HIS A 164 -3.27 -41.00 -6.21
CA HIS A 164 -4.57 -40.41 -6.47
C HIS A 164 -4.62 -39.86 -7.90
N ILE A 165 -5.76 -40.06 -8.56
CA ILE A 165 -6.01 -39.56 -9.90
C ILE A 165 -7.30 -38.75 -9.85
N ASP A 166 -7.21 -37.48 -10.24
CA ASP A 166 -8.35 -36.58 -10.15
C ASP A 166 -8.29 -35.59 -11.31
N GLN A 167 -9.38 -34.85 -11.49
CA GLN A 167 -9.40 -33.80 -12.50
C GLN A 167 -8.53 -32.63 -12.04
N PRO A 168 -7.83 -31.97 -12.95
CA PRO A 168 -6.95 -30.88 -12.57
C PRO A 168 -7.72 -29.57 -12.39
N ARG A 169 -7.02 -28.57 -11.86
CA ARG A 169 -7.58 -27.23 -11.80
C ARG A 169 -7.35 -26.54 -13.15
N LEU A 170 -7.80 -25.29 -13.24
CA LEU A 170 -7.83 -24.57 -14.50
C LEU A 170 -7.07 -23.25 -14.36
N GLY A 171 -6.79 -22.63 -15.51
CA GLY A 171 -6.13 -21.34 -15.51
C GLY A 171 -6.99 -20.24 -14.93
N LEU A 172 -8.31 -20.39 -15.00
CA LEU A 172 -9.27 -19.51 -14.38
C LEU A 172 -9.71 -20.08 -13.04
N PRO A 173 -10.27 -19.25 -12.14
CA PRO A 173 -10.55 -19.75 -10.78
C PRO A 173 -11.46 -20.97 -10.73
N SER A 174 -12.44 -21.07 -11.61
CA SER A 174 -13.32 -22.24 -11.60
C SER A 174 -13.87 -22.46 -13.01
N ARG A 175 -14.56 -23.59 -13.17
CA ARG A 175 -15.15 -23.92 -14.47
C ARG A 175 -16.20 -22.91 -14.90
N ASP A 176 -16.80 -22.18 -13.95
CA ASP A 176 -17.85 -21.23 -14.29
C ASP A 176 -17.30 -20.05 -15.08
N TYR A 177 -16.02 -19.72 -14.89
CA TYR A 177 -15.43 -18.58 -15.59
C TYR A 177 -15.44 -18.79 -17.09
N TYR A 178 -15.38 -20.04 -17.55
CA TYR A 178 -15.29 -20.31 -18.97
C TYR A 178 -16.61 -20.09 -19.71
N GLU A 179 -17.68 -19.72 -19.00
CA GLU A 179 -18.86 -19.20 -19.68
C GLU A 179 -18.55 -17.88 -20.39
N CYS A 180 -17.65 -17.07 -19.82
CA CYS A 180 -17.15 -15.86 -20.44
C CYS A 180 -18.27 -14.87 -20.78
N THR A 181 -19.20 -14.70 -19.85
CA THR A 181 -20.32 -13.79 -20.04
C THR A 181 -20.66 -13.13 -18.71
N GLY A 182 -21.17 -11.91 -18.79
CA GLY A 182 -21.57 -11.19 -17.59
C GLY A 182 -20.38 -10.91 -16.71
N ILE A 183 -20.40 -11.47 -15.50
CA ILE A 183 -19.33 -11.22 -14.53
C ILE A 183 -18.04 -11.93 -14.89
N TYR A 184 -18.06 -12.84 -15.86
CA TYR A 184 -16.87 -13.54 -16.32
C TYR A 184 -16.37 -13.04 -17.67
N LYS A 185 -16.99 -12.01 -18.23
CA LYS A 185 -16.60 -11.54 -19.55
C LYS A 185 -15.21 -10.92 -19.54
N GLU A 186 -14.91 -10.08 -18.54
CA GLU A 186 -13.61 -9.42 -18.49
C GLU A 186 -12.49 -10.42 -18.19
N ALA A 187 -12.77 -11.45 -17.41
CA ALA A 187 -11.73 -12.42 -17.06
C ALA A 187 -11.21 -13.15 -18.30
N CYS A 188 -12.11 -13.58 -19.18
CA CYS A 188 -11.69 -14.33 -20.36
C CYS A 188 -10.92 -13.46 -21.33
N THR A 189 -11.33 -12.19 -21.48
CA THR A 189 -10.63 -11.29 -22.39
C THR A 189 -9.21 -11.05 -21.93
N ALA A 190 -9.02 -10.76 -20.64
CA ALA A 190 -7.68 -10.57 -20.11
C ALA A 190 -6.90 -11.87 -20.12
N TYR A 191 -7.59 -13.01 -20.00
CA TYR A 191 -6.91 -14.30 -20.01
C TYR A 191 -6.23 -14.56 -21.35
N VAL A 192 -6.95 -14.38 -22.45
CA VAL A 192 -6.38 -14.62 -23.77
C VAL A 192 -5.37 -13.53 -24.11
N ASP A 193 -5.65 -12.28 -23.72
CA ASP A 193 -4.67 -11.21 -23.93
C ASP A 193 -3.40 -11.48 -23.14
N PHE A 194 -3.52 -12.05 -21.95
CA PHE A 194 -2.35 -12.47 -21.18
C PHE A 194 -1.50 -13.44 -21.98
N MET A 195 -2.13 -14.43 -22.62
CA MET A 195 -1.38 -15.38 -23.43
C MET A 195 -0.63 -14.68 -24.56
N ILE A 196 -1.32 -13.76 -25.25
CA ILE A 196 -0.72 -13.08 -26.39
C ILE A 196 0.44 -12.21 -25.93
N ALA A 197 0.29 -11.53 -24.80
CA ALA A 197 1.34 -10.64 -24.31
C ALA A 197 2.62 -11.40 -23.98
N VAL A 198 2.49 -12.53 -23.27
CA VAL A 198 3.65 -13.34 -22.94
C VAL A 198 4.27 -13.93 -24.19
N ALA A 199 3.43 -14.35 -25.15
CA ALA A 199 3.95 -14.88 -26.41
C ALA A 199 4.75 -13.83 -27.17
N LYS A 200 4.34 -12.56 -27.09
CA LYS A 200 5.11 -11.50 -27.74
C LYS A 200 6.41 -11.22 -27.01
N LEU A 201 6.37 -11.18 -25.67
CA LEU A 201 7.56 -10.84 -24.91
C LEU A 201 8.65 -11.90 -25.08
N ILE A 202 8.25 -13.18 -25.07
CA ILE A 202 9.24 -14.25 -25.18
C ILE A 202 9.88 -14.27 -26.57
N ARG A 203 9.07 -14.08 -27.61
CA ARG A 203 9.63 -14.06 -28.96
C ARG A 203 10.52 -12.84 -29.17
N GLN A 204 10.13 -11.69 -28.61
CA GLN A 204 10.94 -10.49 -28.77
C GLN A 204 12.31 -10.66 -28.12
N GLU A 205 12.35 -11.28 -26.94
CA GLU A 205 13.63 -11.50 -26.28
C GLU A 205 14.45 -12.56 -26.99
N GLU A 206 13.80 -13.46 -27.72
CA GLU A 206 14.48 -14.47 -28.52
C GLU A 206 14.86 -13.96 -29.90
N GLY A 207 14.50 -12.73 -30.24
CA GLY A 207 14.83 -12.19 -31.56
C GLY A 207 14.05 -12.82 -32.69
N LEU A 208 12.85 -13.32 -32.42
CA LEU A 208 12.02 -13.94 -33.44
C LEU A 208 10.98 -12.95 -33.95
N PRO A 209 10.56 -13.11 -35.20
CA PRO A 209 9.53 -12.20 -35.74
C PRO A 209 8.22 -12.32 -34.98
N ILE A 210 7.50 -11.21 -34.90
CA ILE A 210 6.23 -11.13 -34.19
C ILE A 210 5.11 -11.10 -35.22
N ASP A 211 4.20 -12.06 -35.14
CA ASP A 211 3.02 -12.10 -35.99
C ASP A 211 1.81 -11.93 -35.08
N GLU A 212 1.20 -10.74 -35.12
CA GLU A 212 0.06 -10.46 -34.24
C GLU A 212 -1.12 -11.38 -34.54
N ASN A 213 -1.35 -11.67 -35.83
CA ASN A 213 -2.50 -12.49 -36.22
C ASN A 213 -2.27 -13.96 -35.90
N GLN A 214 -1.06 -14.46 -36.14
CA GLN A 214 -0.78 -15.88 -35.91
C GLN A 214 -0.82 -16.22 -34.43
N ILE A 215 -0.25 -15.35 -33.59
CA ILE A 215 -0.30 -15.58 -32.15
C ILE A 215 -1.74 -15.58 -31.65
N SER A 216 -2.55 -14.63 -32.13
CA SER A 216 -3.94 -14.57 -31.73
C SER A 216 -4.70 -15.82 -32.15
N VAL A 217 -4.34 -16.42 -33.28
CA VAL A 217 -5.00 -17.64 -33.72
C VAL A 217 -4.65 -18.80 -32.78
N GLU A 218 -3.37 -18.96 -32.46
CA GLU A 218 -2.96 -20.09 -31.63
C GLU A 218 -3.45 -19.96 -30.20
N MET A 219 -3.53 -18.73 -29.68
CA MET A 219 -3.93 -18.55 -28.28
C MET A 219 -5.44 -18.66 -28.12
N ASN A 220 -6.21 -18.37 -29.15
CA ASN A 220 -7.65 -18.61 -29.07
C ASN A 220 -7.98 -20.10 -29.11
N LYS A 221 -7.16 -20.89 -29.82
CA LYS A 221 -7.31 -22.33 -29.76
C LYS A 221 -7.02 -22.86 -28.36
N VAL A 222 -6.07 -22.24 -27.65
CA VAL A 222 -5.80 -22.62 -26.27
C VAL A 222 -7.06 -22.42 -25.42
N MET A 223 -7.67 -21.24 -25.53
CA MET A 223 -8.90 -20.97 -24.78
C MET A 223 -10.01 -21.92 -25.22
N GLU A 224 -10.13 -22.17 -26.52
CA GLU A 224 -11.14 -23.11 -27.01
C GLU A 224 -10.91 -24.51 -26.46
N LEU A 225 -9.65 -24.94 -26.39
CA LEU A 225 -9.35 -26.27 -25.85
C LEU A 225 -9.64 -26.32 -24.35
N GLU A 226 -9.21 -25.30 -23.61
CA GLU A 226 -9.44 -25.31 -22.16
C GLU A 226 -10.91 -25.10 -21.82
N LYS A 227 -11.68 -24.48 -22.71
CA LYS A 227 -13.13 -24.36 -22.48
C LYS A 227 -13.77 -25.73 -22.42
N GLU A 228 -13.41 -26.63 -23.34
CA GLU A 228 -13.95 -27.98 -23.33
C GLU A 228 -13.51 -28.74 -22.09
N ILE A 229 -12.22 -28.66 -21.75
CA ILE A 229 -11.72 -29.37 -20.58
C ILE A 229 -12.41 -28.89 -19.31
N ALA A 230 -12.64 -27.58 -19.20
CA ALA A 230 -13.39 -27.06 -18.06
C ALA A 230 -14.82 -27.56 -18.07
N ASN A 231 -15.45 -27.59 -19.24
CA ASN A 231 -16.81 -28.09 -19.36
C ASN A 231 -16.91 -29.58 -19.06
N ALA A 232 -15.80 -30.31 -19.16
CA ALA A 232 -15.80 -31.74 -18.88
C ALA A 232 -15.58 -32.07 -17.41
N THR A 233 -15.14 -31.12 -16.61
CA THR A 233 -14.92 -31.37 -15.19
C THR A 233 -16.23 -31.40 -14.43
N THR A 234 -16.25 -32.19 -13.36
CA THR A 234 -17.43 -32.30 -12.52
C THR A 234 -17.55 -31.08 -11.61
N LYS A 235 -18.77 -30.62 -11.39
CA LYS A 235 -19.00 -29.42 -10.59
C LYS A 235 -18.51 -29.64 -9.15
N SER A 236 -18.14 -28.54 -8.49
CA SER A 236 -17.68 -28.62 -7.11
C SER A 236 -18.79 -29.02 -6.17
N GLU A 237 -20.06 -28.75 -6.53
CA GLU A 237 -21.18 -29.16 -5.71
C GLU A 237 -21.36 -30.68 -5.69
N ASP A 238 -20.83 -31.37 -6.70
CA ASP A 238 -20.94 -32.83 -6.81
C ASP A 238 -19.70 -33.54 -6.29
N ARG A 239 -18.87 -32.87 -5.49
CA ARG A 239 -17.63 -33.44 -5.03
C ARG A 239 -17.44 -33.30 -3.51
N ASN A 240 -18.52 -33.08 -2.77
CA ASN A 240 -18.44 -32.90 -1.33
C ASN A 240 -18.66 -34.19 -0.55
N ASP A 241 -19.12 -35.26 -1.21
CA ASP A 241 -19.33 -36.54 -0.55
C ASP A 241 -18.06 -37.37 -0.71
N PRO A 242 -17.29 -37.60 0.36
CA PRO A 242 -16.06 -38.39 0.21
C PRO A 242 -16.33 -39.86 -0.10
N MET A 243 -17.48 -40.39 0.30
CA MET A 243 -17.81 -41.77 -0.04
C MET A 243 -18.03 -41.95 -1.53
N LEU A 244 -18.57 -40.93 -2.20
CA LEU A 244 -18.85 -41.04 -3.63
C LEU A 244 -17.63 -40.81 -4.50
N LEU A 245 -16.58 -40.18 -3.96
CA LEU A 245 -15.37 -39.95 -4.72
C LEU A 245 -14.38 -41.10 -4.63
N TYR A 246 -14.40 -41.86 -3.55
CA TYR A 246 -13.43 -42.94 -3.36
C TYR A 246 -13.77 -44.08 -4.31
N ASN A 247 -12.97 -44.22 -5.36
CA ASN A 247 -13.08 -45.31 -6.33
C ASN A 247 -11.70 -45.93 -6.47
N LYS A 248 -11.41 -46.94 -5.65
CA LYS A 248 -10.13 -47.62 -5.71
C LYS A 248 -10.15 -48.69 -6.79
N MET A 249 -9.18 -48.63 -7.70
CA MET A 249 -9.09 -49.60 -8.78
C MET A 249 -7.64 -49.74 -9.20
N THR A 250 -7.33 -50.88 -9.80
CA THR A 250 -5.95 -51.15 -10.21
C THR A 250 -5.58 -50.30 -11.43
N LEU A 251 -4.26 -50.20 -11.67
CA LEU A 251 -3.79 -49.48 -12.85
C LEU A 251 -4.27 -50.12 -14.14
N ALA A 252 -4.38 -51.46 -14.15
CA ALA A 252 -4.92 -52.15 -15.31
C ALA A 252 -6.40 -51.84 -15.51
N GLN A 253 -7.13 -51.58 -14.42
CA GLN A 253 -8.52 -51.20 -14.54
C GLN A 253 -8.68 -49.75 -14.99
N ILE A 254 -7.69 -48.90 -14.70
CA ILE A 254 -7.72 -47.53 -15.20
C ILE A 254 -7.50 -47.51 -16.71
N GLN A 255 -6.57 -48.35 -17.19
CA GLN A 255 -6.33 -48.44 -18.62
C GLN A 255 -7.57 -48.94 -19.37
N ASN A 256 -8.37 -49.78 -18.72
CA ASN A 256 -9.56 -50.34 -19.36
C ASN A 256 -10.71 -49.33 -19.37
N ASN A 257 -10.97 -48.68 -18.22
CA ASN A 257 -12.10 -47.78 -18.12
C ASN A 257 -11.83 -46.44 -18.78
N PHE A 258 -10.68 -45.84 -18.51
CA PHE A 258 -10.42 -44.48 -18.92
C PHE A 258 -9.36 -44.40 -20.01
N SER A 259 -9.59 -45.12 -21.10
CA SER A 259 -8.66 -45.07 -22.24
C SER A 259 -8.72 -43.70 -22.88
N LEU A 260 -7.55 -43.22 -23.32
CA LEU A 260 -7.46 -41.95 -24.03
C LEU A 260 -6.66 -42.16 -25.31
N GLU A 261 -7.03 -41.41 -26.34
CA GLU A 261 -6.29 -41.40 -27.60
C GLU A 261 -5.82 -39.97 -27.86
N ILE A 262 -4.53 -39.83 -28.14
CA ILE A 262 -3.91 -38.52 -28.32
C ILE A 262 -2.98 -38.61 -29.53
N ASN A 263 -3.22 -37.74 -30.52
CA ASN A 263 -2.48 -37.73 -31.78
C ASN A 263 -2.60 -39.06 -32.52
N GLY A 264 -3.71 -39.77 -32.29
CA GLY A 264 -3.98 -41.02 -32.97
C GLY A 264 -3.45 -42.27 -32.28
N LYS A 265 -2.66 -42.12 -31.22
CA LYS A 265 -2.10 -43.27 -30.53
C LYS A 265 -2.72 -43.39 -29.13
N PRO A 266 -2.89 -44.62 -28.63
CA PRO A 266 -3.54 -44.79 -27.32
C PRO A 266 -2.65 -44.32 -26.18
N PHE A 267 -3.31 -43.77 -25.16
CA PHE A 267 -2.62 -43.25 -23.99
C PHE A 267 -2.29 -44.39 -23.04
N SER A 268 -1.01 -44.53 -22.69
CA SER A 268 -0.56 -45.58 -21.78
C SER A 268 -0.52 -45.02 -20.37
N TRP A 269 -1.43 -45.48 -19.52
CA TRP A 269 -1.42 -45.03 -18.12
C TRP A 269 -0.20 -45.55 -17.38
N SER A 270 0.19 -46.80 -17.63
CA SER A 270 1.39 -47.34 -17.00
C SER A 270 2.63 -46.53 -17.37
N ASN A 271 2.73 -46.12 -18.63
CA ASN A 271 3.82 -45.26 -19.04
C ASN A 271 3.74 -43.90 -18.34
N PHE A 272 2.54 -43.35 -18.21
CA PHE A 272 2.38 -42.03 -17.61
C PHE A 272 2.70 -42.05 -16.12
N THR A 273 2.12 -42.99 -15.37
CA THR A 273 2.36 -43.02 -13.93
C THR A 273 3.82 -43.34 -13.62
N ASN A 274 4.45 -44.21 -14.41
CA ASN A 274 5.85 -44.56 -14.16
C ASN A 274 6.79 -43.45 -14.60
N GLU A 275 6.43 -42.68 -15.63
CA GLU A 275 7.22 -41.51 -15.98
C GLU A 275 7.26 -40.48 -14.86
N ILE A 276 6.29 -40.51 -13.95
CA ILE A 276 6.31 -39.66 -12.77
C ILE A 276 7.11 -40.29 -11.64
N MET A 277 6.80 -41.54 -11.29
CA MET A 277 7.41 -42.19 -10.15
C MET A 277 8.86 -42.59 -10.37
N SER A 278 9.32 -42.60 -11.63
CA SER A 278 10.73 -42.91 -11.88
C SER A 278 11.66 -41.84 -11.32
N THR A 279 11.15 -40.62 -11.08
CA THR A 279 11.98 -39.58 -10.50
C THR A 279 12.40 -39.89 -9.07
N VAL A 280 11.67 -40.77 -8.38
CA VAL A 280 12.06 -41.27 -7.06
C VAL A 280 12.39 -42.76 -7.12
N ASN A 281 12.57 -43.30 -8.32
CA ASN A 281 12.93 -44.71 -8.53
C ASN A 281 11.93 -45.65 -7.84
N ILE A 282 10.69 -45.58 -8.30
CA ILE A 282 9.61 -46.45 -7.83
C ILE A 282 8.84 -46.94 -9.04
N ASN A 283 8.73 -48.26 -9.18
CA ASN A 283 7.97 -48.85 -10.27
C ASN A 283 6.51 -49.00 -9.88
N ILE A 284 5.62 -48.83 -10.85
CA ILE A 284 4.19 -48.93 -10.65
C ILE A 284 3.67 -50.07 -11.52
N PRO A 285 3.39 -51.23 -10.94
CA PRO A 285 2.83 -52.34 -11.71
C PRO A 285 1.34 -52.12 -11.99
N ASN A 286 0.79 -53.01 -12.81
CA ASN A 286 -0.61 -52.93 -13.16
C ASN A 286 -1.53 -53.42 -12.04
N GLU A 287 -0.98 -54.04 -11.01
CA GLU A 287 -1.75 -54.42 -9.83
C GLU A 287 -1.81 -53.31 -8.79
N GLU A 288 -1.17 -52.18 -9.06
CA GLU A 288 -1.12 -51.08 -8.09
C GLU A 288 -2.50 -50.52 -7.84
N ASP A 289 -2.87 -50.41 -6.57
CA ASP A 289 -4.14 -49.80 -6.19
C ASP A 289 -4.05 -48.29 -6.35
N VAL A 290 -5.01 -47.72 -7.07
CA VAL A 290 -5.06 -46.29 -7.35
C VAL A 290 -6.46 -45.78 -7.02
N VAL A 291 -6.53 -44.58 -6.43
CA VAL A 291 -7.80 -43.95 -6.10
C VAL A 291 -8.13 -42.93 -7.18
N VAL A 292 -9.24 -43.17 -7.89
CA VAL A 292 -9.70 -42.27 -8.94
C VAL A 292 -10.84 -41.43 -8.38
N TYR A 293 -10.69 -40.10 -8.44
CA TYR A 293 -11.67 -39.19 -7.87
C TYR A 293 -12.65 -38.63 -8.90
N ALA A 294 -12.28 -38.57 -10.17
CA ALA A 294 -13.12 -37.99 -11.21
C ALA A 294 -13.25 -38.96 -12.37
N PRO A 295 -14.06 -40.02 -12.21
CA PRO A 295 -14.26 -40.93 -13.34
C PRO A 295 -15.06 -40.31 -14.46
N GLU A 296 -16.05 -39.47 -14.15
CA GLU A 296 -16.83 -38.82 -15.19
C GLU A 296 -15.95 -37.89 -16.03
N TYR A 297 -15.01 -37.20 -15.38
CA TYR A 297 -14.13 -36.30 -16.12
C TYR A 297 -13.23 -37.08 -17.08
N LEU A 298 -12.66 -38.20 -16.62
CA LEU A 298 -11.77 -38.98 -17.47
C LEU A 298 -12.52 -39.58 -18.65
N ILE A 299 -13.81 -39.87 -18.49
CA ILE A 299 -14.61 -40.38 -19.59
C ILE A 299 -14.91 -39.25 -20.58
N LYS A 300 -15.35 -38.11 -20.07
CA LYS A 300 -15.63 -36.96 -20.94
C LYS A 300 -14.38 -36.45 -21.64
N LEU A 301 -13.20 -36.83 -21.15
CA LEU A 301 -11.95 -36.39 -21.75
C LEU A 301 -11.59 -37.17 -23.01
N LYS A 302 -12.26 -38.30 -23.27
CA LYS A 302 -11.96 -39.10 -24.45
C LYS A 302 -12.19 -38.34 -25.75
N PRO A 303 -13.40 -37.86 -26.06
CA PRO A 303 -13.62 -37.23 -27.38
C PRO A 303 -12.97 -35.86 -27.53
N ILE A 304 -12.43 -35.28 -26.46
CA ILE A 304 -11.90 -33.92 -26.56
C ILE A 304 -10.46 -33.93 -27.05
N LEU A 305 -9.59 -34.70 -26.38
CA LEU A 305 -8.17 -34.66 -26.68
C LEU A 305 -7.84 -35.21 -28.06
N THR A 306 -8.73 -36.00 -28.66
CA THR A 306 -8.46 -36.56 -29.98
C THR A 306 -8.46 -35.47 -31.06
N LYS A 307 -9.29 -34.44 -30.89
CA LYS A 307 -9.47 -33.41 -31.91
C LYS A 307 -8.34 -32.39 -31.94
N TYR A 308 -7.31 -32.55 -31.11
CA TYR A 308 -6.25 -31.55 -30.99
C TYR A 308 -4.89 -32.16 -31.29
N SER A 309 -4.03 -31.35 -31.88
CA SER A 309 -2.70 -31.77 -32.30
C SER A 309 -1.72 -31.64 -31.14
N PRO A 310 -0.53 -32.25 -31.25
CA PRO A 310 0.49 -32.05 -30.21
C PRO A 310 0.82 -30.59 -29.97
N ARG A 311 0.77 -29.74 -31.00
CA ARG A 311 1.03 -28.32 -30.81
C ARG A 311 -0.06 -27.67 -29.98
N ASP A 312 -1.32 -27.98 -30.27
CA ASP A 312 -2.42 -27.38 -29.53
C ASP A 312 -2.37 -27.77 -28.05
N LEU A 313 -2.11 -29.04 -27.78
CA LEU A 313 -2.03 -29.50 -26.39
C LEU A 313 -0.87 -28.84 -25.66
N GLN A 314 0.30 -28.79 -26.30
CA GLN A 314 1.46 -28.19 -25.64
C GLN A 314 1.30 -26.69 -25.46
N ASN A 315 0.59 -26.03 -26.38
CA ASN A 315 0.31 -24.60 -26.21
C ASN A 315 -0.50 -24.34 -24.95
N LEU A 316 -1.36 -25.27 -24.56
CA LEU A 316 -2.13 -25.10 -23.33
C LEU A 316 -1.32 -25.54 -22.11
N MET A 317 -0.66 -26.70 -22.21
CA MET A 317 0.08 -27.22 -21.06
C MET A 317 1.24 -26.31 -20.68
N SER A 318 1.97 -25.80 -21.68
CA SER A 318 3.07 -24.90 -21.36
C SER A 318 2.58 -23.56 -20.85
N TRP A 319 1.45 -23.07 -21.37
CA TRP A 319 0.91 -21.80 -20.90
C TRP A 319 0.55 -21.87 -19.42
N ARG A 320 -0.01 -23.00 -18.99
CA ARG A 320 -0.26 -23.18 -17.56
C ARG A 320 1.05 -23.14 -16.77
N PHE A 321 2.12 -23.65 -17.35
CA PHE A 321 3.42 -23.62 -16.70
C PHE A 321 4.01 -22.21 -16.68
N ILE A 322 3.82 -21.46 -17.77
CA ILE A 322 4.45 -20.16 -17.89
C ILE A 322 3.70 -19.10 -17.07
N MET A 323 2.37 -19.22 -16.99
CA MET A 323 1.58 -18.14 -16.38
C MET A 323 1.89 -17.98 -14.90
N ASP A 324 2.38 -19.03 -14.24
CA ASP A 324 2.70 -18.95 -12.83
C ASP A 324 4.15 -18.58 -12.56
N LEU A 325 4.98 -18.51 -13.60
CA LEU A 325 6.37 -18.11 -13.46
C LEU A 325 6.66 -16.72 -14.01
N VAL A 326 5.70 -16.11 -14.70
CA VAL A 326 5.95 -14.81 -15.32
C VAL A 326 6.11 -13.71 -14.29
N SER A 327 5.61 -13.92 -13.07
CA SER A 327 5.73 -12.92 -12.02
C SER A 327 7.06 -13.00 -11.27
N SER A 328 7.91 -13.95 -11.61
CA SER A 328 9.23 -14.10 -10.99
C SER A 328 10.35 -13.56 -11.86
N LEU A 329 10.04 -13.05 -13.04
CA LEU A 329 11.05 -12.54 -13.97
C LEU A 329 11.15 -11.02 -13.82
N SER A 330 11.63 -10.35 -14.87
CA SER A 330 11.82 -8.91 -14.82
C SER A 330 10.48 -8.19 -14.78
N ARG A 331 10.54 -6.86 -14.65
CA ARG A 331 9.32 -6.07 -14.53
C ARG A 331 8.47 -6.15 -15.78
N THR A 332 9.10 -6.27 -16.96
CA THR A 332 8.34 -6.39 -18.19
C THR A 332 7.43 -7.61 -18.17
N TYR A 333 7.94 -8.74 -17.67
CA TYR A 333 7.10 -9.93 -17.52
C TYR A 333 6.14 -9.81 -16.35
N LYS A 334 6.44 -8.98 -15.36
CA LYS A 334 5.51 -8.76 -14.27
C LYS A 334 4.29 -7.97 -14.74
N ASP A 335 4.52 -6.97 -15.59
CA ASP A 335 3.42 -6.12 -16.05
C ASP A 335 2.51 -6.81 -17.06
N SER A 336 2.96 -7.92 -17.67
CA SER A 336 2.10 -8.64 -18.61
C SER A 336 0.92 -9.29 -17.91
N ARG A 337 0.97 -9.44 -16.60
CA ARG A 337 -0.09 -10.08 -15.83
C ARG A 337 -1.08 -9.08 -15.25
N ASN A 338 -0.84 -7.78 -15.43
CA ASN A 338 -1.64 -6.76 -14.76
C ASN A 338 -3.13 -6.91 -15.08
N ALA A 339 -3.47 -6.88 -16.37
CA ALA A 339 -4.87 -7.00 -16.76
C ALA A 339 -5.48 -8.31 -16.32
N PHE A 340 -4.69 -9.39 -16.32
CA PHE A 340 -5.21 -10.67 -15.85
C PHE A 340 -5.38 -10.69 -14.35
N ARG A 341 -4.43 -10.10 -13.61
CA ARG A 341 -4.51 -10.08 -12.15
C ARG A 341 -5.67 -9.22 -11.68
N LYS A 342 -5.90 -8.08 -12.35
CA LYS A 342 -7.01 -7.21 -11.95
C LYS A 342 -8.36 -7.86 -12.18
N ALA A 343 -8.49 -8.66 -13.25
CA ALA A 343 -9.77 -9.28 -13.54
C ALA A 343 -10.16 -10.33 -12.50
N LEU A 344 -9.18 -11.04 -11.95
CA LEU A 344 -9.47 -12.12 -11.01
C LEU A 344 -9.40 -11.66 -9.55
N TYR A 345 -8.70 -10.57 -9.25
CA TYR A 345 -8.52 -10.13 -7.87
C TYR A 345 -8.82 -8.66 -7.63
N GLY A 346 -9.01 -7.87 -8.68
CA GLY A 346 -9.24 -6.44 -8.50
C GLY A 346 -8.02 -5.64 -8.10
N THR A 347 -6.88 -6.28 -7.92
CA THR A 347 -5.67 -5.59 -7.48
C THR A 347 -5.02 -4.89 -8.67
N THR A 348 -4.65 -3.62 -8.47
CA THR A 348 -4.00 -2.82 -9.50
C THR A 348 -2.49 -2.89 -9.44
N SER A 349 -1.94 -3.74 -8.58
CA SER A 349 -0.49 -3.86 -8.43
C SER A 349 -0.18 -5.12 -7.64
N GLU A 350 0.99 -5.70 -7.92
CA GLU A 350 1.47 -6.81 -7.11
C GLU A 350 1.90 -6.31 -5.74
N SER A 351 1.74 -7.17 -4.73
CA SER A 351 2.07 -6.80 -3.37
C SER A 351 3.55 -6.48 -3.24
N ALA A 352 3.92 -5.92 -2.10
CA ALA A 352 5.30 -5.53 -1.85
C ALA A 352 6.24 -6.72 -2.02
N THR A 353 7.44 -6.46 -2.54
CA THR A 353 8.39 -7.53 -2.80
C THR A 353 8.77 -8.25 -1.51
N TRP A 354 9.12 -7.49 -0.46
CA TRP A 354 9.52 -8.12 0.80
C TRP A 354 8.37 -8.93 1.40
N ARG A 355 7.13 -8.52 1.15
CA ARG A 355 5.99 -9.30 1.63
C ARG A 355 5.90 -10.64 0.89
N ARG A 356 6.06 -10.62 -0.44
CA ARG A 356 6.04 -11.86 -1.19
C ARG A 356 7.23 -12.74 -0.82
N CYS A 357 8.40 -12.14 -0.62
CA CYS A 357 9.58 -12.91 -0.29
C CYS A 357 9.47 -13.56 1.08
N ALA A 358 9.03 -12.80 2.08
CA ALA A 358 8.85 -13.37 3.41
C ALA A 358 7.82 -14.50 3.37
N ASN A 359 6.71 -14.28 2.66
CA ASN A 359 5.70 -15.33 2.56
C ASN A 359 6.20 -16.52 1.75
N TYR A 360 7.08 -16.29 0.78
CA TYR A 360 7.59 -17.40 -0.02
C TYR A 360 8.56 -18.25 0.78
N VAL A 361 9.49 -17.61 1.49
CA VAL A 361 10.43 -18.37 2.32
C VAL A 361 9.69 -19.09 3.44
N ASN A 362 8.61 -18.48 3.96
CA ASN A 362 7.81 -19.12 4.99
C ASN A 362 7.08 -20.35 4.45
N GLY A 363 6.81 -20.38 3.14
CA GLY A 363 6.06 -21.48 2.56
C GLY A 363 6.93 -22.66 2.16
N ASN A 364 8.19 -22.39 1.77
CA ASN A 364 9.09 -23.44 1.34
C ASN A 364 10.04 -23.91 2.44
N MET A 365 10.27 -23.09 3.47
CA MET A 365 11.06 -23.48 4.63
C MET A 365 10.28 -23.16 5.90
N GLU A 366 9.14 -23.84 6.07
CA GLU A 366 8.22 -23.51 7.15
C GLU A 366 8.83 -23.80 8.53
N ASN A 367 9.67 -24.83 8.63
CA ASN A 367 10.29 -25.13 9.92
C ASN A 367 11.40 -24.14 10.27
N ALA A 368 12.13 -23.65 9.27
CA ALA A 368 13.16 -22.65 9.53
C ALA A 368 12.54 -21.29 9.84
N VAL A 369 11.56 -20.88 9.04
CA VAL A 369 10.90 -19.60 9.28
C VAL A 369 10.06 -19.65 10.55
N GLY A 370 9.45 -20.81 10.83
CA GLY A 370 8.70 -20.95 12.07
C GLY A 370 9.59 -20.85 13.29
N ARG A 371 10.80 -21.39 13.21
CA ARG A 371 11.76 -21.27 14.29
C ARG A 371 12.09 -19.80 14.58
N LEU A 372 12.39 -19.04 13.54
CA LEU A 372 12.69 -17.62 13.71
C LEU A 372 11.48 -16.84 14.20
N TYR A 373 10.26 -17.33 13.94
CA TYR A 373 9.07 -16.58 14.34
C TYR A 373 8.72 -16.84 15.80
N VAL A 374 8.70 -18.11 16.24
CA VAL A 374 8.30 -18.41 17.61
C VAL A 374 9.32 -17.88 18.60
N GLU A 375 10.60 -17.87 18.24
CA GLU A 375 11.62 -17.32 19.11
C GLU A 375 11.60 -15.80 19.17
N ALA A 376 10.75 -15.13 18.37
CA ALA A 376 10.76 -13.69 18.29
C ALA A 376 9.42 -13.03 18.55
N ALA A 377 8.34 -13.81 18.73
CA ALA A 377 7.03 -13.21 18.88
C ALA A 377 6.06 -14.08 19.66
N PHE A 378 6.36 -15.36 19.82
CA PHE A 378 5.44 -16.29 20.46
C PHE A 378 5.87 -16.59 21.89
N ALA A 379 4.95 -16.39 22.83
CA ALA A 379 5.18 -16.68 24.24
C ALA A 379 4.79 -18.13 24.52
N GLY A 380 5.74 -18.90 25.05
CA GLY A 380 5.50 -20.31 25.29
C GLY A 380 4.46 -20.60 26.37
N GLU A 381 4.18 -19.61 27.24
CA GLU A 381 3.20 -19.80 28.29
C GLU A 381 1.77 -19.89 27.75
N SER A 382 1.56 -19.64 26.46
CA SER A 382 0.24 -19.71 25.88
C SER A 382 -0.21 -21.16 25.67
N LYS A 383 0.73 -22.09 25.51
CA LYS A 383 0.37 -23.45 25.13
C LYS A 383 -0.45 -24.14 26.20
N HIS A 384 -0.09 -23.96 27.47
CA HIS A 384 -0.81 -24.63 28.55
C HIS A 384 -2.24 -24.12 28.67
N VAL A 385 -2.45 -22.82 28.51
CA VAL A 385 -3.79 -22.25 28.63
C VAL A 385 -4.67 -22.72 27.47
N VAL A 386 -4.10 -22.79 26.26
CA VAL A 386 -4.87 -23.26 25.11
C VAL A 386 -5.20 -24.74 25.26
N GLU A 387 -4.30 -25.53 25.88
CA GLU A 387 -4.61 -26.92 26.17
C GLU A 387 -5.83 -27.04 27.06
N ASP A 388 -5.94 -26.16 28.06
CA ASP A 388 -7.09 -26.19 28.96
C ASP A 388 -8.37 -25.76 28.25
N LEU A 389 -8.27 -24.83 27.30
CA LEU A 389 -9.46 -24.38 26.59
C LEU A 389 -10.00 -25.47 25.67
N ILE A 390 -9.11 -26.28 25.08
CA ILE A 390 -9.56 -27.35 24.22
C ILE A 390 -10.31 -28.41 25.02
N ALA A 391 -9.83 -28.71 26.23
CA ALA A 391 -10.46 -29.74 27.04
C ALA A 391 -11.87 -29.34 27.47
N GLN A 392 -12.09 -28.05 27.71
CA GLN A 392 -13.43 -27.58 28.06
C GLN A 392 -14.37 -27.70 26.86
N ILE A 393 -13.96 -27.20 25.70
CA ILE A 393 -14.82 -27.22 24.53
C ILE A 393 -15.04 -28.65 24.05
N ARG A 394 -14.00 -29.50 24.15
CA ARG A 394 -14.19 -30.91 23.82
C ARG A 394 -15.24 -31.55 24.71
N GLU A 395 -15.19 -31.25 26.01
CA GLU A 395 -16.21 -31.77 26.92
C GLU A 395 -17.57 -31.15 26.65
N VAL A 396 -17.61 -29.88 26.23
CA VAL A 396 -18.88 -29.25 25.89
C VAL A 396 -19.52 -29.95 24.70
N PHE A 397 -18.71 -30.31 23.70
CA PHE A 397 -19.24 -31.01 22.54
C PHE A 397 -19.86 -32.35 22.96
N ILE A 398 -19.18 -33.08 23.84
CA ILE A 398 -19.70 -34.37 24.29
C ILE A 398 -20.98 -34.17 25.11
N GLN A 399 -21.00 -33.14 25.96
CA GLN A 399 -22.20 -32.86 26.74
C GLN A 399 -23.34 -32.39 25.84
N THR A 400 -23.02 -31.74 24.72
CA THR A 400 -24.04 -31.28 23.81
C THR A 400 -24.77 -32.42 23.12
N LEU A 401 -24.16 -33.61 23.07
CA LEU A 401 -24.80 -34.74 22.41
C LEU A 401 -26.11 -35.11 23.07
N ASP A 402 -26.26 -34.84 24.37
CA ASP A 402 -27.51 -35.15 25.03
C ASP A 402 -28.65 -34.25 24.57
N ASP A 403 -28.33 -33.00 24.21
CA ASP A 403 -29.36 -32.06 23.79
C ASP A 403 -29.84 -32.31 22.37
N LEU A 404 -29.06 -33.02 21.55
CA LEU A 404 -29.42 -33.25 20.16
C LEU A 404 -30.47 -34.36 20.07
N THR A 405 -31.63 -34.02 19.50
CA THR A 405 -32.73 -34.97 19.40
C THR A 405 -32.76 -35.72 18.09
N TRP A 406 -31.93 -35.34 17.12
CA TRP A 406 -31.93 -35.95 15.80
C TRP A 406 -30.96 -37.10 15.67
N MET A 407 -30.36 -37.56 16.77
CA MET A 407 -29.43 -38.68 16.77
C MET A 407 -29.95 -39.76 17.70
N ASP A 408 -29.80 -41.02 17.27
CA ASP A 408 -30.16 -42.13 18.14
C ASP A 408 -29.05 -42.32 19.19
N ALA A 409 -29.29 -43.26 20.12
CA ALA A 409 -28.38 -43.41 21.25
C ALA A 409 -27.04 -43.99 20.82
N GLU A 410 -27.04 -44.96 19.91
CA GLU A 410 -25.80 -45.63 19.56
C GLU A 410 -24.90 -44.77 18.67
N THR A 411 -25.46 -43.79 17.96
CA THR A 411 -24.64 -42.88 17.18
C THR A 411 -24.02 -41.80 18.06
N LYS A 412 -24.67 -41.42 19.16
CA LYS A 412 -24.10 -40.45 20.08
C LYS A 412 -22.83 -40.99 20.72
N LYS A 413 -22.81 -42.28 21.08
CA LYS A 413 -21.60 -42.85 21.66
C LYS A 413 -20.46 -42.88 20.65
N LYS A 414 -20.75 -43.18 19.40
CA LYS A 414 -19.70 -43.17 18.37
C LYS A 414 -19.22 -41.74 18.10
N ALA A 415 -20.11 -40.75 18.22
CA ALA A 415 -19.69 -39.37 18.09
C ALA A 415 -18.81 -38.95 19.27
N GLU A 416 -19.17 -39.40 20.48
CA GLU A 416 -18.31 -39.16 21.64
C GLU A 416 -16.98 -39.88 21.50
N GLU A 417 -16.97 -41.05 20.87
CA GLU A 417 -15.73 -41.81 20.72
C GLU A 417 -14.75 -41.08 19.82
N LYS A 418 -15.22 -40.53 18.71
CA LYS A 418 -14.32 -39.77 17.84
C LYS A 418 -13.86 -38.49 18.50
N ALA A 419 -14.76 -37.83 19.24
CA ALA A 419 -14.38 -36.59 19.93
C ALA A 419 -13.31 -36.82 20.97
N LEU A 420 -13.30 -38.00 21.60
CA LEU A 420 -12.29 -38.29 22.61
C LEU A 420 -10.94 -38.58 21.99
N ALA A 421 -10.92 -39.12 20.77
CA ALA A 421 -9.68 -39.51 20.11
C ALA A 421 -9.03 -38.37 19.34
N ILE A 422 -9.58 -37.15 19.42
CA ILE A 422 -9.02 -36.02 18.70
C ILE A 422 -7.70 -35.62 19.32
N LYS A 423 -6.64 -35.60 18.52
CA LYS A 423 -5.35 -35.09 18.95
C LYS A 423 -5.29 -33.58 18.73
N GLU A 424 -4.35 -32.93 19.42
CA GLU A 424 -4.24 -31.48 19.35
C GLU A 424 -2.79 -31.07 19.10
N ARG A 425 -2.63 -30.00 18.34
CA ARG A 425 -1.33 -29.41 18.04
C ARG A 425 -1.40 -27.93 18.37
N ILE A 426 -0.51 -27.46 19.23
CA ILE A 426 -0.55 -26.09 19.73
C ILE A 426 0.83 -25.48 19.57
N GLY A 427 0.89 -24.27 19.02
CA GLY A 427 2.11 -23.50 18.98
C GLY A 427 3.04 -23.85 17.84
N TYR A 428 3.98 -24.75 18.09
CA TYR A 428 4.98 -25.12 17.11
C TYR A 428 5.53 -26.49 17.47
N PRO A 429 6.07 -27.23 16.51
CA PRO A 429 6.76 -28.48 16.85
C PRO A 429 8.05 -28.19 17.61
N ASP A 430 8.31 -28.98 18.65
CA ASP A 430 9.46 -28.75 19.50
C ASP A 430 10.78 -28.93 18.75
N ASP A 431 10.79 -29.75 17.71
CA ASP A 431 12.05 -30.10 17.03
C ASP A 431 12.68 -28.90 16.33
N ILE A 432 11.87 -27.94 15.88
CA ILE A 432 12.42 -26.81 15.12
C ILE A 432 13.22 -25.86 15.98
N VAL A 433 13.17 -25.99 17.30
CA VAL A 433 13.87 -25.10 18.23
C VAL A 433 14.92 -25.84 19.04
N SER A 434 14.59 -27.03 19.55
CA SER A 434 15.47 -27.74 20.46
C SER A 434 16.46 -28.68 19.76
N ASN A 435 16.30 -28.93 18.46
CA ASN A 435 17.15 -29.86 17.73
C ASN A 435 17.65 -29.17 16.47
N ASP A 436 18.84 -28.56 16.55
CA ASP A 436 19.40 -27.87 15.39
C ASP A 436 19.91 -28.84 14.34
N ASN A 437 20.38 -30.01 14.76
CA ASN A 437 20.87 -31.00 13.80
C ASN A 437 19.74 -31.51 12.91
N LYS A 438 18.57 -31.77 13.50
CA LYS A 438 17.44 -32.25 12.73
C LYS A 438 16.94 -31.18 11.76
N LEU A 439 16.95 -29.93 12.18
CA LEU A 439 16.49 -28.85 11.31
C LEU A 439 17.45 -28.65 10.14
N ASN A 440 18.75 -28.64 10.41
CA ASN A 440 19.73 -28.52 9.33
C ASN A 440 19.67 -29.72 8.41
N ASN A 441 19.44 -30.92 8.97
CA ASN A 441 19.39 -32.12 8.15
C ASN A 441 18.17 -32.11 7.23
N GLU A 442 17.11 -31.40 7.60
CA GLU A 442 15.92 -31.34 6.76
C GLU A 442 16.21 -30.66 5.43
N TYR A 443 16.94 -29.54 5.46
CA TYR A 443 17.31 -28.80 4.26
C TYR A 443 18.73 -29.12 3.81
N LEU A 444 19.11 -30.40 3.84
CA LEU A 444 20.47 -30.76 3.46
C LEU A 444 20.66 -30.69 1.95
N GLU A 445 19.67 -31.15 1.19
CA GLU A 445 19.79 -31.20 -0.26
C GLU A 445 19.58 -29.86 -0.95
N LEU A 446 19.11 -28.85 -0.23
CA LEU A 446 18.90 -27.54 -0.80
C LEU A 446 20.19 -26.73 -0.79
N ASN A 447 20.46 -26.03 -1.89
CA ASN A 447 21.65 -25.20 -2.01
C ASN A 447 21.28 -24.00 -2.88
N TYR A 448 21.11 -22.84 -2.25
CA TYR A 448 20.67 -21.64 -2.91
C TYR A 448 21.85 -20.75 -3.27
N LYS A 449 21.66 -19.92 -4.30
CA LYS A 449 22.62 -18.94 -4.73
C LYS A 449 22.11 -17.53 -4.41
N GLU A 450 23.03 -16.60 -4.19
CA GLU A 450 22.64 -15.27 -3.75
C GLU A 450 21.90 -14.51 -4.84
N ASP A 451 22.31 -14.67 -6.10
CA ASP A 451 21.81 -13.82 -7.18
C ASP A 451 21.04 -14.60 -8.25
N GLU A 452 20.54 -15.79 -7.91
CA GLU A 452 19.78 -16.62 -8.85
C GLU A 452 18.47 -17.02 -8.18
N TYR A 453 17.53 -16.07 -8.13
CA TYR A 453 16.25 -16.35 -7.49
C TYR A 453 15.43 -17.36 -8.30
N PHE A 454 15.36 -17.17 -9.62
CA PHE A 454 14.59 -18.09 -10.44
C PHE A 454 15.17 -19.49 -10.41
N GLU A 455 16.49 -19.61 -10.32
CA GLU A 455 17.10 -20.93 -10.15
C GLU A 455 16.73 -21.54 -8.82
N ASN A 456 16.44 -20.71 -7.81
CA ASN A 456 16.10 -21.22 -6.50
C ASN A 456 14.66 -21.70 -6.43
N ILE A 457 13.73 -20.97 -7.06
CA ILE A 457 12.33 -21.40 -7.03
C ILE A 457 12.13 -22.68 -7.83
N ILE A 458 12.92 -22.87 -8.89
CA ILE A 458 12.83 -24.11 -9.65
C ILE A 458 13.39 -25.27 -8.85
N GLN A 459 14.45 -25.02 -8.08
CA GLN A 459 14.99 -26.05 -7.20
C GLN A 459 13.99 -26.41 -6.11
N ASN A 460 13.24 -25.43 -5.60
CA ASN A 460 12.21 -25.70 -4.61
C ASN A 460 11.06 -26.49 -5.20
N LEU A 461 10.78 -26.31 -6.50
CA LEU A 461 9.71 -27.07 -7.13
C LEU A 461 10.06 -28.55 -7.23
N LYS A 462 11.29 -28.86 -7.65
CA LYS A 462 11.72 -30.25 -7.71
C LYS A 462 11.75 -30.86 -6.33
N PHE A 463 12.32 -30.15 -5.35
CA PHE A 463 12.43 -30.68 -4.00
C PHE A 463 11.06 -30.88 -3.36
N SER A 464 10.12 -29.97 -3.64
CA SER A 464 8.78 -30.10 -3.07
C SER A 464 8.07 -31.34 -3.58
N GLN A 465 8.09 -31.54 -4.90
CA GLN A 465 7.42 -32.70 -5.48
C GLN A 465 8.19 -33.99 -5.18
N SER A 466 9.51 -33.91 -5.05
CA SER A 466 10.28 -35.12 -4.76
C SER A 466 9.99 -35.64 -3.36
N LYS A 467 9.80 -34.74 -2.39
CA LYS A 467 9.59 -35.17 -1.01
C LYS A 467 8.26 -35.90 -0.84
N GLN A 468 7.26 -35.57 -1.66
CA GLN A 468 5.95 -36.19 -1.54
C GLN A 468 5.83 -37.46 -2.38
N LEU A 469 6.48 -37.51 -3.53
CA LEU A 469 6.43 -38.71 -4.36
C LEU A 469 7.17 -39.88 -3.72
N LYS A 470 8.21 -39.58 -2.93
CA LYS A 470 8.98 -40.64 -2.27
C LYS A 470 8.29 -41.20 -1.05
N LYS A 471 7.09 -40.72 -0.70
CA LYS A 471 6.34 -41.24 0.43
C LYS A 471 5.37 -42.35 0.05
N LEU A 472 5.44 -42.84 -1.20
CA LEU A 472 4.43 -43.80 -1.67
C LEU A 472 4.49 -45.10 -0.88
N ARG A 473 5.69 -45.60 -0.60
CA ARG A 473 5.85 -46.83 0.17
C ARG A 473 6.08 -46.58 1.65
N GLU A 474 6.03 -45.32 2.09
CA GLU A 474 6.24 -44.97 3.48
C GLU A 474 4.92 -44.83 4.22
N LYS A 475 4.94 -45.14 5.51
CA LYS A 475 3.78 -44.95 6.35
C LYS A 475 3.61 -43.47 6.68
N VAL A 476 2.37 -43.07 6.94
CA VAL A 476 2.07 -41.67 7.23
C VAL A 476 2.66 -41.32 8.59
N ASP A 477 3.64 -40.43 8.61
CA ASP A 477 4.25 -39.99 9.85
C ASP A 477 3.22 -39.21 10.68
N LYS A 478 2.90 -39.74 11.86
CA LYS A 478 1.85 -39.14 12.69
C LYS A 478 2.32 -37.84 13.35
N ASP A 479 3.61 -37.72 13.61
CA ASP A 479 4.16 -36.55 14.29
C ASP A 479 4.45 -35.40 13.35
N GLU A 480 4.26 -35.57 12.04
CA GLU A 480 4.58 -34.53 11.08
C GLU A 480 3.50 -33.46 11.09
N TRP A 481 3.91 -32.21 11.34
CA TRP A 481 2.95 -31.11 11.39
C TRP A 481 2.42 -30.80 9.99
N ILE A 482 1.16 -30.35 9.94
CA ILE A 482 0.50 -30.05 8.68
C ILE A 482 0.49 -28.56 8.37
N THR A 483 1.27 -27.77 9.09
CA THR A 483 1.36 -26.34 8.85
C THR A 483 2.58 -25.78 9.57
N GLY A 484 3.06 -24.64 9.06
CA GLY A 484 4.12 -23.93 9.75
C GLY A 484 3.60 -23.16 10.94
N ALA A 485 4.53 -22.79 11.83
CA ALA A 485 4.13 -22.08 13.04
C ALA A 485 3.74 -20.64 12.75
N ALA A 486 4.35 -20.02 11.73
CA ALA A 486 4.08 -18.62 11.40
C ALA A 486 2.92 -18.52 10.41
N ILE A 487 1.77 -19.08 10.81
CA ILE A 487 0.56 -19.10 10.00
C ILE A 487 -0.59 -18.61 10.85
N VAL A 488 -1.34 -17.63 10.35
CA VAL A 488 -2.50 -17.09 11.07
C VAL A 488 -3.72 -17.85 10.56
N ASN A 489 -3.89 -19.06 11.07
CA ASN A 489 -4.99 -19.92 10.65
C ASN A 489 -5.12 -21.07 11.65
N ALA A 490 -6.03 -22.00 11.34
CA ALA A 490 -6.22 -23.20 12.14
C ALA A 490 -6.72 -24.31 11.21
N PHE A 491 -6.39 -25.55 11.57
CA PHE A 491 -6.60 -26.66 10.65
C PHE A 491 -7.15 -27.87 11.39
N TYR A 492 -7.91 -28.69 10.67
CA TYR A 492 -8.35 -30.00 11.14
C TYR A 492 -8.02 -31.02 10.06
N SER A 493 -7.39 -32.12 10.45
CA SER A 493 -7.05 -33.20 9.53
C SER A 493 -8.06 -34.32 9.68
N SER A 494 -8.75 -34.66 8.60
CA SER A 494 -9.72 -35.75 8.65
C SER A 494 -9.02 -37.10 8.78
N GLY A 495 -7.89 -37.27 8.10
CA GLY A 495 -7.17 -38.53 8.17
C GLY A 495 -6.41 -38.73 9.46
N ARG A 496 -6.01 -37.64 10.12
CA ARG A 496 -5.33 -37.72 11.39
C ARG A 496 -6.27 -37.54 12.58
N ASN A 497 -7.46 -37.00 12.35
CA ASN A 497 -8.42 -36.68 13.41
C ASN A 497 -7.75 -35.83 14.48
N GLN A 498 -7.03 -34.78 14.05
CA GLN A 498 -6.35 -33.88 14.96
C GLN A 498 -6.63 -32.44 14.58
N ILE A 499 -6.63 -31.57 15.58
CA ILE A 499 -6.86 -30.14 15.40
C ILE A 499 -5.55 -29.41 15.69
N VAL A 500 -5.18 -28.49 14.79
CA VAL A 500 -3.90 -27.80 14.86
C VAL A 500 -4.16 -26.30 15.03
N PHE A 501 -3.38 -25.67 15.91
CA PHE A 501 -3.50 -24.24 16.18
C PHE A 501 -2.10 -23.66 16.22
N PRO A 502 -1.60 -23.18 15.08
CA PRO A 502 -0.23 -22.64 15.04
C PRO A 502 -0.10 -21.37 15.86
N ALA A 503 1.16 -20.99 16.11
CA ALA A 503 1.44 -19.84 16.96
C ALA A 503 0.95 -18.54 16.33
N GLY A 504 0.84 -18.49 15.00
CA GLY A 504 0.45 -17.26 14.34
C GLY A 504 -0.96 -16.81 14.70
N ILE A 505 -1.84 -17.75 15.03
CA ILE A 505 -3.22 -17.41 15.37
C ILE A 505 -3.42 -17.23 16.87
N LEU A 506 -2.47 -17.65 17.70
CA LEU A 506 -2.59 -17.51 19.15
C LEU A 506 -2.12 -16.10 19.55
N GLN A 507 -2.90 -15.11 19.12
CA GLN A 507 -2.59 -13.71 19.37
C GLN A 507 -3.89 -12.92 19.22
N PRO A 508 -3.94 -11.69 19.79
CA PRO A 508 -5.13 -10.85 19.64
C PRO A 508 -5.55 -10.65 18.19
N PRO A 509 -6.87 -10.57 17.92
CA PRO A 509 -7.93 -10.60 18.93
C PRO A 509 -8.35 -11.99 19.37
N PHE A 510 -7.62 -13.02 18.96
CA PHE A 510 -8.02 -14.40 19.28
C PHE A 510 -7.72 -14.72 20.74
N PHE A 511 -6.44 -14.80 21.10
CA PHE A 511 -6.07 -15.15 22.46
C PHE A 511 -4.98 -14.22 22.97
N SER A 512 -5.08 -13.87 24.26
CA SER A 512 -4.04 -13.09 24.94
C SER A 512 -4.19 -13.21 26.45
N ALA A 513 -3.08 -13.42 27.17
CA ALA A 513 -3.18 -13.49 28.63
C ALA A 513 -3.65 -12.17 29.23
N GLN A 514 -3.39 -11.06 28.54
CA GLN A 514 -3.85 -9.74 28.96
C GLN A 514 -5.19 -9.37 28.33
N GLN A 515 -6.03 -10.36 28.04
CA GLN A 515 -7.30 -10.14 27.38
C GLN A 515 -8.41 -10.77 28.20
N SER A 516 -9.61 -10.17 28.13
CA SER A 516 -10.74 -10.68 28.89
C SER A 516 -11.10 -12.09 28.43
N ASN A 517 -11.59 -12.89 29.37
CA ASN A 517 -12.00 -14.26 29.04
C ASN A 517 -13.13 -14.26 28.02
N SER A 518 -14.03 -13.27 28.09
CA SER A 518 -15.10 -13.17 27.11
C SER A 518 -14.52 -13.02 25.70
N LEU A 519 -13.43 -12.27 25.56
CA LEU A 519 -12.82 -12.12 24.25
C LEU A 519 -12.05 -13.37 23.84
N ASN A 520 -11.41 -14.04 24.80
CA ASN A 520 -10.67 -15.26 24.46
C ASN A 520 -11.60 -16.38 24.02
N TYR A 521 -12.76 -16.50 24.67
CA TYR A 521 -13.72 -17.51 24.26
C TYR A 521 -14.41 -17.12 22.95
N GLY A 522 -14.67 -15.83 22.75
CA GLY A 522 -15.20 -15.37 21.48
C GLY A 522 -14.20 -15.40 20.35
N GLY A 523 -12.90 -15.41 20.66
CA GLY A 523 -11.85 -15.42 19.68
C GLY A 523 -11.34 -16.84 19.47
N ILE A 524 -10.28 -17.21 20.19
CA ILE A 524 -9.69 -18.53 19.98
C ILE A 524 -10.62 -19.64 20.44
N GLY A 525 -11.51 -19.36 21.41
CA GLY A 525 -12.44 -20.38 21.85
C GLY A 525 -13.38 -20.82 20.74
N MET A 526 -13.90 -19.87 19.98
CA MET A 526 -14.73 -20.21 18.83
C MET A 526 -13.93 -20.94 17.76
N VAL A 527 -12.65 -20.59 17.59
CA VAL A 527 -11.81 -21.27 16.62
C VAL A 527 -11.63 -22.73 17.01
N ILE A 528 -11.40 -22.99 18.29
CA ILE A 528 -11.26 -24.37 18.76
C ILE A 528 -12.55 -25.13 18.51
N GLY A 529 -13.70 -24.51 18.78
CA GLY A 529 -14.96 -25.16 18.47
C GLY A 529 -15.16 -25.35 16.98
N HIS A 530 -14.71 -24.39 16.17
CA HIS A 530 -14.79 -24.54 14.73
C HIS A 530 -13.95 -25.73 14.25
N GLU A 531 -12.78 -25.93 14.87
CA GLU A 531 -11.90 -27.00 14.44
C GLU A 531 -12.45 -28.37 14.86
N ILE A 532 -13.00 -28.46 16.07
CA ILE A 532 -13.55 -29.74 16.52
C ILE A 532 -14.78 -30.12 15.71
N THR A 533 -15.64 -29.14 15.40
CA THR A 533 -16.83 -29.44 14.63
C THR A 533 -16.49 -29.90 13.21
N HIS A 534 -15.34 -29.46 12.68
CA HIS A 534 -14.91 -29.88 11.34
C HIS A 534 -14.85 -31.40 11.22
N GLY A 535 -14.52 -32.09 12.30
CA GLY A 535 -14.58 -33.54 12.31
C GLY A 535 -15.97 -34.12 12.35
N PHE A 536 -17.02 -33.29 12.24
CA PHE A 536 -18.39 -33.77 12.33
C PHE A 536 -19.32 -33.09 11.35
N ASP A 537 -18.76 -32.45 10.32
CA ASP A 537 -19.57 -31.79 9.30
C ASP A 537 -19.94 -32.82 8.23
N ASP A 538 -20.34 -32.36 7.04
CA ASP A 538 -20.76 -33.29 6.00
C ASP A 538 -19.60 -34.11 5.45
N ASN A 539 -18.36 -33.70 5.72
CA ASN A 539 -17.19 -34.45 5.29
C ASN A 539 -16.49 -35.16 6.45
N GLY A 540 -16.26 -34.46 7.56
CA GLY A 540 -15.55 -35.07 8.66
C GLY A 540 -16.28 -36.22 9.31
N ARG A 541 -17.61 -36.20 9.24
CA ARG A 541 -18.40 -37.28 9.83
C ARG A 541 -18.19 -38.61 9.13
N ASN A 542 -17.68 -38.60 7.89
CA ASN A 542 -17.44 -39.82 7.15
C ASN A 542 -16.15 -40.51 7.55
N PHE A 543 -15.41 -39.98 8.51
CA PHE A 543 -14.17 -40.58 8.98
C PHE A 543 -14.30 -40.93 10.45
N ASN A 544 -13.73 -42.07 10.84
CA ASN A 544 -13.85 -42.56 12.21
C ASN A 544 -12.81 -41.87 13.10
N LYS A 545 -12.63 -42.40 14.31
CA LYS A 545 -11.73 -41.79 15.27
C LYS A 545 -10.26 -41.91 14.86
N ASP A 546 -9.92 -42.90 14.04
CA ASP A 546 -8.55 -43.10 13.61
C ASP A 546 -8.26 -42.49 12.25
N GLY A 547 -9.26 -41.87 11.61
CA GLY A 547 -9.06 -41.18 10.35
C GLY A 547 -9.34 -41.98 9.10
N ASP A 548 -10.03 -43.11 9.20
CA ASP A 548 -10.35 -43.93 8.05
C ASP A 548 -11.75 -43.61 7.54
N LEU A 549 -11.90 -43.58 6.22
CA LEU A 549 -13.20 -43.33 5.60
C LEU A 549 -14.11 -44.54 5.76
N VAL A 550 -14.82 -44.62 6.89
CA VAL A 550 -15.74 -45.71 7.15
C VAL A 550 -17.07 -45.13 7.64
N ASP A 551 -18.14 -45.88 7.43
CA ASP A 551 -19.48 -45.44 7.79
C ASP A 551 -19.80 -45.95 9.20
N TRP A 552 -19.90 -45.03 10.15
CA TRP A 552 -20.35 -45.35 11.50
C TRP A 552 -21.67 -44.69 11.84
N TRP A 553 -22.38 -44.17 10.84
CA TRP A 553 -23.68 -43.55 11.04
C TRP A 553 -24.79 -44.53 10.70
N THR A 554 -25.82 -44.56 11.53
CA THR A 554 -27.03 -45.31 11.21
C THR A 554 -27.77 -44.61 10.06
N GLN A 555 -28.68 -45.34 9.42
CA GLN A 555 -29.41 -44.76 8.30
C GLN A 555 -30.30 -43.61 8.77
N GLN A 556 -30.90 -43.73 9.95
CA GLN A 556 -31.76 -42.67 10.46
C GLN A 556 -30.94 -41.44 10.82
N SER A 557 -29.83 -41.63 11.53
CA SER A 557 -28.99 -40.49 11.92
C SER A 557 -28.36 -39.83 10.70
N ALA A 558 -27.95 -40.62 9.70
CA ALA A 558 -27.39 -40.05 8.50
C ALA A 558 -28.44 -39.26 7.72
N ASN A 559 -29.67 -39.77 7.65
CA ASN A 559 -30.74 -39.01 7.01
C ASN A 559 -31.07 -37.76 7.81
N ASN A 560 -31.10 -37.87 9.13
CA ASN A 560 -31.41 -36.71 9.96
C ASN A 560 -30.30 -35.66 9.87
N PHE A 561 -29.05 -36.09 9.75
CA PHE A 561 -27.95 -35.14 9.61
C PHE A 561 -28.08 -34.35 8.31
N LYS A 562 -28.38 -35.04 7.21
CA LYS A 562 -28.55 -34.36 5.93
C LYS A 562 -29.74 -33.42 5.94
N GLU A 563 -30.77 -33.74 6.72
CA GLU A 563 -31.92 -32.85 6.85
C GLU A 563 -31.55 -31.62 7.68
N GLN A 564 -30.84 -31.81 8.79
CA GLN A 564 -30.43 -30.66 9.60
C GLN A 564 -29.43 -29.81 8.85
N SER A 565 -28.52 -30.43 8.09
CA SER A 565 -27.54 -29.66 7.33
C SER A 565 -28.18 -28.99 6.11
N GLN A 566 -29.27 -29.55 5.59
CA GLN A 566 -29.94 -28.92 4.46
C GLN A 566 -30.49 -27.55 4.83
N CYS A 567 -30.85 -27.35 6.09
CA CYS A 567 -31.29 -26.04 6.55
C CYS A 567 -30.24 -24.98 6.26
N MET A 568 -28.99 -25.26 6.64
CA MET A 568 -27.93 -24.28 6.42
C MET A 568 -27.62 -24.11 4.94
N VAL A 569 -27.89 -25.14 4.13
CA VAL A 569 -27.69 -25.02 2.68
C VAL A 569 -28.63 -23.97 2.11
N TYR A 570 -29.87 -23.94 2.58
CA TYR A 570 -30.82 -22.93 2.12
C TYR A 570 -30.53 -21.57 2.75
N GLN A 571 -30.18 -21.54 4.03
CA GLN A 571 -29.96 -20.27 4.72
C GLN A 571 -28.83 -19.49 4.08
N TYR A 572 -27.69 -20.15 3.85
CA TYR A 572 -26.55 -19.46 3.25
C TYR A 572 -26.71 -19.31 1.74
N GLY A 573 -27.40 -20.25 1.09
CA GLY A 573 -27.65 -20.11 -0.33
C GLY A 573 -28.54 -18.92 -0.64
N ASN A 574 -29.42 -18.54 0.28
CA ASN A 574 -30.32 -17.41 0.07
C ASN A 574 -29.65 -16.07 0.33
N PHE A 575 -28.44 -16.05 0.88
CA PHE A 575 -27.72 -14.79 1.09
C PHE A 575 -27.26 -14.24 -0.26
N SER A 576 -27.68 -13.02 -0.58
CA SER A 576 -27.23 -12.33 -1.78
C SER A 576 -26.12 -11.35 -1.42
N TRP A 577 -24.99 -11.48 -2.11
CA TRP A 577 -23.81 -10.67 -1.81
C TRP A 577 -23.78 -9.46 -2.74
N ASP A 578 -23.86 -8.26 -2.15
CA ASP A 578 -23.87 -7.05 -2.97
C ASP A 578 -22.50 -6.81 -3.61
N LEU A 579 -21.42 -7.12 -2.90
CA LEU A 579 -20.09 -6.94 -3.46
C LEU A 579 -19.84 -7.86 -4.64
N ALA A 580 -20.53 -9.00 -4.69
CA ALA A 580 -20.46 -9.94 -5.79
C ALA A 580 -21.43 -9.59 -6.91
N GLY A 581 -21.95 -8.37 -6.94
CA GLY A 581 -22.91 -8.00 -7.95
C GLY A 581 -24.25 -8.70 -7.82
N GLY A 582 -24.73 -8.89 -6.60
CA GLY A 582 -26.00 -9.56 -6.37
C GLY A 582 -25.96 -11.06 -6.42
N GLN A 583 -24.80 -11.67 -6.64
CA GLN A 583 -24.71 -13.12 -6.67
C GLN A 583 -24.91 -13.71 -5.28
N HIS A 584 -25.43 -14.94 -5.25
CA HIS A 584 -25.70 -15.63 -4.00
C HIS A 584 -24.55 -16.55 -3.62
N LEU A 585 -24.40 -16.78 -2.32
CA LEU A 585 -23.41 -17.71 -1.82
C LEU A 585 -23.74 -19.13 -2.24
N ASN A 586 -22.70 -19.97 -2.29
CA ASN A 586 -22.87 -21.39 -2.62
C ASN A 586 -23.08 -22.15 -1.31
N GLY A 587 -24.35 -22.42 -0.98
CA GLY A 587 -24.66 -23.11 0.26
C GLY A 587 -24.14 -24.54 0.31
N ILE A 588 -23.86 -25.15 -0.84
CA ILE A 588 -23.35 -26.51 -0.86
C ILE A 588 -21.85 -26.54 -0.65
N ASN A 589 -21.10 -25.74 -1.42
CA ASN A 589 -19.65 -25.72 -1.30
C ASN A 589 -19.18 -25.03 -0.03
N THR A 590 -20.04 -24.29 0.67
CA THR A 590 -19.70 -23.68 1.94
C THR A 590 -20.36 -24.37 3.12
N LEU A 591 -20.94 -25.55 2.91
CA LEU A 591 -21.72 -26.21 3.96
C LEU A 591 -20.86 -26.60 5.15
N GLY A 592 -19.70 -27.20 4.89
CA GLY A 592 -18.85 -27.66 5.99
C GLY A 592 -18.37 -26.53 6.87
N GLU A 593 -17.94 -25.41 6.26
CA GLU A 593 -17.47 -24.27 7.04
C GLU A 593 -18.61 -23.59 7.79
N ASN A 594 -19.81 -23.57 7.22
CA ASN A 594 -20.95 -22.98 7.92
C ASN A 594 -21.36 -23.85 9.11
N ILE A 595 -21.28 -25.17 8.96
CA ILE A 595 -21.58 -26.06 10.08
C ILE A 595 -20.58 -25.87 11.20
N ALA A 596 -19.29 -25.77 10.86
CA ALA A 596 -18.27 -25.59 11.88
C ALA A 596 -18.41 -24.24 12.59
N ASP A 597 -18.85 -23.21 11.87
CA ASP A 597 -19.04 -21.91 12.52
C ASP A 597 -20.20 -21.95 13.49
N ASN A 598 -21.36 -22.48 13.05
CA ASN A 598 -22.54 -22.49 13.90
C ASN A 598 -22.33 -23.34 15.15
N GLY A 599 -21.78 -24.55 14.97
CA GLY A 599 -21.55 -25.40 16.11
C GLY A 599 -20.46 -24.88 17.03
N GLY A 600 -19.43 -24.26 16.46
CA GLY A 600 -18.29 -23.86 17.26
C GLY A 600 -18.60 -22.74 18.23
N ILE A 601 -19.26 -21.68 17.75
CA ILE A 601 -19.55 -20.55 18.62
C ILE A 601 -20.48 -20.95 19.75
N GLY A 602 -21.40 -21.90 19.49
CA GLY A 602 -22.27 -22.37 20.55
C GLY A 602 -21.51 -23.14 21.61
N GLN A 603 -20.48 -23.90 21.21
CA GLN A 603 -19.65 -24.60 22.17
C GLN A 603 -18.80 -23.62 22.98
N ALA A 604 -18.26 -22.59 22.31
CA ALA A 604 -17.42 -21.63 23.01
C ALA A 604 -18.23 -20.80 23.99
N TYR A 605 -19.46 -20.41 23.62
CA TYR A 605 -20.29 -19.64 24.52
C TYR A 605 -20.71 -20.48 25.73
N ARG A 606 -21.11 -21.73 25.49
CA ARG A 606 -21.46 -22.61 26.59
C ARG A 606 -20.26 -22.87 27.49
N ALA A 607 -19.07 -23.02 26.91
CA ALA A 607 -17.86 -23.17 27.70
C ALA A 607 -17.54 -21.90 28.48
N TYR A 608 -17.90 -20.74 27.95
CA TYR A 608 -17.64 -19.48 28.65
C TYR A 608 -18.57 -19.32 29.84
N GLN A 609 -19.86 -19.65 29.65
CA GLN A 609 -20.80 -19.57 30.77
C GLN A 609 -20.43 -20.53 31.88
N ASN A 610 -19.89 -21.71 31.54
CA ASN A 610 -19.39 -22.61 32.56
C ASN A 610 -18.20 -22.02 33.30
N TYR A 611 -17.36 -21.25 32.61
CA TYR A 611 -16.24 -20.59 33.27
C TYR A 611 -16.71 -19.50 34.22
N VAL A 612 -17.71 -18.72 33.81
CA VAL A 612 -18.22 -17.66 34.67
C VAL A 612 -18.91 -18.24 35.90
N LYS A 613 -19.56 -19.40 35.75
CA LYS A 613 -20.20 -20.02 36.91
C LYS A 613 -19.20 -20.46 37.96
N LYS A 614 -18.00 -20.86 37.55
CA LYS A 614 -17.00 -21.34 38.49
C LYS A 614 -16.04 -20.25 38.96
N ASN A 615 -15.76 -19.25 38.13
CA ASN A 615 -14.77 -18.24 38.48
C ASN A 615 -15.36 -16.87 38.77
N GLY A 616 -16.59 -16.59 38.33
CA GLY A 616 -17.25 -15.33 38.62
C GLY A 616 -17.17 -14.36 37.45
N GLU A 617 -17.91 -13.26 37.60
CA GLU A 617 -17.97 -12.25 36.56
C GLU A 617 -16.65 -11.47 36.48
N GLU A 618 -16.33 -10.99 35.28
CA GLU A 618 -15.12 -10.23 35.06
C GLU A 618 -15.40 -8.74 35.11
N LYS A 619 -14.31 -7.97 35.11
CA LYS A 619 -14.41 -6.52 35.16
C LYS A 619 -14.79 -5.98 33.79
N LEU A 620 -15.64 -4.95 33.79
CA LEU A 620 -16.06 -4.33 32.55
C LEU A 620 -14.91 -3.54 31.93
N LEU A 621 -15.01 -3.32 30.63
CA LEU A 621 -13.96 -2.54 29.98
C LEU A 621 -14.35 -1.07 29.94
N PRO A 622 -13.38 -0.16 30.00
CA PRO A 622 -13.71 1.27 30.02
C PRO A 622 -14.23 1.75 28.68
N GLY A 623 -15.19 2.67 28.73
CA GLY A 623 -15.76 3.26 27.53
C GLY A 623 -16.68 2.37 26.74
N ILE A 624 -16.90 1.13 27.16
CA ILE A 624 -17.76 0.18 26.46
C ILE A 624 -18.92 -0.14 27.38
N ASP A 625 -20.13 0.27 26.99
CA ASP A 625 -21.33 0.04 27.79
C ASP A 625 -21.97 -1.30 27.40
N LEU A 626 -21.18 -2.36 27.52
CA LEU A 626 -21.63 -3.71 27.18
C LEU A 626 -21.19 -4.68 28.26
N ASN A 627 -21.99 -5.71 28.47
CA ASN A 627 -21.57 -6.76 29.39
C ASN A 627 -20.66 -7.75 28.66
N HIS A 628 -20.13 -8.72 29.42
CA HIS A 628 -19.17 -9.65 28.85
C HIS A 628 -19.84 -10.69 27.96
N LYS A 629 -21.11 -11.02 28.21
CA LYS A 629 -21.82 -11.89 27.28
C LYS A 629 -21.91 -11.25 25.90
N GLN A 630 -22.13 -9.93 25.86
CA GLN A 630 -22.16 -9.22 24.59
C GLN A 630 -20.77 -9.07 23.98
N LEU A 631 -19.75 -8.90 24.82
CA LEU A 631 -18.39 -8.83 24.32
C LEU A 631 -17.93 -10.14 23.72
N PHE A 632 -18.52 -11.27 24.13
CA PHE A 632 -18.21 -12.55 23.53
C PHE A 632 -18.55 -12.55 22.05
N PHE A 633 -19.80 -12.23 21.72
CA PHE A 633 -20.22 -12.18 20.33
C PHE A 633 -19.56 -11.02 19.59
N LEU A 634 -19.21 -9.95 20.30
CA LEU A 634 -18.60 -8.80 19.65
C LEU A 634 -17.20 -9.13 19.16
N ASN A 635 -16.39 -9.78 20.00
CA ASN A 635 -15.04 -10.13 19.58
C ASN A 635 -15.05 -11.17 18.49
N PHE A 636 -16.03 -12.09 18.51
CA PHE A 636 -16.17 -13.05 17.43
C PHE A 636 -16.45 -12.36 16.10
N ALA A 637 -17.31 -11.34 16.11
CA ALA A 637 -17.66 -10.66 14.88
C ALA A 637 -16.54 -9.75 14.40
N GLN A 638 -15.85 -9.08 15.32
CA GLN A 638 -14.79 -8.15 14.93
C GLN A 638 -13.58 -8.84 14.33
N VAL A 639 -13.48 -10.16 14.42
CA VAL A 639 -12.42 -10.87 13.71
C VAL A 639 -12.62 -10.75 12.20
N TRP A 640 -13.87 -10.67 11.76
CA TRP A 640 -14.20 -10.68 10.34
C TRP A 640 -14.64 -9.30 9.83
N CYS A 641 -14.18 -8.24 10.46
CA CYS A 641 -14.43 -6.89 9.97
C CYS A 641 -13.61 -6.66 8.72
N GLY A 642 -14.25 -6.74 7.56
CA GLY A 642 -13.52 -6.56 6.32
C GLY A 642 -14.47 -6.45 5.14
N THR A 643 -13.88 -6.20 3.97
CA THR A 643 -14.61 -6.06 2.73
C THR A 643 -13.83 -6.70 1.61
N TYR A 644 -14.53 -7.01 0.52
CA TYR A 644 -13.95 -7.64 -0.65
C TYR A 644 -13.97 -6.67 -1.83
N ARG A 645 -13.02 -6.86 -2.74
CA ARG A 645 -13.13 -6.20 -4.02
C ARG A 645 -14.13 -6.94 -4.89
N PRO A 646 -14.91 -6.22 -5.72
CA PRO A 646 -15.94 -6.89 -6.53
C PRO A 646 -15.37 -7.97 -7.44
N GLU A 647 -14.15 -7.79 -7.96
CA GLU A 647 -13.55 -8.80 -8.81
C GLU A 647 -13.27 -10.08 -8.03
N TYR A 648 -12.86 -9.95 -6.77
CA TYR A 648 -12.57 -11.11 -5.95
C TYR A 648 -13.80 -11.67 -5.24
N ALA A 649 -14.82 -10.86 -5.01
CA ALA A 649 -16.06 -11.40 -4.45
C ALA A 649 -16.68 -12.41 -5.39
N VAL A 650 -16.55 -12.19 -6.70
CA VAL A 650 -16.97 -13.20 -7.67
C VAL A 650 -16.02 -14.40 -7.61
N ASN A 651 -14.73 -14.15 -7.40
CA ASN A 651 -13.76 -15.22 -7.30
C ASN A 651 -14.01 -16.08 -6.07
N SER A 652 -14.04 -15.46 -4.89
CA SER A 652 -14.19 -16.21 -3.64
C SER A 652 -15.52 -16.93 -3.54
N ILE A 653 -16.53 -16.47 -4.28
CA ILE A 653 -17.84 -17.11 -4.22
C ILE A 653 -17.82 -18.49 -4.88
N LYS A 654 -16.80 -18.76 -5.70
CA LYS A 654 -16.69 -20.04 -6.39
C LYS A 654 -15.50 -20.88 -5.94
N THR A 655 -14.51 -20.27 -5.30
CA THR A 655 -13.29 -20.96 -4.90
C THR A 655 -13.16 -21.15 -3.40
N ASP A 656 -13.49 -20.13 -2.60
CA ASP A 656 -13.31 -20.22 -1.16
C ASP A 656 -14.40 -21.10 -0.56
N VAL A 657 -14.00 -22.18 0.12
CA VAL A 657 -14.95 -23.02 0.83
C VAL A 657 -15.53 -22.33 2.05
N HIS A 658 -14.94 -21.22 2.48
CA HIS A 658 -15.49 -20.42 3.56
C HIS A 658 -16.52 -19.44 3.02
N SER A 659 -17.48 -19.08 3.87
CA SER A 659 -18.38 -17.99 3.54
C SER A 659 -17.67 -16.66 3.77
N PRO A 660 -18.15 -15.59 3.14
CA PRO A 660 -17.59 -14.27 3.44
C PRO A 660 -17.78 -13.93 4.91
N GLY A 661 -16.85 -13.13 5.45
CA GLY A 661 -16.94 -12.74 6.84
C GLY A 661 -18.24 -12.04 7.18
N ASN A 662 -18.82 -11.33 6.21
CA ASN A 662 -20.10 -10.66 6.43
C ASN A 662 -21.17 -11.67 6.82
N PHE A 663 -21.24 -12.79 6.11
CA PHE A 663 -22.32 -13.74 6.31
C PHE A 663 -21.99 -14.84 7.32
N ARG A 664 -20.71 -15.04 7.65
CA ARG A 664 -20.39 -15.93 8.75
C ARG A 664 -20.88 -15.35 10.08
N ILE A 665 -20.86 -14.03 10.22
CA ILE A 665 -21.41 -13.40 11.41
C ILE A 665 -22.94 -13.44 11.39
N ILE A 666 -23.53 -13.07 10.26
CA ILE A 666 -24.98 -13.05 10.15
C ILE A 666 -25.55 -14.45 10.26
N GLY A 667 -24.99 -15.39 9.50
CA GLY A 667 -25.54 -16.73 9.47
C GLY A 667 -25.42 -17.47 10.79
N SER A 668 -24.25 -17.39 11.43
CA SER A 668 -24.04 -18.11 12.67
C SER A 668 -24.90 -17.54 13.79
N LEU A 669 -24.99 -16.22 13.89
CA LEU A 669 -25.75 -15.60 14.96
C LEU A 669 -27.25 -15.62 14.70
N GLN A 670 -27.69 -15.73 13.45
CA GLN A 670 -29.10 -15.90 13.17
C GLN A 670 -29.62 -17.22 13.74
N ASN A 671 -28.76 -18.23 13.82
CA ASN A 671 -29.13 -19.53 14.38
C ASN A 671 -28.79 -19.66 15.85
N SER A 672 -28.26 -18.60 16.47
CA SER A 672 -27.86 -18.63 17.87
C SER A 672 -28.98 -18.03 18.72
N VAL A 673 -29.63 -18.89 19.52
CA VAL A 673 -30.62 -18.40 20.47
C VAL A 673 -29.94 -17.58 21.56
N GLU A 674 -28.72 -17.95 21.93
CA GLU A 674 -28.01 -17.24 22.99
C GLU A 674 -27.61 -15.83 22.56
N PHE A 675 -27.30 -15.64 21.26
CA PHE A 675 -26.96 -14.31 20.78
C PHE A 675 -28.13 -13.35 20.91
N SER A 676 -29.32 -13.79 20.48
CA SER A 676 -30.50 -12.94 20.59
C SER A 676 -30.92 -12.74 22.05
N GLU A 677 -30.55 -13.66 22.94
CA GLU A 677 -30.78 -13.43 24.36
C GLU A 677 -29.74 -12.48 24.93
N ALA A 678 -28.50 -12.57 24.48
CA ALA A 678 -27.44 -11.71 25.00
C ALA A 678 -27.66 -10.25 24.62
N PHE A 679 -28.22 -9.99 23.44
CA PHE A 679 -28.49 -8.65 22.98
C PHE A 679 -29.97 -8.28 23.02
N GLN A 680 -30.81 -9.18 23.55
CA GLN A 680 -32.24 -8.93 23.70
C GLN A 680 -32.89 -8.59 22.35
N CYS A 681 -32.69 -9.47 21.39
CA CYS A 681 -33.22 -9.25 20.05
C CYS A 681 -34.68 -9.72 19.99
N PRO A 682 -35.59 -8.94 19.42
CA PRO A 682 -36.97 -9.39 19.30
C PRO A 682 -37.09 -10.51 18.28
N LYS A 683 -38.13 -11.33 18.45
CA LYS A 683 -38.37 -12.41 17.50
C LYS A 683 -38.66 -11.84 16.12
N ASN A 684 -38.27 -12.59 15.09
CA ASN A 684 -38.46 -12.25 13.69
C ASN A 684 -37.70 -11.00 13.26
N SER A 685 -36.78 -10.50 14.08
CA SER A 685 -35.82 -9.52 13.60
C SER A 685 -34.81 -10.21 12.69
N TYR A 686 -34.09 -9.40 11.91
CA TYR A 686 -33.20 -9.98 10.90
C TYR A 686 -32.15 -10.88 11.53
N MET A 687 -31.60 -10.47 12.67
CA MET A 687 -30.60 -11.28 13.35
C MET A 687 -31.23 -12.39 14.20
N ASN A 688 -32.54 -12.40 14.34
CA ASN A 688 -33.23 -13.40 15.16
C ASN A 688 -34.45 -13.91 14.42
N PRO A 689 -34.24 -14.71 13.37
CA PRO A 689 -35.39 -15.35 12.71
C PRO A 689 -35.89 -16.51 13.56
N GLU A 690 -37.22 -16.69 13.58
CA GLU A 690 -37.80 -17.72 14.42
C GLU A 690 -37.45 -19.12 13.94
N LYS A 691 -37.14 -19.29 12.66
CA LYS A 691 -36.67 -20.56 12.13
C LYS A 691 -35.14 -20.54 12.12
N LYS A 692 -34.53 -21.35 12.97
CA LYS A 692 -33.09 -21.41 13.12
C LYS A 692 -32.59 -22.80 12.77
N CYS A 693 -31.47 -22.85 12.05
CA CYS A 693 -30.83 -24.12 11.74
C CYS A 693 -30.01 -24.60 12.93
N ARG A 694 -29.91 -25.92 13.05
CA ARG A 694 -29.15 -26.51 14.15
C ARG A 694 -28.60 -27.86 13.72
N VAL A 695 -27.29 -28.03 13.87
CA VAL A 695 -26.64 -29.32 13.66
C VAL A 695 -25.93 -29.69 14.96
N TRP A 696 -24.77 -29.08 15.20
CA TRP A 696 -24.03 -29.31 16.43
C TRP A 696 -24.18 -28.12 17.38
N GLY B 1 -10.83 10.28 39.43
CA GLY B 1 -10.27 11.49 38.86
C GLY B 1 -9.64 11.27 37.50
N ILE B 2 -9.79 10.07 36.96
CA ILE B 2 -9.26 9.70 35.66
C ILE B 2 -10.41 9.59 34.68
N CYS B 3 -10.25 10.19 33.50
CA CYS B 3 -11.28 10.12 32.47
C CYS B 3 -11.45 8.68 32.00
N LYS B 4 -12.70 8.28 31.76
CA LYS B 4 -13.03 6.93 31.35
C LYS B 4 -13.99 6.91 30.16
N SER B 5 -14.21 8.04 29.50
CA SER B 5 -15.13 8.11 28.38
C SER B 5 -14.56 7.39 27.16
N SER B 6 -15.39 7.28 26.13
CA SER B 6 -14.97 6.62 24.90
C SER B 6 -13.84 7.37 24.23
N ASP B 7 -13.94 8.70 24.15
CA ASP B 7 -12.92 9.49 23.49
C ASP B 7 -11.59 9.45 24.24
N CYS B 8 -11.63 9.31 25.58
CA CYS B 8 -10.39 9.24 26.35
C CYS B 8 -9.67 7.91 26.14
N ILE B 9 -10.42 6.84 25.85
CA ILE B 9 -9.80 5.55 25.60
C ILE B 9 -9.12 5.54 24.25
N LYS B 10 -9.83 5.97 23.20
CA LYS B 10 -9.26 6.00 21.86
C LYS B 10 -8.08 6.95 21.78
N SER B 11 -8.11 8.04 22.55
CA SER B 11 -6.98 8.97 22.56
C SER B 11 -5.77 8.36 23.23
N ALA B 12 -5.98 7.75 24.40
CA ALA B 12 -4.86 7.19 25.16
C ALA B 12 -4.24 5.99 24.45
N ALA B 13 -5.09 5.14 23.85
CA ALA B 13 -4.58 3.95 23.17
C ALA B 13 -3.69 4.31 21.99
N ARG B 14 -4.02 5.40 21.28
CA ARG B 14 -3.20 5.84 20.17
C ARG B 14 -1.83 6.29 20.66
N LEU B 15 -1.78 6.96 21.82
CA LEU B 15 -0.50 7.39 22.38
C LEU B 15 0.32 6.20 22.86
N ILE B 16 -0.34 5.21 23.47
CA ILE B 16 0.37 4.05 24.02
C ILE B 16 0.98 3.23 22.89
N GLN B 17 0.30 3.15 21.75
CA GLN B 17 0.78 2.29 20.66
C GLN B 17 2.04 2.86 20.03
N ASN B 18 2.12 4.19 19.88
CA ASN B 18 3.26 4.79 19.20
C ASN B 18 4.50 4.83 20.08
N MET B 19 4.33 5.06 21.39
CA MET B 19 5.45 5.28 22.29
C MET B 19 6.10 3.96 22.67
N ASP B 20 7.19 4.07 23.44
CA ASP B 20 7.91 2.92 23.97
C ASP B 20 8.33 3.26 25.40
N ALA B 21 7.60 2.72 26.38
CA ALA B 21 7.85 3.06 27.77
C ALA B 21 9.20 2.55 28.27
N THR B 22 9.82 1.61 27.57
CA THR B 22 11.10 1.05 28.01
C THR B 22 12.28 2.01 27.79
N ALA B 23 12.15 2.96 26.88
CA ALA B 23 13.21 3.91 26.61
C ALA B 23 13.12 5.11 27.54
N GLU B 24 14.27 5.77 27.73
CA GLU B 24 14.32 6.94 28.60
C GLU B 24 13.94 8.20 27.81
N PRO B 25 13.04 9.03 28.32
CA PRO B 25 12.66 10.24 27.58
C PRO B 25 13.78 11.25 27.47
N CYS B 26 14.73 11.25 28.40
CA CYS B 26 15.81 12.22 28.42
C CYS B 26 17.04 11.76 27.65
N THR B 27 17.04 10.54 27.11
CA THR B 27 18.11 10.05 26.27
C THR B 27 17.81 10.25 24.79
N ASP B 28 16.59 9.88 24.35
CA ASP B 28 16.16 10.11 22.98
C ASP B 28 14.64 10.14 23.00
N PHE B 29 14.08 11.34 23.11
CA PHE B 29 12.62 11.47 23.19
C PHE B 29 11.93 11.07 21.90
N PHE B 30 12.63 11.11 20.77
CA PHE B 30 12.05 10.59 19.53
C PHE B 30 11.82 9.09 19.62
N LYS B 31 12.82 8.34 20.07
CA LYS B 31 12.67 6.90 20.25
C LYS B 31 11.76 6.56 21.43
N TYR B 32 11.57 7.49 22.36
CA TYR B 32 10.66 7.24 23.47
C TYR B 32 9.21 7.40 23.04
N ALA B 33 8.90 8.45 22.27
CA ALA B 33 7.55 8.71 21.81
C ALA B 33 7.20 7.95 20.54
N CYS B 34 8.18 7.42 19.82
CA CYS B 34 7.93 6.73 18.56
C CYS B 34 8.51 5.32 18.53
N GLY B 35 8.91 4.78 19.68
CA GLY B 35 9.51 3.45 19.68
C GLY B 35 8.55 2.37 19.20
N GLY B 36 7.28 2.48 19.57
CA GLY B 36 6.31 1.52 19.08
C GLY B 36 5.96 1.72 17.62
N TRP B 37 5.98 2.96 17.15
CA TRP B 37 5.67 3.22 15.76
C TRP B 37 6.72 2.61 14.83
N LEU B 38 8.00 2.70 15.22
CA LEU B 38 9.07 2.23 14.35
C LEU B 38 9.01 0.72 14.16
N LYS B 39 8.59 0.00 15.20
CA LYS B 39 8.53 -1.46 15.10
C LYS B 39 7.33 -1.92 14.28
N ARG B 40 6.22 -1.18 14.32
CA ARG B 40 5.00 -1.63 13.66
C ARG B 40 4.98 -1.27 12.18
N ASN B 41 5.46 -0.07 11.83
CA ASN B 41 5.29 0.46 10.48
C ASN B 41 6.54 0.23 9.63
N VAL B 42 6.31 -0.13 8.37
CA VAL B 42 7.36 -0.29 7.37
C VAL B 42 7.05 0.64 6.22
N ILE B 43 8.09 1.24 5.63
CA ILE B 43 7.95 2.18 4.54
C ILE B 43 7.31 1.50 3.33
N PRO B 44 6.17 1.97 2.84
CA PRO B 44 5.55 1.34 1.66
C PRO B 44 6.41 1.51 0.42
N GLU B 45 6.17 0.63 -0.54
CA GLU B 45 6.94 0.64 -1.78
C GLU B 45 6.70 1.90 -2.61
N THR B 46 5.63 2.62 -2.33
CA THR B 46 5.25 3.81 -3.11
C THR B 46 5.54 5.12 -2.38
N SER B 47 6.11 5.06 -1.18
CA SER B 47 6.36 6.24 -0.37
C SER B 47 7.85 6.41 -0.16
N SER B 48 8.36 7.62 -0.41
CA SER B 48 9.74 7.95 -0.09
C SER B 48 9.91 8.36 1.37
N ARG B 49 8.84 8.87 1.98
CA ARG B 49 8.81 9.18 3.40
C ARG B 49 7.49 8.69 3.97
N TYR B 50 7.55 8.05 5.15
CA TYR B 50 6.37 7.53 5.80
C TYR B 50 6.39 7.94 7.27
N SER B 51 5.38 8.70 7.67
CA SER B 51 5.24 9.16 9.04
C SER B 51 3.77 9.35 9.36
N ASN B 52 3.47 9.65 10.62
CA ASN B 52 2.08 9.94 10.98
C ASN B 52 1.58 11.20 10.28
N PHE B 53 2.48 12.11 9.91
CA PHE B 53 2.08 13.28 9.14
C PHE B 53 1.71 12.89 7.71
N ASP B 54 2.48 11.97 7.10
CA ASP B 54 2.17 11.52 5.75
C ASP B 54 0.93 10.62 5.73
N ILE B 55 0.69 9.87 6.81
CA ILE B 55 -0.49 9.01 6.87
C ILE B 55 -1.76 9.85 6.84
N LEU B 56 -1.75 11.01 7.51
CA LEU B 56 -2.90 11.89 7.46
C LEU B 56 -3.19 12.35 6.03
N ARG B 57 -2.13 12.62 5.26
CA ARG B 57 -2.32 12.95 3.85
C ARG B 57 -2.97 11.79 3.11
N ASP B 58 -2.58 10.55 3.44
CA ASP B 58 -3.18 9.39 2.79
C ASP B 58 -4.64 9.22 3.20
N GLU B 59 -4.95 9.46 4.48
CA GLU B 59 -6.34 9.36 4.92
C GLU B 59 -7.19 10.47 4.31
N LEU B 60 -6.60 11.64 4.05
CA LEU B 60 -7.34 12.69 3.35
C LEU B 60 -7.55 12.32 1.88
N GLU B 61 -6.54 11.69 1.26
CA GLU B 61 -6.71 11.21 -0.10
C GLU B 61 -7.85 10.20 -0.21
N VAL B 62 -8.09 9.44 0.86
CA VAL B 62 -9.19 8.47 0.87
C VAL B 62 -10.52 9.20 0.76
N ILE B 63 -10.71 10.25 1.56
CA ILE B 63 -11.97 10.99 1.54
C ILE B 63 -12.17 11.66 0.19
N LEU B 64 -11.09 12.14 -0.43
CA LEU B 64 -11.21 12.72 -1.76
C LEU B 64 -11.65 11.69 -2.79
N LYS B 65 -11.23 10.43 -2.61
CA LYS B 65 -11.62 9.39 -3.55
C LYS B 65 -13.11 9.10 -3.46
N ASP B 66 -13.67 9.10 -2.24
CA ASP B 66 -15.08 8.79 -2.07
C ASP B 66 -15.97 9.85 -2.69
N VAL B 67 -15.54 11.12 -2.66
CA VAL B 67 -16.37 12.21 -3.20
C VAL B 67 -16.14 12.44 -4.69
N LEU B 68 -15.18 11.76 -5.31
CA LEU B 68 -14.90 11.92 -6.74
C LEU B 68 -15.28 10.71 -7.57
N GLN B 69 -14.96 9.50 -7.12
CA GLN B 69 -15.29 8.30 -7.87
C GLN B 69 -16.78 8.03 -7.93
N GLU B 70 -17.58 8.70 -7.08
CA GLU B 70 -19.01 8.46 -6.99
C GLU B 70 -19.74 9.50 -7.84
N PRO B 71 -20.24 9.14 -9.03
CA PRO B 71 -21.02 10.11 -9.80
C PRO B 71 -22.35 10.43 -9.13
N LYS B 72 -22.37 11.48 -8.31
CA LYS B 72 -23.56 11.83 -7.53
C LYS B 72 -24.57 12.65 -8.30
N THR B 73 -24.54 12.57 -9.64
CA THR B 73 -25.54 13.17 -10.53
C THR B 73 -25.89 14.61 -10.19
N GLU B 74 -26.58 14.83 -9.06
CA GLU B 74 -27.03 16.17 -8.68
C GLU B 74 -25.86 17.02 -8.18
N ASP B 75 -24.86 17.17 -9.05
CA ASP B 75 -23.70 18.00 -8.79
C ASP B 75 -23.68 19.16 -9.79
N ILE B 76 -23.07 20.28 -9.37
CA ILE B 76 -22.94 21.43 -10.24
C ILE B 76 -21.90 21.13 -11.31
N VAL B 77 -21.86 21.96 -12.35
CA VAL B 77 -20.95 21.72 -13.46
C VAL B 77 -19.49 21.72 -12.99
N ALA B 78 -19.18 22.54 -11.98
CA ALA B 78 -17.82 22.56 -11.45
C ALA B 78 -17.45 21.21 -10.85
N VAL B 79 -18.35 20.63 -10.04
CA VAL B 79 -18.09 19.32 -9.45
C VAL B 79 -18.05 18.26 -10.55
N GLN B 80 -18.90 18.39 -11.57
CA GLN B 80 -18.88 17.44 -12.67
C GLN B 80 -17.54 17.48 -13.40
N LYS B 81 -17.04 18.68 -13.70
CA LYS B 81 -15.72 18.81 -14.31
C LYS B 81 -14.64 18.26 -13.39
N ALA B 82 -14.81 18.44 -12.08
CA ALA B 82 -13.85 17.89 -11.13
C ALA B 82 -13.84 16.36 -11.19
N LYS B 83 -15.01 15.75 -11.34
CA LYS B 83 -15.09 14.30 -11.40
C LYS B 83 -14.72 13.77 -12.78
N THR B 84 -15.10 14.48 -13.84
CA THR B 84 -14.72 14.06 -15.19
C THR B 84 -13.21 14.08 -15.35
N LEU B 85 -12.54 15.08 -14.78
CA LEU B 85 -11.09 15.09 -14.76
C LEU B 85 -10.54 13.92 -13.96
N TYR B 86 -11.25 13.51 -12.92
CA TYR B 86 -10.81 12.38 -12.11
C TYR B 86 -10.95 11.07 -12.88
N ARG B 87 -12.06 10.90 -13.59
CA ARG B 87 -12.26 9.67 -14.36
C ARG B 87 -11.26 9.57 -15.52
N SER B 88 -11.01 10.68 -16.21
CA SER B 88 -10.03 10.67 -17.29
C SER B 88 -8.65 10.27 -16.79
N CYS B 89 -8.37 10.54 -15.52
CA CYS B 89 -7.05 10.25 -14.96
C CYS B 89 -6.90 8.79 -14.55
N VAL B 90 -8.01 8.12 -14.21
CA VAL B 90 -7.92 6.75 -13.71
C VAL B 90 -8.04 5.69 -14.81
N ASN B 91 -8.62 6.03 -15.96
CA ASN B 91 -8.78 5.06 -17.04
C ASN B 91 -7.44 4.77 -17.70
N GLU B 92 -6.67 3.84 -17.14
CA GLU B 92 -5.40 3.46 -17.74
C GLU B 92 -5.57 2.73 -19.06
N THR B 93 -6.72 2.10 -19.29
CA THR B 93 -6.94 1.36 -20.53
C THR B 93 -6.94 2.32 -21.73
N ALA B 94 -7.66 3.44 -21.60
CA ALA B 94 -7.68 4.42 -22.68
C ALA B 94 -6.33 5.11 -22.85
N ILE B 95 -5.60 5.31 -21.76
CA ILE B 95 -4.32 6.00 -21.85
C ILE B 95 -3.25 5.11 -22.46
N ASP B 96 -3.28 3.81 -22.13
CA ASP B 96 -2.26 2.89 -22.65
C ASP B 96 -2.40 2.65 -24.15
N SER B 97 -3.56 2.95 -24.74
CA SER B 97 -3.77 2.70 -26.16
C SER B 97 -3.12 3.75 -27.04
N ARG B 98 -3.00 4.99 -26.55
CA ARG B 98 -2.42 6.06 -27.36
C ARG B 98 -0.90 5.98 -27.44
N GLY B 99 -0.25 5.32 -26.49
CA GLY B 99 1.20 5.28 -26.48
C GLY B 99 1.80 6.63 -26.17
N GLY B 100 2.56 7.18 -27.11
CA GLY B 100 3.13 8.50 -26.94
C GLY B 100 2.66 9.47 -28.00
N GLN B 101 1.51 9.16 -28.61
CA GLN B 101 0.98 10.02 -29.66
C GLN B 101 0.52 11.38 -29.14
N PRO B 102 -0.23 11.49 -28.04
CA PRO B 102 -0.64 12.83 -27.57
C PRO B 102 0.53 13.75 -27.27
N LEU B 103 1.69 13.21 -26.88
CA LEU B 103 2.86 14.05 -26.66
C LEU B 103 3.57 14.36 -27.97
N LEU B 104 3.66 13.38 -28.88
CA LEU B 104 4.33 13.60 -30.15
C LEU B 104 3.56 14.52 -31.09
N LYS B 105 2.24 14.62 -30.90
CA LYS B 105 1.43 15.47 -31.78
C LYS B 105 1.57 16.95 -31.46
N LEU B 106 1.95 17.31 -30.23
CA LEU B 106 2.14 18.70 -29.86
C LEU B 106 3.60 19.12 -29.80
N LEU B 107 4.52 18.20 -30.09
CA LEU B 107 5.94 18.57 -30.14
C LEU B 107 6.25 19.61 -31.22
N PRO B 108 5.64 19.60 -32.41
CA PRO B 108 5.85 20.72 -33.34
C PRO B 108 5.51 22.08 -32.76
N ASP B 109 4.64 22.15 -31.74
CA ASP B 109 4.30 23.42 -31.14
C ASP B 109 5.42 23.96 -30.25
N VAL B 110 6.30 23.09 -29.74
CA VAL B 110 7.41 23.51 -28.92
C VAL B 110 8.71 23.37 -29.71
N TYR B 111 8.61 23.56 -31.03
CA TYR B 111 9.74 23.50 -31.96
C TYR B 111 10.39 22.11 -32.00
N GLY B 112 9.70 21.09 -31.50
CA GLY B 112 10.14 19.72 -31.63
C GLY B 112 11.37 19.35 -30.83
N TRP B 113 11.67 18.05 -30.78
CA TRP B 113 12.86 17.53 -30.13
C TRP B 113 13.85 17.09 -31.21
N PRO B 114 15.03 17.71 -31.30
CA PRO B 114 15.93 17.42 -32.42
C PRO B 114 16.39 15.96 -32.49
N VAL B 115 16.43 15.26 -31.36
CA VAL B 115 16.91 13.87 -31.39
C VAL B 115 15.87 12.96 -32.04
N ALA B 116 14.60 13.35 -32.02
CA ALA B 116 13.52 12.52 -32.52
C ALA B 116 12.95 13.02 -33.84
N THR B 117 13.68 13.88 -34.55
CA THR B 117 13.23 14.43 -35.82
C THR B 117 14.16 13.98 -36.93
N GLN B 118 13.57 13.59 -38.06
CA GLN B 118 14.37 13.14 -39.19
C GLN B 118 15.20 14.28 -39.77
N ASN B 119 14.59 15.44 -40.00
CA ASN B 119 15.28 16.62 -40.50
C ASN B 119 14.71 17.83 -39.78
N TRP B 120 15.41 18.27 -38.73
CA TRP B 120 14.92 19.34 -37.87
C TRP B 120 15.31 20.73 -38.36
N GLU B 121 16.45 20.86 -39.05
CA GLU B 121 16.92 22.17 -39.47
C GLU B 121 16.01 22.78 -40.51
N GLN B 122 15.57 21.99 -41.50
CA GLN B 122 14.74 22.54 -42.56
C GLN B 122 13.32 22.83 -42.10
N THR B 123 12.79 22.02 -41.17
CA THR B 123 11.41 22.15 -40.71
C THR B 123 11.26 23.20 -39.61
N TYR B 124 12.15 23.19 -38.61
CA TYR B 124 12.05 24.10 -37.48
C TYR B 124 13.21 25.07 -37.36
N GLY B 125 14.41 24.70 -37.83
CA GLY B 125 15.60 25.50 -37.62
C GLY B 125 15.57 26.87 -38.27
N THR B 126 14.76 27.04 -39.33
CA THR B 126 14.72 28.33 -40.02
C THR B 126 14.01 29.37 -39.17
N SER B 127 12.83 29.05 -38.66
CA SER B 127 12.05 29.97 -37.84
C SER B 127 12.33 29.83 -36.35
N TRP B 128 13.42 29.14 -35.98
CA TRP B 128 13.73 28.94 -34.57
C TRP B 128 14.36 30.19 -33.97
N SER B 129 14.05 30.44 -32.71
CA SER B 129 14.63 31.54 -31.97
C SER B 129 14.57 31.21 -30.48
N ALA B 130 15.65 31.53 -29.76
CA ALA B 130 15.67 31.25 -28.33
C ALA B 130 14.61 32.03 -27.59
N GLU B 131 14.21 33.19 -28.12
CA GLU B 131 13.17 33.98 -27.46
C GLU B 131 11.83 33.26 -27.51
N LYS B 132 11.36 32.90 -28.71
CA LYS B 132 10.07 32.25 -28.85
C LYS B 132 10.07 30.83 -28.33
N SER B 133 11.23 30.17 -28.26
CA SER B 133 11.28 28.81 -27.77
C SER B 133 11.05 28.76 -26.27
N ILE B 134 11.81 29.54 -25.51
CA ILE B 134 11.61 29.59 -24.06
C ILE B 134 10.24 30.15 -23.73
N ALA B 135 9.75 31.10 -24.54
CA ALA B 135 8.44 31.69 -24.28
C ALA B 135 7.32 30.67 -24.47
N GLN B 136 7.44 29.80 -25.47
CA GLN B 136 6.41 28.79 -25.71
C GLN B 136 6.33 27.80 -24.56
N LEU B 137 7.48 27.34 -24.07
CA LEU B 137 7.48 26.43 -22.93
C LEU B 137 6.99 27.11 -21.66
N ASN B 138 7.16 28.42 -21.56
CA ASN B 138 6.74 29.15 -20.36
C ASN B 138 5.25 29.51 -20.43
N SER B 139 4.86 30.26 -21.47
CA SER B 139 3.52 30.82 -21.51
C SER B 139 2.46 29.75 -21.72
N LYS B 140 2.79 28.67 -22.43
CA LYS B 140 1.81 27.65 -22.80
C LYS B 140 1.80 26.45 -21.86
N TYR B 141 2.96 26.03 -21.36
CA TYR B 141 3.06 24.81 -20.56
C TYR B 141 3.68 25.03 -19.18
N GLY B 142 4.09 26.25 -18.85
CA GLY B 142 4.62 26.52 -17.53
C GLY B 142 5.95 25.87 -17.23
N LYS B 143 6.70 25.47 -18.25
CA LYS B 143 8.02 24.88 -18.06
C LYS B 143 9.07 25.99 -18.16
N LYS B 144 9.63 26.36 -17.02
CA LYS B 144 10.64 27.42 -16.96
C LYS B 144 12.00 26.83 -17.27
N VAL B 145 12.55 27.18 -18.43
CA VAL B 145 13.86 26.69 -18.86
C VAL B 145 14.78 27.88 -19.11
N LEU B 146 16.08 27.66 -18.88
CA LEU B 146 17.11 28.67 -19.10
C LEU B 146 16.89 29.92 -18.26
N ILE B 147 15.80 30.64 -18.51
CA ILE B 147 15.44 31.85 -17.78
C ILE B 147 14.05 31.67 -17.20
N ASN B 148 13.90 31.88 -15.90
CA ASN B 148 12.63 31.73 -15.22
C ASN B 148 11.86 33.06 -15.26
N PHE B 149 10.70 33.04 -15.91
CA PHE B 149 9.85 34.22 -16.08
C PHE B 149 8.50 33.92 -15.47
N PHE B 150 8.06 34.74 -14.53
CA PHE B 150 6.75 34.57 -13.94
C PHE B 150 6.31 35.89 -13.32
N VAL B 151 4.99 36.11 -13.32
CA VAL B 151 4.40 37.30 -12.72
C VAL B 151 4.11 37.01 -11.26
N GLY B 152 4.77 37.72 -10.36
CA GLY B 152 4.57 37.54 -8.94
C GLY B 152 4.22 38.83 -8.22
N THR B 153 4.33 38.82 -6.90
CA THR B 153 4.03 40.01 -6.11
C THR B 153 5.28 40.86 -5.93
N ASP B 154 5.11 42.17 -5.96
CA ASP B 154 6.21 43.10 -5.66
C ASP B 154 6.56 42.99 -4.19
N ASP B 155 7.83 42.68 -3.89
CA ASP B 155 8.23 42.51 -2.50
C ASP B 155 8.10 43.81 -1.71
N LYS B 156 8.32 44.95 -2.35
CA LYS B 156 8.22 46.24 -1.68
C LYS B 156 6.88 46.92 -1.91
N ASN B 157 5.99 46.32 -2.72
CA ASN B 157 4.63 46.83 -2.94
C ASN B 157 3.72 45.61 -2.96
N SER B 158 3.24 45.20 -1.77
CA SER B 158 2.43 44.00 -1.66
C SER B 158 1.08 44.11 -2.36
N MET B 159 0.72 45.29 -2.85
CA MET B 159 -0.56 45.49 -3.53
C MET B 159 -0.48 45.30 -5.04
N ASN B 160 0.72 45.31 -5.61
CA ASN B 160 0.90 45.24 -7.06
C ASN B 160 1.60 43.94 -7.45
N HIS B 161 1.37 43.53 -8.69
CA HIS B 161 2.13 42.45 -9.30
C HIS B 161 3.25 43.03 -10.15
N ILE B 162 4.31 42.25 -10.32
CA ILE B 162 5.47 42.68 -11.09
C ILE B 162 6.18 41.45 -11.64
N ILE B 163 6.84 41.63 -12.78
CA ILE B 163 7.55 40.53 -13.42
C ILE B 163 8.78 40.18 -12.59
N HIS B 164 8.99 38.88 -12.35
CA HIS B 164 10.17 38.38 -11.67
C HIS B 164 11.07 37.66 -12.66
N ILE B 165 12.37 37.87 -12.52
CA ILE B 165 13.37 37.15 -13.30
C ILE B 165 14.31 36.45 -12.32
N ASP B 166 14.40 35.13 -12.42
CA ASP B 166 15.18 34.33 -11.50
C ASP B 166 15.81 33.17 -12.25
N GLN B 167 16.72 32.47 -11.56
CA GLN B 167 17.32 31.29 -12.17
C GLN B 167 16.34 30.12 -12.12
N PRO B 168 16.34 29.27 -13.15
CA PRO B 168 15.35 28.19 -13.20
C PRO B 168 15.78 26.99 -12.36
N ARG B 169 14.85 26.05 -12.22
CA ARG B 169 15.14 24.77 -11.58
C ARG B 169 15.91 23.89 -12.56
N LEU B 170 16.14 22.64 -12.17
CA LEU B 170 16.92 21.70 -12.97
C LEU B 170 16.17 20.37 -13.06
N GLY B 171 16.58 19.55 -14.03
CA GLY B 171 15.99 18.23 -14.16
C GLY B 171 16.19 17.39 -12.91
N LEU B 172 17.33 17.53 -12.26
CA LEU B 172 17.62 16.90 -10.98
C LEU B 172 17.12 17.79 -9.85
N PRO B 173 16.94 17.23 -8.64
CA PRO B 173 16.32 18.03 -7.56
C PRO B 173 17.08 19.30 -7.21
N SER B 174 18.41 19.27 -7.18
CA SER B 174 19.19 20.44 -6.82
C SER B 174 20.46 20.48 -7.68
N ARG B 175 21.17 21.60 -7.56
CA ARG B 175 22.44 21.75 -8.29
C ARG B 175 23.53 20.87 -7.72
N ASP B 176 23.39 20.41 -6.48
CA ASP B 176 24.38 19.51 -5.90
C ASP B 176 24.38 18.16 -6.61
N TYR B 177 23.25 17.77 -7.20
CA TYR B 177 23.17 16.49 -7.90
C TYR B 177 24.07 16.45 -9.13
N TYR B 178 24.36 17.60 -9.72
CA TYR B 178 25.15 17.66 -10.94
C TYR B 178 26.65 17.55 -10.69
N GLU B 179 27.06 17.32 -9.43
CA GLU B 179 28.44 16.92 -9.18
C GLU B 179 28.70 15.51 -9.71
N CYS B 180 27.69 14.65 -9.66
CA CYS B 180 27.76 13.29 -10.21
C CYS B 180 28.92 12.49 -9.62
N THR B 181 29.26 12.76 -8.36
CA THR B 181 30.33 12.07 -7.68
C THR B 181 29.86 11.61 -6.30
N GLY B 182 30.22 10.38 -5.94
CA GLY B 182 29.88 9.84 -4.64
C GLY B 182 28.41 9.51 -4.50
N ILE B 183 27.70 10.27 -3.65
CA ILE B 183 26.31 9.97 -3.36
C ILE B 183 25.36 10.32 -4.49
N TYR B 184 25.85 11.00 -5.53
CA TYR B 184 25.04 11.33 -6.70
C TYR B 184 25.44 10.52 -7.93
N LYS B 185 26.11 9.38 -7.73
CA LYS B 185 26.59 8.59 -8.85
C LYS B 185 25.44 7.97 -9.63
N GLU B 186 24.54 7.27 -8.93
CA GLU B 186 23.43 6.61 -9.60
C GLU B 186 22.44 7.61 -10.19
N ALA B 187 22.29 8.77 -9.56
CA ALA B 187 21.31 9.74 -10.02
C ALA B 187 21.64 10.23 -11.42
N CYS B 188 22.89 10.64 -11.65
CA CYS B 188 23.28 11.12 -12.97
C CYS B 188 23.22 10.00 -14.00
N THR B 189 23.58 8.78 -13.61
CA THR B 189 23.51 7.66 -14.53
C THR B 189 22.07 7.34 -14.91
N ALA B 190 21.16 7.36 -13.93
CA ALA B 190 19.75 7.12 -14.22
C ALA B 190 19.10 8.29 -14.94
N TYR B 191 19.66 9.50 -14.81
CA TYR B 191 19.09 10.66 -15.47
C TYR B 191 19.43 10.69 -16.95
N VAL B 192 20.68 10.36 -17.31
CA VAL B 192 21.05 10.29 -18.71
C VAL B 192 20.37 9.10 -19.38
N ASP B 193 20.30 7.97 -18.68
CA ASP B 193 19.57 6.81 -19.21
C ASP B 193 18.09 7.10 -19.34
N PHE B 194 17.56 8.01 -18.51
CA PHE B 194 16.18 8.45 -18.68
C PHE B 194 16.00 9.15 -20.03
N MET B 195 16.97 9.97 -20.42
CA MET B 195 16.93 10.60 -21.74
C MET B 195 17.00 9.56 -22.84
N ILE B 196 17.96 8.64 -22.74
CA ILE B 196 18.18 7.65 -23.79
C ILE B 196 16.98 6.73 -23.92
N ALA B 197 16.44 6.27 -22.78
CA ALA B 197 15.29 5.38 -22.83
C ALA B 197 14.08 6.07 -23.48
N VAL B 198 13.87 7.35 -23.18
CA VAL B 198 12.79 8.09 -23.82
C VAL B 198 13.13 8.38 -25.27
N ALA B 199 14.41 8.64 -25.57
CA ALA B 199 14.82 8.87 -26.94
C ALA B 199 14.66 7.62 -27.81
N LYS B 200 14.89 6.44 -27.23
CA LYS B 200 14.71 5.20 -27.98
C LYS B 200 13.24 4.94 -28.26
N LEU B 201 12.39 5.09 -27.25
CA LEU B 201 10.98 4.73 -27.42
C LEU B 201 10.24 5.73 -28.31
N ILE B 202 10.68 6.99 -28.32
CA ILE B 202 10.00 7.99 -29.14
C ILE B 202 10.26 7.75 -30.62
N ARG B 203 11.52 7.49 -30.98
CA ARG B 203 11.85 7.21 -32.38
C ARG B 203 11.16 5.94 -32.88
N GLN B 204 10.98 4.95 -32.00
CA GLN B 204 10.32 3.71 -32.40
C GLN B 204 8.85 3.95 -32.75
N GLU B 205 8.21 4.91 -32.10
CA GLU B 205 6.79 5.13 -32.32
C GLU B 205 6.52 5.94 -33.59
N GLU B 206 7.48 6.74 -34.03
CA GLU B 206 7.33 7.53 -35.24
C GLU B 206 7.77 6.80 -36.50
N GLY B 207 8.25 5.57 -36.38
CA GLY B 207 8.73 4.82 -37.52
C GLY B 207 10.07 5.25 -38.05
N LEU B 208 10.89 5.91 -37.23
CA LEU B 208 12.21 6.38 -37.62
C LEU B 208 13.28 5.35 -37.25
N PRO B 209 14.38 5.31 -38.00
CA PRO B 209 15.45 4.36 -37.66
C PRO B 209 16.10 4.70 -36.33
N ILE B 210 16.60 3.66 -35.67
CA ILE B 210 17.21 3.79 -34.35
C ILE B 210 18.72 3.85 -34.55
N ASP B 211 19.28 5.04 -34.45
CA ASP B 211 20.73 5.25 -34.54
C ASP B 211 21.25 5.38 -33.12
N GLU B 212 21.57 4.24 -32.51
CA GLU B 212 21.99 4.22 -31.11
C GLU B 212 23.35 4.88 -30.89
N ASN B 213 24.15 5.02 -31.94
CA ASN B 213 25.45 5.68 -31.79
C ASN B 213 25.29 7.17 -31.56
N GLN B 214 24.29 7.79 -32.19
CA GLN B 214 24.08 9.23 -32.04
C GLN B 214 23.39 9.58 -30.74
N ILE B 215 22.49 8.72 -30.26
CA ILE B 215 21.73 9.02 -29.04
C ILE B 215 22.65 9.09 -27.83
N SER B 216 23.60 8.17 -27.73
CA SER B 216 24.50 8.16 -26.57
C SER B 216 25.40 9.39 -26.55
N VAL B 217 25.71 9.95 -27.70
CA VAL B 217 26.59 11.12 -27.77
C VAL B 217 25.80 12.41 -27.69
N GLU B 218 24.61 12.45 -28.32
CA GLU B 218 23.82 13.69 -28.33
C GLU B 218 23.18 13.96 -26.98
N MET B 219 22.77 12.91 -26.26
CA MET B 219 22.14 13.12 -24.96
C MET B 219 23.14 13.52 -23.89
N ASN B 220 24.42 13.18 -24.05
CA ASN B 220 25.44 13.66 -23.13
C ASN B 220 25.72 15.14 -23.31
N LYS B 221 25.44 15.71 -24.49
CA LYS B 221 25.51 17.15 -24.65
C LYS B 221 24.45 17.85 -23.82
N VAL B 222 23.28 17.23 -23.68
CA VAL B 222 22.23 17.78 -22.84
C VAL B 222 22.66 17.77 -21.38
N MET B 223 23.32 16.70 -20.95
CA MET B 223 23.80 16.63 -19.57
C MET B 223 24.98 17.56 -19.34
N GLU B 224 25.89 17.65 -20.31
CA GLU B 224 27.03 18.54 -20.17
C GLU B 224 26.59 19.99 -20.07
N LEU B 225 25.58 20.38 -20.86
CA LEU B 225 25.09 21.75 -20.81
C LEU B 225 24.35 22.03 -19.50
N GLU B 226 23.57 21.06 -19.02
CA GLU B 226 22.79 21.28 -17.81
C GLU B 226 23.67 21.30 -16.57
N LYS B 227 24.81 20.59 -16.60
CA LYS B 227 25.75 20.70 -15.50
C LYS B 227 26.38 22.09 -15.44
N GLU B 228 26.64 22.69 -16.60
CA GLU B 228 27.17 24.05 -16.62
C GLU B 228 26.15 25.06 -16.13
N ILE B 229 24.87 24.83 -16.45
CA ILE B 229 23.82 25.71 -15.96
C ILE B 229 23.66 25.56 -14.46
N ALA B 230 23.75 24.33 -13.95
CA ALA B 230 23.69 24.11 -12.51
C ALA B 230 24.90 24.75 -11.82
N ASN B 231 26.07 24.66 -12.45
CA ASN B 231 27.27 25.28 -11.88
C ASN B 231 27.20 26.79 -11.92
N ALA B 232 26.42 27.35 -12.86
CA ALA B 232 26.26 28.79 -12.95
C ALA B 232 25.22 29.33 -11.99
N THR B 233 24.28 28.50 -11.54
CA THR B 233 23.26 28.96 -10.62
C THR B 233 23.85 29.29 -9.26
N THR B 234 23.12 30.10 -8.51
CA THR B 234 23.53 30.51 -7.17
C THR B 234 23.04 29.51 -6.14
N LYS B 235 23.90 29.20 -5.17
CA LYS B 235 23.54 28.28 -4.10
C LYS B 235 22.36 28.82 -3.30
N SER B 236 21.52 27.90 -2.81
CA SER B 236 20.34 28.30 -2.06
C SER B 236 20.69 28.95 -0.72
N GLU B 237 21.92 28.76 -0.23
CA GLU B 237 22.31 29.41 1.02
C GLU B 237 22.49 30.90 0.85
N ASP B 238 22.89 31.34 -0.34
CA ASP B 238 23.04 32.77 -0.65
C ASP B 238 21.77 33.40 -1.17
N ARG B 239 20.61 32.74 -0.98
CA ARG B 239 19.35 33.26 -1.49
C ARG B 239 18.29 33.31 -0.40
N ASN B 240 18.69 33.34 0.87
CA ASN B 240 17.76 33.41 1.98
C ASN B 240 17.49 34.84 2.44
N ASP B 241 18.27 35.81 1.96
CA ASP B 241 18.08 37.20 2.34
C ASP B 241 17.23 37.88 1.29
N PRO B 242 15.97 38.22 1.58
CA PRO B 242 15.13 38.85 0.54
C PRO B 242 15.59 40.25 0.16
N MET B 243 16.21 40.99 1.09
CA MET B 243 16.70 42.32 0.76
C MET B 243 17.82 42.27 -0.26
N LEU B 244 18.66 41.24 -0.22
CA LEU B 244 19.77 41.13 -1.16
C LEU B 244 19.33 40.62 -2.52
N LEU B 245 18.22 39.89 -2.59
CA LEU B 245 17.76 39.35 -3.87
C LEU B 245 16.95 40.36 -4.67
N TYR B 246 16.41 41.39 -4.03
CA TYR B 246 15.55 42.36 -4.71
C TYR B 246 16.41 43.30 -5.55
N ASN B 247 16.26 43.21 -6.87
CA ASN B 247 16.99 44.08 -7.81
C ASN B 247 15.99 44.50 -8.89
N LYS B 248 15.32 45.64 -8.66
CA LYS B 248 14.36 46.17 -9.63
C LYS B 248 15.08 47.00 -10.67
N MET B 249 14.66 46.85 -11.92
CA MET B 249 15.26 47.55 -13.04
C MET B 249 14.30 47.49 -14.22
N THR B 250 14.56 48.34 -15.21
CA THR B 250 13.72 48.34 -16.40
C THR B 250 14.17 47.25 -17.37
N LEU B 251 13.27 46.91 -18.30
CA LEU B 251 13.60 45.90 -19.30
C LEU B 251 14.78 46.34 -20.16
N ALA B 252 14.85 47.63 -20.49
CA ALA B 252 15.99 48.15 -21.23
C ALA B 252 17.28 48.02 -20.44
N GLN B 253 17.20 48.19 -19.11
CA GLN B 253 18.37 47.97 -18.28
C GLN B 253 18.77 46.50 -18.24
N ILE B 254 17.79 45.60 -18.29
CA ILE B 254 18.10 44.17 -18.36
C ILE B 254 18.82 43.84 -19.65
N GLN B 255 18.40 44.47 -20.76
CA GLN B 255 19.05 44.24 -22.04
C GLN B 255 20.50 44.72 -22.03
N ASN B 256 20.81 45.75 -21.24
CA ASN B 256 22.15 46.31 -21.24
C ASN B 256 23.11 45.45 -20.41
N ASN B 257 22.77 45.17 -19.16
CA ASN B 257 23.69 44.49 -18.26
C ASN B 257 23.62 42.97 -18.33
N PHE B 258 22.51 42.41 -18.84
CA PHE B 258 22.37 40.96 -18.91
C PHE B 258 22.09 40.51 -20.34
N SER B 259 22.98 40.83 -21.27
CA SER B 259 22.81 40.42 -22.65
C SER B 259 23.26 38.99 -22.86
N LEU B 260 22.64 38.33 -23.85
CA LEU B 260 22.97 36.97 -24.20
C LEU B 260 23.11 36.85 -25.71
N GLU B 261 23.94 35.91 -26.15
CA GLU B 261 24.18 35.67 -27.58
C GLU B 261 23.78 34.24 -27.90
N ILE B 262 22.81 34.10 -28.81
CA ILE B 262 22.30 32.80 -29.24
C ILE B 262 22.50 32.68 -30.74
N ASN B 263 23.25 31.66 -31.15
CA ASN B 263 23.51 31.38 -32.57
C ASN B 263 24.19 32.57 -33.24
N GLY B 264 25.15 33.17 -32.55
CA GLY B 264 25.85 34.32 -33.07
C GLY B 264 25.07 35.62 -33.08
N LYS B 265 23.81 35.61 -32.65
CA LYS B 265 22.98 36.80 -32.61
C LYS B 265 22.62 37.17 -31.17
N PRO B 266 22.50 38.46 -30.87
CA PRO B 266 22.19 38.86 -29.50
C PRO B 266 20.75 38.51 -29.13
N PHE B 267 20.58 38.09 -27.87
CA PHE B 267 19.26 37.74 -27.35
C PHE B 267 18.44 39.00 -27.09
N SER B 268 17.17 38.96 -27.44
CA SER B 268 16.26 40.10 -27.29
C SER B 268 15.35 39.85 -26.09
N TRP B 269 15.55 40.64 -25.03
CA TRP B 269 14.72 40.49 -23.84
C TRP B 269 13.30 40.99 -24.09
N SER B 270 13.14 42.08 -24.85
CA SER B 270 11.81 42.58 -25.16
C SER B 270 11.03 41.58 -25.99
N ASN B 271 11.69 40.94 -26.97
CA ASN B 271 11.03 39.93 -27.78
C ASN B 271 10.65 38.72 -26.95
N PHE B 272 11.52 38.30 -26.04
CA PHE B 272 11.23 37.16 -25.18
C PHE B 272 10.09 37.45 -24.22
N THR B 273 10.14 38.60 -23.54
CA THR B 273 9.10 38.92 -22.57
C THR B 273 7.76 39.16 -23.25
N ASN B 274 7.76 39.78 -24.43
CA ASN B 274 6.50 40.03 -25.13
C ASN B 274 5.93 38.75 -25.72
N GLU B 275 6.79 37.83 -26.17
CA GLU B 275 6.30 36.54 -26.64
C GLU B 275 5.61 35.75 -25.53
N ILE B 276 5.90 36.05 -24.27
CA ILE B 276 5.18 35.43 -23.16
C ILE B 276 3.90 36.20 -22.85
N MET B 277 4.01 37.52 -22.70
CA MET B 277 2.89 38.34 -22.28
C MET B 277 1.88 38.61 -23.39
N SER B 278 2.23 38.34 -24.64
CA SER B 278 1.25 38.49 -25.72
C SER B 278 0.12 37.47 -25.59
N THR B 279 0.39 36.34 -24.95
CA THR B 279 -0.64 35.30 -24.81
C THR B 279 -1.79 35.80 -23.95
N VAL B 280 -1.55 36.77 -23.08
CA VAL B 280 -2.60 37.36 -22.25
C VAL B 280 -2.93 38.78 -22.69
N ASN B 281 -2.47 39.19 -23.87
CA ASN B 281 -2.75 40.52 -24.44
C ASN B 281 -2.26 41.62 -23.50
N ILE B 282 -0.96 41.62 -23.25
CA ILE B 282 -0.31 42.64 -22.45
C ILE B 282 1.02 42.99 -23.12
N ASN B 283 1.22 44.26 -23.42
CA ASN B 283 2.46 44.73 -24.03
C ASN B 283 3.46 45.14 -22.96
N ILE B 284 4.72 44.75 -23.15
CA ILE B 284 5.77 45.07 -22.20
C ILE B 284 6.74 46.06 -22.83
N PRO B 285 6.69 47.33 -22.45
CA PRO B 285 7.63 48.32 -23.00
C PRO B 285 9.01 48.18 -22.39
N ASN B 286 9.95 48.96 -22.95
CA ASN B 286 11.33 48.93 -22.45
C ASN B 286 11.46 49.55 -21.08
N GLU B 287 10.51 50.40 -20.66
CA GLU B 287 10.52 51.01 -19.34
C GLU B 287 9.71 50.22 -18.33
N GLU B 288 9.52 48.91 -18.55
CA GLU B 288 8.77 48.07 -17.63
C GLU B 288 9.64 47.69 -16.44
N ASP B 289 9.14 47.95 -15.23
CA ASP B 289 9.88 47.59 -14.02
C ASP B 289 9.85 46.08 -13.83
N VAL B 290 11.03 45.48 -13.70
CA VAL B 290 11.19 44.05 -13.53
C VAL B 290 12.15 43.79 -12.38
N VAL B 291 11.77 42.88 -11.48
CA VAL B 291 12.61 42.52 -10.34
C VAL B 291 13.43 41.29 -10.73
N VAL B 292 14.75 41.43 -10.71
CA VAL B 292 15.67 40.35 -11.04
C VAL B 292 16.22 39.75 -9.75
N TYR B 293 16.07 38.45 -9.60
CA TYR B 293 16.45 37.76 -8.37
C TYR B 293 17.81 37.08 -8.45
N ALA B 294 18.26 36.70 -9.64
CA ALA B 294 19.55 36.02 -9.83
C ALA B 294 20.37 36.80 -10.84
N PRO B 295 20.97 37.93 -10.43
CA PRO B 295 21.81 38.68 -11.37
C PRO B 295 23.12 37.98 -11.68
N GLU B 296 23.71 37.26 -10.71
CA GLU B 296 24.95 36.53 -10.96
C GLU B 296 24.73 35.37 -11.93
N TYR B 297 23.56 34.75 -11.90
CA TYR B 297 23.29 33.63 -12.80
C TYR B 297 23.25 34.10 -14.25
N LEU B 298 22.60 35.24 -14.51
CA LEU B 298 22.52 35.74 -15.88
C LEU B 298 23.87 36.15 -16.43
N ILE B 299 24.77 36.63 -15.56
CA ILE B 299 26.12 36.97 -15.99
C ILE B 299 26.88 35.71 -16.40
N LYS B 300 26.85 34.68 -15.55
CA LYS B 300 27.51 33.43 -15.87
C LYS B 300 26.84 32.70 -17.02
N LEU B 301 25.58 33.04 -17.34
CA LEU B 301 24.87 32.38 -18.41
C LEU B 301 25.34 32.81 -19.79
N LYS B 302 25.94 34.00 -19.92
CA LYS B 302 26.36 34.47 -21.23
C LYS B 302 27.52 33.67 -21.81
N PRO B 303 28.63 33.43 -21.10
CA PRO B 303 29.74 32.68 -21.72
C PRO B 303 29.42 31.20 -21.95
N ILE B 304 28.33 30.69 -21.41
CA ILE B 304 28.00 29.27 -21.54
C ILE B 304 27.13 29.02 -22.76
N LEU B 305 26.05 29.79 -22.92
CA LEU B 305 25.12 29.55 -24.01
C LEU B 305 25.70 29.89 -25.38
N THR B 306 26.77 30.68 -25.43
CA THR B 306 27.42 31.01 -26.70
C THR B 306 28.24 29.86 -27.26
N LYS B 307 28.45 28.80 -26.48
CA LYS B 307 29.26 27.66 -26.89
C LYS B 307 28.41 26.51 -27.44
N TYR B 308 27.10 26.69 -27.56
CA TYR B 308 26.22 25.62 -27.99
C TYR B 308 25.35 26.11 -29.14
N SER B 309 24.98 25.17 -30.02
CA SER B 309 24.19 25.47 -31.20
C SER B 309 22.71 25.49 -30.85
N PRO B 310 21.87 26.04 -31.74
CA PRO B 310 20.42 25.97 -31.49
C PRO B 310 19.89 24.56 -31.34
N ARG B 311 20.47 23.58 -32.03
CA ARG B 311 20.05 22.21 -31.87
C ARG B 311 20.37 21.70 -30.47
N ASP B 312 21.54 22.05 -29.93
CA ASP B 312 21.89 21.64 -28.58
C ASP B 312 21.02 22.32 -27.53
N LEU B 313 20.57 23.55 -27.82
CA LEU B 313 19.71 24.26 -26.86
C LEU B 313 18.31 23.68 -26.85
N GLN B 314 17.77 23.34 -28.02
CA GLN B 314 16.42 22.79 -28.07
C GLN B 314 16.36 21.38 -27.49
N ASN B 315 17.48 20.65 -27.52
CA ASN B 315 17.50 19.32 -26.93
C ASN B 315 17.33 19.38 -25.42
N LEU B 316 17.90 20.40 -24.77
CA LEU B 316 17.75 20.54 -23.33
C LEU B 316 16.39 21.13 -22.97
N MET B 317 15.93 22.13 -23.72
CA MET B 317 14.65 22.76 -23.41
C MET B 317 13.49 21.81 -23.64
N SER B 318 13.58 20.97 -24.68
CA SER B 318 12.50 20.03 -24.94
C SER B 318 12.53 18.85 -23.98
N TRP B 319 13.73 18.43 -23.55
CA TRP B 319 13.82 17.33 -22.60
C TRP B 319 13.16 17.66 -21.28
N ARG B 320 13.38 18.88 -20.78
CA ARG B 320 12.71 19.32 -19.55
C ARG B 320 11.20 19.35 -19.74
N PHE B 321 10.73 19.60 -20.97
CA PHE B 321 9.30 19.60 -21.25
C PHE B 321 8.73 18.19 -21.35
N ILE B 322 9.55 17.22 -21.75
CA ILE B 322 9.06 15.86 -21.96
C ILE B 322 9.19 15.02 -20.69
N MET B 323 10.26 15.21 -19.91
CA MET B 323 10.48 14.39 -18.72
C MET B 323 9.35 14.50 -17.71
N ASP B 324 8.60 15.60 -17.73
CA ASP B 324 7.44 15.76 -16.84
C ASP B 324 6.14 15.32 -17.49
N LEU B 325 6.20 14.68 -18.66
CA LEU B 325 5.00 14.26 -19.37
C LEU B 325 4.99 12.79 -19.74
N VAL B 326 6.11 12.08 -19.64
CA VAL B 326 6.12 10.65 -19.96
C VAL B 326 5.30 9.85 -18.96
N SER B 327 5.11 10.37 -17.75
CA SER B 327 4.31 9.70 -16.74
C SER B 327 2.81 9.83 -16.99
N SER B 328 2.40 10.54 -18.04
CA SER B 328 1.00 10.70 -18.40
C SER B 328 0.66 10.01 -19.71
N LEU B 329 1.55 9.16 -20.24
CA LEU B 329 1.37 8.42 -21.46
C LEU B 329 1.07 6.96 -21.14
N SER B 330 1.40 6.06 -22.06
CA SER B 330 1.12 4.64 -21.86
C SER B 330 2.09 4.04 -20.85
N ARG B 331 1.85 2.77 -20.51
CA ARG B 331 2.72 2.08 -19.57
C ARG B 331 4.14 1.95 -20.12
N THR B 332 4.29 1.89 -21.44
CA THR B 332 5.62 1.81 -22.02
C THR B 332 6.43 3.08 -21.77
N TYR B 333 5.76 4.22 -21.62
CA TYR B 333 6.43 5.46 -21.29
C TYR B 333 6.45 5.75 -19.80
N LYS B 334 5.54 5.15 -19.02
CA LYS B 334 5.55 5.35 -17.58
C LYS B 334 6.75 4.68 -16.93
N ASP B 335 7.02 3.43 -17.31
CA ASP B 335 8.09 2.66 -16.66
C ASP B 335 9.48 3.12 -17.06
N SER B 336 9.61 3.99 -18.06
CA SER B 336 10.92 4.53 -18.40
C SER B 336 11.45 5.47 -17.33
N ARG B 337 10.59 5.92 -16.42
CA ARG B 337 10.96 6.81 -15.33
C ARG B 337 11.24 6.07 -14.03
N ASN B 338 11.04 4.74 -14.02
CA ASN B 338 11.20 3.98 -12.78
C ASN B 338 12.63 4.07 -12.25
N ALA B 339 13.62 3.87 -13.12
CA ALA B 339 15.01 3.96 -12.70
C ALA B 339 15.35 5.38 -12.24
N PHE B 340 14.78 6.38 -12.92
CA PHE B 340 15.01 7.77 -12.52
C PHE B 340 14.27 8.10 -11.24
N ARG B 341 13.05 7.57 -11.08
CA ARG B 341 12.30 7.82 -9.85
C ARG B 341 12.92 7.08 -8.67
N LYS B 342 13.44 5.88 -8.90
CA LYS B 342 14.07 5.13 -7.82
C LYS B 342 15.35 5.79 -7.35
N ALA B 343 16.06 6.49 -8.25
CA ALA B 343 17.30 7.14 -7.85
C ALA B 343 17.05 8.37 -6.99
N LEU B 344 15.91 9.04 -7.19
CA LEU B 344 15.60 10.27 -6.45
C LEU B 344 14.72 10.04 -5.24
N TYR B 345 13.92 8.97 -5.22
CA TYR B 345 12.99 8.72 -4.12
C TYR B 345 13.07 7.31 -3.54
N GLY B 346 13.69 6.36 -4.22
CA GLY B 346 13.79 5.00 -3.71
C GLY B 346 12.52 4.18 -3.82
N THR B 347 11.47 4.70 -4.44
CA THR B 347 10.21 3.97 -4.55
C THR B 347 10.28 3.01 -5.74
N THR B 348 9.91 1.76 -5.49
CA THR B 348 9.94 0.75 -6.55
C THR B 348 8.79 0.94 -7.53
N SER B 349 7.62 1.31 -7.03
CA SER B 349 6.44 1.49 -7.86
C SER B 349 5.82 2.85 -7.57
N GLU B 350 5.17 3.42 -8.58
CA GLU B 350 4.44 4.65 -8.41
C GLU B 350 3.24 4.43 -7.48
N SER B 351 2.79 5.50 -6.84
CA SER B 351 1.67 5.43 -5.92
C SER B 351 0.40 5.00 -6.66
N ALA B 352 -0.66 4.79 -5.89
CA ALA B 352 -1.93 4.36 -6.46
C ALA B 352 -2.42 5.37 -7.48
N THR B 353 -3.05 4.88 -8.54
CA THR B 353 -3.57 5.76 -9.57
C THR B 353 -4.63 6.69 -9.00
N TRP B 354 -5.58 6.15 -8.24
CA TRP B 354 -6.61 6.99 -7.64
C TRP B 354 -6.00 7.98 -6.64
N ARG B 355 -4.88 7.62 -6.02
CA ARG B 355 -4.22 8.56 -5.12
C ARG B 355 -3.58 9.71 -5.88
N ARG B 356 -2.91 9.42 -7.00
CA ARG B 356 -2.36 10.48 -7.83
C ARG B 356 -3.46 11.38 -8.39
N CYS B 357 -4.52 10.77 -8.90
CA CYS B 357 -5.63 11.54 -9.46
C CYS B 357 -6.33 12.37 -8.39
N ALA B 358 -6.37 11.86 -7.15
CA ALA B 358 -6.97 12.64 -6.07
C ALA B 358 -6.14 13.87 -5.76
N ASN B 359 -4.82 13.76 -5.84
CA ASN B 359 -3.96 14.92 -5.59
C ASN B 359 -3.95 15.87 -6.78
N TYR B 360 -3.99 15.32 -8.01
CA TYR B 360 -3.97 16.19 -9.19
C TYR B 360 -5.24 17.01 -9.30
N VAL B 361 -6.40 16.40 -9.06
CA VAL B 361 -7.65 17.15 -9.09
C VAL B 361 -7.69 18.15 -7.94
N ASN B 362 -7.12 17.80 -6.79
CA ASN B 362 -7.05 18.72 -5.68
C ASN B 362 -6.06 19.85 -5.93
N GLY B 363 -5.12 19.65 -6.86
CA GLY B 363 -4.13 20.68 -7.16
C GLY B 363 -4.59 21.68 -8.21
N ASN B 364 -5.39 21.21 -9.17
CA ASN B 364 -5.86 22.09 -10.24
C ASN B 364 -7.27 22.61 -10.02
N MET B 365 -8.03 22.01 -9.09
CA MET B 365 -9.37 22.48 -8.74
C MET B 365 -9.51 22.48 -7.23
N GLU B 366 -8.70 23.30 -6.56
CA GLU B 366 -8.65 23.31 -5.11
C GLU B 366 -9.93 23.86 -4.47
N ASN B 367 -10.69 24.67 -5.20
CA ASN B 367 -11.92 25.21 -4.63
C ASN B 367 -13.08 24.22 -4.72
N ALA B 368 -13.09 23.38 -5.76
CA ALA B 368 -14.15 22.39 -5.89
C ALA B 368 -13.88 21.16 -5.02
N VAL B 369 -12.63 20.71 -4.97
CA VAL B 369 -12.28 19.58 -4.12
C VAL B 369 -12.47 19.95 -2.65
N GLY B 370 -12.08 21.17 -2.27
CA GLY B 370 -12.30 21.62 -0.91
C GLY B 370 -13.77 21.73 -0.56
N ARG B 371 -14.61 21.96 -1.56
CA ARG B 371 -16.05 22.01 -1.32
C ARG B 371 -16.59 20.66 -0.88
N LEU B 372 -16.18 19.59 -1.59
CA LEU B 372 -16.65 18.25 -1.23
C LEU B 372 -16.03 17.77 0.07
N TYR B 373 -14.80 18.20 0.37
CA TYR B 373 -14.11 17.69 1.55
C TYR B 373 -14.72 18.26 2.83
N VAL B 374 -14.99 19.57 2.85
CA VAL B 374 -15.50 20.18 4.08
C VAL B 374 -16.93 19.74 4.36
N GLU B 375 -17.68 19.37 3.32
CA GLU B 375 -19.05 18.89 3.51
C GLU B 375 -19.10 17.44 3.95
N ALA B 376 -17.98 16.71 3.89
CA ALA B 376 -17.97 15.29 4.20
C ALA B 376 -16.98 14.91 5.29
N ALA B 377 -16.24 15.85 5.85
CA ALA B 377 -15.21 15.51 6.83
C ALA B 377 -15.01 16.60 7.88
N PHE B 378 -15.22 17.85 7.51
CA PHE B 378 -14.93 18.98 8.38
C PHE B 378 -16.18 19.41 9.14
N ALA B 379 -16.06 19.53 10.45
CA ALA B 379 -17.16 19.97 11.30
C ALA B 379 -17.14 21.48 11.44
N GLY B 380 -18.32 22.09 11.36
CA GLY B 380 -18.42 23.54 11.39
C GLY B 380 -18.16 24.16 12.74
N GLU B 381 -18.23 23.37 13.81
CA GLU B 381 -18.05 23.89 15.16
C GLU B 381 -16.59 24.16 15.50
N SER B 382 -15.65 23.82 14.61
CA SER B 382 -14.23 24.00 14.87
C SER B 382 -13.74 25.42 14.59
N LYS B 383 -14.61 26.30 14.09
CA LYS B 383 -14.15 27.63 13.70
C LYS B 383 -13.84 28.49 14.91
N HIS B 384 -14.82 28.65 15.81
CA HIS B 384 -14.64 29.56 16.94
C HIS B 384 -13.58 29.06 17.91
N VAL B 385 -13.34 27.75 17.96
CA VAL B 385 -12.35 27.22 18.88
C VAL B 385 -10.94 27.53 18.39
N VAL B 386 -10.69 27.31 17.10
CA VAL B 386 -9.38 27.64 16.55
C VAL B 386 -9.18 29.15 16.51
N GLU B 387 -10.24 29.91 16.28
CA GLU B 387 -10.15 31.37 16.35
C GLU B 387 -9.69 31.83 17.72
N ASP B 388 -10.23 31.22 18.78
CA ASP B 388 -9.82 31.59 20.13
C ASP B 388 -8.42 31.10 20.44
N LEU B 389 -8.03 29.94 19.91
CA LEU B 389 -6.68 29.43 20.15
C LEU B 389 -5.63 30.33 19.52
N ILE B 390 -5.90 30.87 18.33
CA ILE B 390 -4.96 31.79 17.70
C ILE B 390 -4.81 33.06 18.53
N ALA B 391 -5.94 33.62 18.98
CA ALA B 391 -5.87 34.84 19.78
C ALA B 391 -5.09 34.62 21.08
N GLN B 392 -5.21 33.43 21.66
CA GLN B 392 -4.43 33.12 22.85
C GLN B 392 -2.95 33.06 22.54
N ILE B 393 -2.58 32.35 21.47
CA ILE B 393 -1.18 32.22 21.10
C ILE B 393 -0.63 33.53 20.54
N ARG B 394 -1.46 34.29 19.82
CA ARG B 394 -1.05 35.61 19.37
C ARG B 394 -0.68 36.49 20.55
N GLU B 395 -1.53 36.48 21.59
CA GLU B 395 -1.23 37.25 22.80
C GLU B 395 -0.02 36.71 23.53
N VAL B 396 0.22 35.40 23.43
CA VAL B 396 1.40 34.81 24.07
C VAL B 396 2.68 35.37 23.44
N PHE B 397 2.72 35.43 22.12
CA PHE B 397 3.89 35.98 21.45
C PHE B 397 4.10 37.45 21.79
N ILE B 398 3.00 38.21 21.98
CA ILE B 398 3.12 39.61 22.35
C ILE B 398 3.69 39.75 23.75
N GLN B 399 3.23 38.92 24.69
CA GLN B 399 3.75 38.99 26.05
C GLN B 399 5.16 38.44 26.15
N THR B 400 5.54 37.55 25.23
CA THR B 400 6.89 36.97 25.27
C THR B 400 7.95 37.95 24.82
N LEU B 401 7.57 39.02 24.12
CA LEU B 401 8.56 39.97 23.60
C LEU B 401 9.32 40.63 24.74
N ASP B 402 8.63 41.06 25.80
CA ASP B 402 9.28 41.71 26.92
C ASP B 402 10.25 40.78 27.66
N ASP B 403 10.03 39.46 27.56
CA ASP B 403 10.94 38.51 28.19
C ASP B 403 12.20 38.27 27.38
N LEU B 404 12.21 38.64 26.10
CA LEU B 404 13.37 38.45 25.25
C LEU B 404 14.36 39.60 25.43
N THR B 405 15.61 39.25 25.73
CA THR B 405 16.63 40.23 26.07
C THR B 405 17.51 40.62 24.88
N TRP B 406 17.30 40.02 23.72
CA TRP B 406 18.13 40.30 22.55
C TRP B 406 17.51 41.34 21.62
N MET B 407 16.51 42.08 22.08
CA MET B 407 15.88 43.14 21.30
C MET B 407 15.74 44.39 22.15
N ASP B 408 15.81 45.55 21.49
CA ASP B 408 15.65 46.82 22.17
C ASP B 408 14.17 47.19 22.24
N ALA B 409 13.88 48.34 22.86
CA ALA B 409 12.49 48.72 23.09
C ALA B 409 11.79 49.11 21.81
N GLU B 410 12.49 49.82 20.92
CA GLU B 410 11.85 50.31 19.70
C GLU B 410 11.53 49.19 18.73
N THR B 411 12.40 48.17 18.67
CA THR B 411 12.12 47.05 17.78
C THR B 411 10.90 46.26 18.24
N LYS B 412 10.77 46.03 19.56
CA LYS B 412 9.61 45.35 20.09
C LYS B 412 8.33 46.17 19.93
N LYS B 413 8.44 47.49 19.80
CA LYS B 413 7.25 48.32 19.68
C LYS B 413 6.46 48.01 18.42
N LYS B 414 7.17 47.82 17.30
CA LYS B 414 6.50 47.50 16.05
C LYS B 414 6.57 46.02 15.70
N ALA B 415 7.43 45.25 16.37
CA ALA B 415 7.31 43.80 16.26
C ALA B 415 5.99 43.31 16.82
N GLU B 416 5.49 43.99 17.86
CA GLU B 416 4.14 43.73 18.36
C GLU B 416 3.09 44.21 17.37
N GLU B 417 3.38 45.30 16.65
CA GLU B 417 2.41 45.82 15.69
C GLU B 417 2.22 44.87 14.51
N LYS B 418 3.30 44.22 14.07
CA LYS B 418 3.17 43.21 13.03
C LYS B 418 2.38 42.00 13.52
N ALA B 419 2.65 41.56 14.76
CA ALA B 419 1.88 40.46 15.33
C ALA B 419 0.42 40.84 15.52
N LEU B 420 0.14 42.10 15.85
CA LEU B 420 -1.24 42.55 15.97
C LEU B 420 -1.93 42.63 14.61
N ALA B 421 -1.16 42.83 13.54
CA ALA B 421 -1.71 42.96 12.20
C ALA B 421 -1.81 41.64 11.45
N ILE B 422 -1.46 40.53 12.09
CA ILE B 422 -1.57 39.22 11.44
C ILE B 422 -3.03 38.85 11.28
N LYS B 423 -3.45 38.63 10.04
CA LYS B 423 -4.78 38.12 9.76
C LYS B 423 -4.75 36.59 9.70
N GLU B 424 -5.93 35.99 9.82
CA GLU B 424 -6.03 34.54 9.94
C GLU B 424 -7.02 33.99 8.92
N ARG B 425 -6.72 32.79 8.44
CA ARG B 425 -7.58 32.05 7.52
C ARG B 425 -7.78 30.65 8.10
N ILE B 426 -9.01 30.34 8.48
CA ILE B 426 -9.32 29.09 9.18
C ILE B 426 -10.36 28.32 8.38
N GLY B 427 -10.08 27.04 8.14
CA GLY B 427 -11.06 26.17 7.51
C GLY B 427 -11.08 26.26 6.00
N TYR B 428 -11.99 27.07 5.45
CA TYR B 428 -12.19 27.13 4.02
C TYR B 428 -12.89 28.44 3.68
N PRO B 429 -12.74 28.95 2.47
CA PRO B 429 -13.51 30.13 2.07
C PRO B 429 -14.99 29.77 1.91
N ASP B 430 -15.85 30.60 2.50
CA ASP B 430 -17.28 30.29 2.54
C ASP B 430 -17.93 30.31 1.16
N ASP B 431 -17.34 31.03 0.19
CA ASP B 431 -17.98 31.18 -1.12
C ASP B 431 -17.93 29.91 -1.96
N ILE B 432 -17.14 28.90 -1.57
CA ILE B 432 -17.07 27.67 -2.35
C ILE B 432 -18.21 26.72 -2.04
N VAL B 433 -19.05 27.05 -1.06
CA VAL B 433 -20.20 26.22 -0.68
C VAL B 433 -21.52 26.96 -0.89
N SER B 434 -21.55 28.27 -0.62
CA SER B 434 -22.77 29.05 -0.69
C SER B 434 -23.03 29.67 -2.05
N ASN B 435 -22.02 29.75 -2.91
CA ASN B 435 -22.16 30.36 -4.23
C ASN B 435 -21.74 29.34 -5.28
N ASP B 436 -22.70 28.58 -5.80
CA ASP B 436 -22.40 27.59 -6.83
C ASP B 436 -22.14 28.24 -8.18
N ASN B 437 -22.75 29.41 -8.43
CA ASN B 437 -22.53 30.10 -9.70
C ASN B 437 -21.10 30.60 -9.82
N LYS B 438 -20.58 31.20 -8.75
CA LYS B 438 -19.20 31.68 -8.76
C LYS B 438 -18.22 30.52 -8.96
N LEU B 439 -18.49 29.38 -8.33
CA LEU B 439 -17.62 28.23 -8.49
C LEU B 439 -17.71 27.67 -9.90
N ASN B 440 -18.91 27.68 -10.50
CA ASN B 440 -19.07 27.20 -11.86
C ASN B 440 -18.33 28.10 -12.85
N ASN B 441 -18.43 29.41 -12.66
CA ASN B 441 -17.75 30.34 -13.56
C ASN B 441 -16.23 30.30 -13.39
N GLU B 442 -15.75 29.90 -12.22
CA GLU B 442 -14.30 29.81 -12.02
C GLU B 442 -13.68 28.79 -12.96
N TYR B 443 -14.37 27.68 -13.21
CA TYR B 443 -13.89 26.64 -14.11
C TYR B 443 -14.70 26.61 -15.41
N LEU B 444 -15.23 27.77 -15.83
CA LEU B 444 -16.09 27.82 -17.01
C LEU B 444 -15.30 27.51 -18.28
N GLU B 445 -14.12 28.11 -18.42
CA GLU B 445 -13.32 27.91 -19.61
C GLU B 445 -12.67 26.54 -19.67
N LEU B 446 -12.86 25.70 -18.66
CA LEU B 446 -12.30 24.36 -18.65
C LEU B 446 -13.26 23.38 -19.34
N ASN B 447 -12.71 22.53 -20.20
CA ASN B 447 -13.48 21.55 -20.95
C ASN B 447 -12.72 20.23 -20.95
N TYR B 448 -13.16 19.29 -20.12
CA TYR B 448 -12.49 18.01 -19.96
C TYR B 448 -13.18 16.93 -20.78
N LYS B 449 -12.37 16.03 -21.33
CA LYS B 449 -12.85 14.88 -22.07
C LYS B 449 -12.58 13.60 -21.28
N GLU B 450 -13.51 12.64 -21.37
CA GLU B 450 -13.41 11.44 -20.56
C GLU B 450 -12.22 10.57 -20.95
N ASP B 451 -11.96 10.45 -22.26
CA ASP B 451 -10.89 9.58 -22.74
C ASP B 451 -9.68 10.37 -23.25
N GLU B 452 -9.62 11.67 -22.99
CA GLU B 452 -8.51 12.51 -23.40
C GLU B 452 -7.88 13.14 -22.16
N TYR B 453 -7.18 12.32 -21.37
CA TYR B 453 -6.54 12.84 -20.17
C TYR B 453 -5.36 13.73 -20.51
N PHE B 454 -4.58 13.36 -21.52
CA PHE B 454 -3.42 14.17 -21.88
C PHE B 454 -3.83 15.54 -22.39
N GLU B 455 -4.99 15.63 -23.06
CA GLU B 455 -5.49 16.93 -23.50
C GLU B 455 -6.09 17.73 -22.35
N ASN B 456 -6.35 17.09 -21.21
CA ASN B 456 -6.86 17.81 -20.05
C ASN B 456 -5.74 18.38 -19.18
N ILE B 457 -4.59 17.70 -19.10
CA ILE B 457 -3.48 18.26 -18.35
C ILE B 457 -2.82 19.39 -19.14
N ILE B 458 -2.82 19.29 -20.48
CA ILE B 458 -2.32 20.38 -21.30
C ILE B 458 -3.23 21.60 -21.18
N GLN B 459 -4.54 21.36 -21.13
CA GLN B 459 -5.48 22.45 -20.90
C GLN B 459 -5.29 23.06 -19.51
N ASN B 460 -4.93 22.25 -18.52
CA ASN B 460 -4.67 22.77 -17.18
C ASN B 460 -3.37 23.57 -17.14
N LEU B 461 -2.37 23.15 -17.92
CA LEU B 461 -1.12 23.91 -17.98
C LEU B 461 -1.36 25.28 -18.61
N LYS B 462 -2.08 25.32 -19.73
CA LYS B 462 -2.37 26.59 -20.39
C LYS B 462 -3.26 27.47 -19.51
N PHE B 463 -4.19 26.87 -18.78
CA PHE B 463 -5.09 27.64 -17.93
C PHE B 463 -4.35 28.21 -16.72
N SER B 464 -3.36 27.48 -16.20
CA SER B 464 -2.64 27.94 -15.02
C SER B 464 -1.76 29.14 -15.34
N GLN B 465 -1.04 29.09 -16.46
CA GLN B 465 -0.18 30.21 -16.85
C GLN B 465 -1.01 31.41 -17.30
N SER B 466 -2.09 31.16 -18.03
CA SER B 466 -2.94 32.26 -18.47
C SER B 466 -3.54 33.00 -17.27
N LYS B 467 -3.97 32.27 -16.25
CA LYS B 467 -4.54 32.91 -15.07
C LYS B 467 -3.50 33.73 -14.33
N GLN B 468 -2.25 33.24 -14.27
CA GLN B 468 -1.22 33.91 -13.49
C GLN B 468 -0.68 35.14 -14.19
N LEU B 469 -0.44 35.04 -15.51
CA LEU B 469 0.15 36.16 -16.24
C LEU B 469 -0.81 37.35 -16.33
N LYS B 470 -2.12 37.11 -16.29
CA LYS B 470 -3.08 38.19 -16.43
C LYS B 470 -3.14 39.12 -15.21
N LYS B 471 -2.45 38.78 -14.13
CA LYS B 471 -2.49 39.59 -12.92
C LYS B 471 -1.46 40.71 -12.90
N LEU B 472 -0.67 40.85 -13.97
CA LEU B 472 0.42 41.83 -13.96
C LEU B 472 -0.10 43.25 -13.77
N ARG B 473 -1.17 43.61 -14.46
CA ARG B 473 -1.76 44.94 -14.32
C ARG B 473 -2.81 45.01 -13.24
N GLU B 474 -3.21 43.87 -12.66
CA GLU B 474 -4.24 43.82 -11.64
C GLU B 474 -3.62 43.80 -10.25
N LYS B 475 -4.37 44.30 -9.27
CA LYS B 475 -3.90 44.35 -7.90
C LYS B 475 -4.01 42.98 -7.25
N VAL B 476 -3.34 42.83 -6.10
CA VAL B 476 -3.33 41.56 -5.39
C VAL B 476 -4.67 41.35 -4.71
N ASP B 477 -5.31 40.22 -4.99
CA ASP B 477 -6.60 39.90 -4.40
C ASP B 477 -6.44 39.70 -2.90
N LYS B 478 -7.17 40.50 -2.11
CA LYS B 478 -7.04 40.45 -0.67
C LYS B 478 -7.78 39.27 -0.05
N ASP B 479 -8.85 38.80 -0.68
CA ASP B 479 -9.62 37.68 -0.17
C ASP B 479 -9.18 36.34 -0.74
N GLU B 480 -8.15 36.32 -1.58
CA GLU B 480 -7.73 35.08 -2.23
C GLU B 480 -7.04 34.15 -1.24
N TRP B 481 -7.46 32.89 -1.24
CA TRP B 481 -6.85 31.88 -0.38
C TRP B 481 -5.59 31.33 -1.04
N ILE B 482 -4.51 31.21 -0.28
CA ILE B 482 -3.26 30.71 -0.81
C ILE B 482 -3.20 29.19 -0.88
N THR B 483 -4.25 28.51 -0.44
CA THR B 483 -4.27 27.05 -0.46
C THR B 483 -5.72 26.57 -0.39
N GLY B 484 -5.92 25.32 -0.78
CA GLY B 484 -7.22 24.71 -0.64
C GLY B 484 -7.47 24.19 0.77
N ALA B 485 -8.72 23.80 1.02
CA ALA B 485 -9.09 23.30 2.34
C ALA B 485 -8.64 21.86 2.55
N ALA B 486 -8.48 21.09 1.47
CA ALA B 486 -8.11 19.69 1.56
C ALA B 486 -6.59 19.53 1.51
N ILE B 487 -5.93 20.16 2.47
CA ILE B 487 -4.47 20.12 2.59
C ILE B 487 -4.11 19.91 4.06
N VAL B 488 -3.32 18.89 4.34
CA VAL B 488 -2.86 18.61 5.71
C VAL B 488 -1.54 19.36 5.88
N ASN B 489 -1.65 20.66 6.16
CA ASN B 489 -0.48 21.52 6.29
C ASN B 489 -0.94 22.83 6.90
N ALA B 490 0.03 23.74 7.10
CA ALA B 490 -0.23 25.10 7.54
C ALA B 490 0.73 26.03 6.82
N PHE B 491 0.32 27.29 6.67
CA PHE B 491 1.07 28.22 5.84
C PHE B 491 1.15 29.59 6.48
N TYR B 492 2.17 30.34 6.09
CA TYR B 492 2.29 31.75 6.40
C TYR B 492 2.69 32.49 5.13
N SER B 493 2.10 33.67 4.93
CA SER B 493 2.36 34.49 3.76
C SER B 493 3.13 35.73 4.21
N SER B 494 4.34 35.91 3.69
CA SER B 494 5.11 37.10 4.04
C SER B 494 4.54 38.34 3.37
N GLY B 495 4.11 38.21 2.11
CA GLY B 495 3.56 39.35 1.39
C GLY B 495 2.17 39.76 1.85
N ARG B 496 1.42 38.84 2.44
CA ARG B 496 0.10 39.14 2.97
C ARG B 496 0.06 39.26 4.49
N ASN B 497 1.09 38.78 5.18
CA ASN B 497 1.15 38.79 6.65
C ASN B 497 -0.08 38.11 7.26
N GLN B 498 -0.36 36.89 6.78
CA GLN B 498 -1.48 36.13 7.28
C GLN B 498 -1.05 34.69 7.51
N ILE B 499 -1.76 34.02 8.41
CA ILE B 499 -1.56 32.61 8.70
C ILE B 499 -2.80 31.85 8.26
N VAL B 500 -2.60 30.74 7.56
CA VAL B 500 -3.70 29.95 7.00
C VAL B 500 -3.62 28.55 7.58
N PHE B 501 -4.74 28.09 8.15
CA PHE B 501 -4.87 26.74 8.70
C PHE B 501 -6.04 26.06 8.00
N PRO B 502 -5.78 25.34 6.92
CA PRO B 502 -6.87 24.66 6.20
C PRO B 502 -7.49 23.55 7.05
N ALA B 503 -8.65 23.08 6.58
CA ALA B 503 -9.39 22.07 7.32
C ALA B 503 -8.63 20.75 7.41
N GLY B 504 -7.72 20.48 6.46
CA GLY B 504 -7.00 19.22 6.45
C GLY B 504 -6.09 19.02 7.65
N ILE B 505 -5.72 20.10 8.33
CA ILE B 505 -4.85 19.99 9.51
C ILE B 505 -5.62 20.16 10.82
N LEU B 506 -6.89 20.56 10.76
CA LEU B 506 -7.70 20.75 11.96
C LEU B 506 -8.41 19.45 12.34
N GLN B 507 -7.59 18.42 12.56
CA GLN B 507 -8.07 17.09 12.91
C GLN B 507 -7.03 16.45 13.81
N PRO B 508 -7.38 15.35 14.51
CA PRO B 508 -6.39 14.64 15.31
C PRO B 508 -5.19 14.20 14.49
N PRO B 509 -3.99 14.18 15.10
CA PRO B 509 -3.74 14.49 16.50
C PRO B 509 -3.56 15.98 16.78
N PHE B 510 -3.83 16.84 15.79
CA PHE B 510 -3.59 18.27 15.97
C PHE B 510 -4.69 18.91 16.82
N PHE B 511 -5.94 18.76 16.42
CA PHE B 511 -7.04 19.37 17.15
C PHE B 511 -8.27 18.49 17.05
N SER B 512 -8.99 18.40 18.17
CA SER B 512 -10.26 17.69 18.23
C SER B 512 -11.01 18.15 19.47
N ALA B 513 -12.31 18.38 19.33
CA ALA B 513 -13.13 18.74 20.48
C ALA B 513 -13.24 17.60 21.48
N GLN B 514 -12.91 16.38 21.06
CA GLN B 514 -13.01 15.19 21.90
C GLN B 514 -11.67 14.74 22.45
N GLN B 515 -10.60 15.50 22.23
CA GLN B 515 -9.30 15.17 22.78
C GLN B 515 -8.89 16.23 23.81
N SER B 516 -7.95 15.85 24.68
CA SER B 516 -7.58 16.68 25.81
C SER B 516 -6.95 17.99 25.35
N ASN B 517 -7.06 19.01 26.21
CA ASN B 517 -6.46 20.31 25.89
C ASN B 517 -4.94 20.23 25.85
N SER B 518 -4.35 19.33 26.64
CA SER B 518 -2.90 19.14 26.57
C SER B 518 -2.47 18.64 25.20
N LEU B 519 -3.36 17.93 24.51
CA LEU B 519 -3.04 17.45 23.17
C LEU B 519 -3.35 18.50 22.11
N ASN B 520 -4.38 19.32 22.31
CA ASN B 520 -4.69 20.38 21.37
C ASN B 520 -3.57 21.41 21.32
N TYR B 521 -3.13 21.90 22.47
CA TYR B 521 -2.01 22.83 22.50
C TYR B 521 -0.71 22.18 22.06
N GLY B 522 -0.53 20.89 22.36
CA GLY B 522 0.65 20.19 21.90
C GLY B 522 0.63 19.86 20.43
N GLY B 523 -0.55 19.93 19.81
CA GLY B 523 -0.73 19.62 18.39
C GLY B 523 -0.91 20.90 17.61
N ILE B 524 -2.16 21.37 17.48
CA ILE B 524 -2.44 22.56 16.71
C ILE B 524 -1.90 23.82 17.38
N GLY B 525 -1.71 23.79 18.70
CA GLY B 525 -1.13 24.94 19.37
C GLY B 525 0.28 25.23 18.92
N MET B 526 1.10 24.19 18.79
CA MET B 526 2.44 24.37 18.25
C MET B 526 2.39 24.75 16.78
N VAL B 527 1.36 24.30 16.05
CA VAL B 527 1.22 24.67 14.65
C VAL B 527 0.95 26.16 14.49
N ILE B 528 0.05 26.69 15.32
CA ILE B 528 -0.26 28.12 15.25
C ILE B 528 0.95 28.94 15.64
N GLY B 529 1.66 28.55 16.70
CA GLY B 529 2.89 29.22 17.06
C GLY B 529 3.99 29.05 16.04
N HIS B 530 3.93 28.00 15.23
CA HIS B 530 4.92 27.80 14.18
C HIS B 530 4.72 28.81 13.05
N GLU B 531 3.49 28.98 12.59
CA GLU B 531 3.22 29.88 11.48
C GLU B 531 3.34 31.34 11.89
N ILE B 532 3.05 31.65 13.15
CA ILE B 532 3.23 33.03 13.62
C ILE B 532 4.71 33.37 13.68
N THR B 533 5.53 32.47 14.21
CA THR B 533 6.98 32.71 14.24
C THR B 533 7.55 32.79 12.83
N HIS B 534 6.91 32.13 11.86
CA HIS B 534 7.36 32.23 10.47
C HIS B 534 7.38 33.67 9.96
N GLY B 535 6.57 34.55 10.56
CA GLY B 535 6.64 35.96 10.25
C GLY B 535 7.78 36.70 10.91
N PHE B 536 8.66 35.98 11.61
CA PHE B 536 9.77 36.62 12.32
C PHE B 536 11.07 35.86 12.16
N ASP B 537 11.14 34.85 11.28
CA ASP B 537 12.36 34.08 11.10
C ASP B 537 13.34 34.82 10.20
N ASP B 538 14.35 34.12 9.68
CA ASP B 538 15.39 34.74 8.87
C ASP B 538 14.88 35.26 7.53
N ASN B 539 13.63 34.96 7.18
CA ASN B 539 13.03 35.44 5.93
C ASN B 539 11.86 36.39 6.17
N GLY B 540 10.95 36.03 7.08
CA GLY B 540 9.77 36.84 7.30
C GLY B 540 9.99 38.10 8.09
N ARG B 541 11.08 38.18 8.85
CA ARG B 541 11.33 39.37 9.66
C ARG B 541 11.63 40.59 8.80
N ASN B 542 12.07 40.39 7.56
CA ASN B 542 12.36 41.50 6.66
C ASN B 542 11.10 42.11 6.05
N PHE B 543 9.92 41.62 6.42
CA PHE B 543 8.66 42.14 5.92
C PHE B 543 7.90 42.80 7.06
N ASN B 544 7.27 43.95 6.78
CA ASN B 544 6.58 44.71 7.81
C ASN B 544 5.17 44.16 8.01
N LYS B 545 4.33 44.93 8.70
CA LYS B 545 2.97 44.48 8.99
C LYS B 545 2.08 44.49 7.75
N ASP B 546 2.44 45.25 6.72
CA ASP B 546 1.64 45.34 5.50
C ASP B 546 2.17 44.44 4.39
N GLY B 547 3.08 43.53 4.70
CA GLY B 547 3.60 42.62 3.70
C GLY B 547 4.63 43.22 2.77
N ASP B 548 5.19 44.38 3.10
CA ASP B 548 6.17 45.05 2.28
C ASP B 548 7.57 44.78 2.80
N LEU B 549 8.52 44.59 1.88
CA LEU B 549 9.92 44.33 2.22
C LEU B 549 10.55 45.62 2.73
N VAL B 550 10.30 45.92 4.01
CA VAL B 550 10.78 47.13 4.66
C VAL B 550 11.50 46.75 5.95
N ASP B 551 12.66 47.35 6.17
CA ASP B 551 13.46 47.09 7.36
C ASP B 551 12.87 47.88 8.53
N TRP B 552 12.29 47.18 9.50
CA TRP B 552 11.81 47.79 10.73
C TRP B 552 12.66 47.40 11.94
N TRP B 553 13.83 46.81 11.70
CA TRP B 553 14.73 46.41 12.77
C TRP B 553 15.83 47.46 12.95
N THR B 554 16.22 47.68 14.20
CA THR B 554 17.41 48.47 14.47
C THR B 554 18.65 47.61 14.24
N GLN B 555 19.79 48.28 14.06
CA GLN B 555 21.02 47.56 13.77
C GLN B 555 21.42 46.64 14.91
N GLN B 556 21.14 47.03 16.15
CA GLN B 556 21.51 46.18 17.28
C GLN B 556 20.60 44.97 17.40
N SER B 557 19.29 45.17 17.21
CA SER B 557 18.35 44.05 17.31
C SER B 557 18.52 43.09 16.13
N ALA B 558 18.79 43.62 14.94
CA ALA B 558 18.96 42.76 13.77
C ALA B 558 20.23 41.93 13.89
N ASN B 559 21.29 42.50 14.46
CA ASN B 559 22.52 41.74 14.65
C ASN B 559 22.36 40.68 15.73
N ASN B 560 21.55 40.95 16.75
CA ASN B 560 21.31 39.94 17.79
C ASN B 560 20.46 38.79 17.26
N PHE B 561 19.54 39.08 16.33
CA PHE B 561 18.76 38.01 15.72
C PHE B 561 19.68 37.04 14.98
N LYS B 562 20.67 37.57 14.26
CA LYS B 562 21.62 36.69 13.57
C LYS B 562 22.50 35.96 14.57
N GLU B 563 22.70 36.52 15.76
CA GLU B 563 23.48 35.84 16.80
C GLU B 563 22.65 34.76 17.48
N GLN B 564 21.39 35.07 17.80
CA GLN B 564 20.51 34.07 18.40
C GLN B 564 20.26 32.91 17.43
N SER B 565 20.03 33.23 16.16
CA SER B 565 19.77 32.20 15.15
C SER B 565 21.03 31.45 14.75
N GLN B 566 22.21 32.03 14.96
CA GLN B 566 23.46 31.33 14.65
C GLN B 566 23.61 30.08 15.52
N CYS B 567 23.07 30.11 16.74
CA CYS B 567 23.10 28.94 17.60
C CYS B 567 22.41 27.76 16.95
N MET B 568 21.27 28.00 16.30
CA MET B 568 20.51 26.92 15.69
C MET B 568 21.14 26.44 14.38
N VAL B 569 21.88 27.32 13.68
CA VAL B 569 22.56 26.90 12.47
C VAL B 569 23.62 25.86 12.80
N TYR B 570 24.32 26.03 13.93
CA TYR B 570 25.33 25.07 14.34
C TYR B 570 24.71 23.83 15.00
N GLN B 571 23.60 24.00 15.71
CA GLN B 571 22.97 22.86 16.37
C GLN B 571 22.47 21.85 15.36
N TYR B 572 21.54 22.27 14.48
CA TYR B 572 21.02 21.38 13.46
C TYR B 572 22.06 21.02 12.41
N GLY B 573 23.10 21.85 12.24
CA GLY B 573 24.16 21.53 11.32
C GLY B 573 25.08 20.41 11.80
N ASN B 574 25.09 20.15 13.11
CA ASN B 574 25.88 19.07 13.67
C ASN B 574 25.12 17.76 13.75
N PHE B 575 23.82 17.76 13.46
CA PHE B 575 23.02 16.55 13.52
C PHE B 575 23.40 15.61 12.38
N SER B 576 23.94 14.44 12.72
CA SER B 576 24.29 13.43 11.74
C SER B 576 23.12 12.49 11.54
N TRP B 577 22.69 12.32 10.29
CA TRP B 577 21.53 11.52 9.95
C TRP B 577 22.00 10.13 9.49
N ASP B 578 21.63 9.10 10.25
CA ASP B 578 22.08 7.75 9.93
C ASP B 578 21.39 7.20 8.69
N LEU B 579 20.18 7.69 8.38
CA LEU B 579 19.47 7.25 7.18
C LEU B 579 20.06 7.83 5.90
N ALA B 580 20.91 8.86 6.00
CA ALA B 580 21.53 9.49 4.83
C ALA B 580 23.03 9.24 4.79
N GLY B 581 23.51 8.17 5.42
CA GLY B 581 24.93 7.87 5.42
C GLY B 581 25.76 8.75 6.31
N GLY B 582 25.20 9.20 7.44
CA GLY B 582 25.93 10.04 8.36
C GLY B 582 26.06 11.49 7.97
N GLN B 583 25.50 11.90 6.84
CA GLN B 583 25.58 13.29 6.42
C GLN B 583 24.80 14.17 7.38
N HIS B 584 25.19 15.45 7.43
CA HIS B 584 24.59 16.41 8.33
C HIS B 584 23.49 17.21 7.63
N LEU B 585 22.65 17.84 8.44
CA LEU B 585 21.59 18.70 7.91
C LEU B 585 22.16 20.08 7.59
N ASN B 586 21.41 20.82 6.78
CA ASN B 586 21.79 22.17 6.37
C ASN B 586 21.22 23.15 7.39
N GLY B 587 22.09 23.64 8.28
CA GLY B 587 21.67 24.59 9.29
C GLY B 587 21.26 25.95 8.76
N ILE B 588 21.52 26.23 7.48
CA ILE B 588 21.16 27.51 6.90
C ILE B 588 19.81 27.45 6.20
N ASN B 589 19.58 26.39 5.42
CA ASN B 589 18.32 26.29 4.68
C ASN B 589 17.16 25.95 5.60
N THR B 590 17.39 25.12 6.61
CA THR B 590 16.36 24.75 7.57
C THR B 590 16.21 25.75 8.71
N LEU B 591 16.92 26.88 8.64
CA LEU B 591 16.89 27.85 9.72
C LEU B 591 15.49 28.41 9.94
N GLY B 592 14.84 28.83 8.85
CA GLY B 592 13.52 29.43 8.97
C GLY B 592 12.51 28.49 9.63
N GLU B 593 12.60 27.20 9.34
CA GLU B 593 11.69 26.24 9.95
C GLU B 593 12.09 25.90 11.38
N ASN B 594 13.40 25.86 11.67
CA ASN B 594 13.85 25.58 13.03
C ASN B 594 13.50 26.72 13.98
N ILE B 595 13.53 27.96 13.49
CA ILE B 595 13.12 29.09 14.33
C ILE B 595 11.64 28.99 14.66
N ALA B 596 10.83 28.54 13.69
CA ALA B 596 9.40 28.43 13.93
C ALA B 596 9.06 27.23 14.82
N ASP B 597 9.90 26.20 14.81
CA ASP B 597 9.67 25.06 15.69
C ASP B 597 9.96 25.41 17.15
N ASN B 598 11.18 25.90 17.42
CA ASN B 598 11.56 26.22 18.79
C ASN B 598 10.73 27.38 19.34
N GLY B 599 10.31 28.30 18.48
CA GLY B 599 9.46 29.39 18.91
C GLY B 599 8.03 28.95 19.14
N GLY B 600 7.55 28.06 18.26
CA GLY B 600 6.17 27.60 18.39
C GLY B 600 5.96 26.65 19.53
N ILE B 601 6.95 25.81 19.85
CA ILE B 601 6.78 24.83 20.92
C ILE B 601 6.72 25.53 22.27
N GLY B 602 7.40 26.68 22.41
CA GLY B 602 7.38 27.41 23.66
C GLY B 602 6.11 28.24 23.84
N GLN B 603 5.62 28.81 22.74
CA GLN B 603 4.39 29.59 22.80
C GLN B 603 3.18 28.70 23.06
N ALA B 604 3.17 27.50 22.48
CA ALA B 604 2.07 26.57 22.72
C ALA B 604 2.04 26.11 24.16
N TYR B 605 3.21 25.88 24.76
CA TYR B 605 3.27 25.49 26.16
C TYR B 605 2.88 26.66 27.07
N ARG B 606 3.27 27.88 26.69
CA ARG B 606 2.87 29.05 27.47
C ARG B 606 1.36 29.26 27.41
N ALA B 607 0.78 29.17 26.22
CA ALA B 607 -0.66 29.32 26.09
C ALA B 607 -1.42 28.21 26.80
N TYR B 608 -0.81 27.01 26.89
CA TYR B 608 -1.44 25.93 27.64
C TYR B 608 -1.38 26.16 29.14
N GLN B 609 -0.25 26.68 29.64
CA GLN B 609 -0.15 27.01 31.05
C GLN B 609 -1.12 28.11 31.44
N ASN B 610 -1.38 29.06 30.53
CA ASN B 610 -2.37 30.10 30.81
C ASN B 610 -3.78 29.53 30.82
N TYR B 611 -4.02 28.46 30.05
CA TYR B 611 -5.34 27.82 30.06
C TYR B 611 -5.55 26.98 31.31
N VAL B 612 -4.50 26.36 31.83
CA VAL B 612 -4.64 25.51 33.01
C VAL B 612 -4.99 26.34 34.24
N LYS B 613 -4.25 27.43 34.47
CA LYS B 613 -4.52 28.27 35.62
C LYS B 613 -5.82 29.06 35.50
N LYS B 614 -6.42 29.11 34.32
CA LYS B 614 -7.67 29.81 34.09
C LYS B 614 -8.89 28.91 34.13
N ASN B 615 -8.78 27.68 33.60
CA ASN B 615 -9.90 26.76 33.50
C ASN B 615 -9.74 25.51 34.36
N GLY B 616 -8.61 25.35 35.05
CA GLY B 616 -8.39 24.21 35.90
C GLY B 616 -7.65 23.09 35.19
N GLU B 617 -7.20 22.13 36.00
CA GLU B 617 -6.48 20.98 35.47
C GLU B 617 -7.43 20.05 34.72
N GLU B 618 -6.85 19.03 34.08
CA GLU B 618 -7.61 18.04 33.33
C GLU B 618 -7.41 16.66 33.93
N LYS B 619 -8.41 15.80 33.74
CA LYS B 619 -8.34 14.43 34.23
C LYS B 619 -7.32 13.63 33.44
N LEU B 620 -6.55 12.80 34.14
CA LEU B 620 -5.49 12.03 33.51
C LEU B 620 -6.08 11.05 32.48
N LEU B 621 -5.21 10.61 31.56
CA LEU B 621 -5.63 9.60 30.60
C LEU B 621 -5.36 8.20 31.14
N PRO B 622 -6.31 7.28 30.99
CA PRO B 622 -6.11 5.94 31.54
C PRO B 622 -5.12 5.13 30.72
N GLY B 623 -4.37 4.28 31.42
CA GLY B 623 -3.42 3.38 30.79
C GLY B 623 -2.05 3.96 30.54
N ILE B 624 -1.86 5.26 30.76
CA ILE B 624 -0.57 5.92 30.53
C ILE B 624 -0.23 6.76 31.76
N ASP B 625 0.96 6.55 32.29
CA ASP B 625 1.39 7.20 33.54
C ASP B 625 2.19 8.46 33.26
N LEU B 626 1.52 9.43 32.62
CA LEU B 626 2.10 10.73 32.33
C LEU B 626 1.10 11.81 32.67
N ASN B 627 1.59 12.91 33.27
CA ASN B 627 0.72 14.04 33.53
C ASN B 627 0.49 14.83 32.25
N HIS B 628 -0.52 15.71 32.30
CA HIS B 628 -0.87 16.47 31.10
C HIS B 628 0.24 17.42 30.66
N LYS B 629 1.16 17.77 31.55
CA LYS B 629 2.34 18.52 31.12
C LYS B 629 3.25 17.66 30.26
N GLN B 630 3.41 16.38 30.62
CA GLN B 630 4.20 15.47 29.80
C GLN B 630 3.45 15.05 28.54
N LEU B 631 2.12 14.94 28.61
CA LEU B 631 1.31 14.63 27.43
C LEU B 631 1.39 15.74 26.39
N PHE B 632 1.67 16.98 26.80
CA PHE B 632 1.85 18.06 25.84
C PHE B 632 2.98 17.75 24.87
N PHE B 633 4.17 17.43 25.40
CA PHE B 633 5.31 17.13 24.56
C PHE B 633 5.20 15.76 23.89
N LEU B 634 4.37 14.88 24.43
CA LEU B 634 4.19 13.57 23.79
C LEU B 634 3.39 13.70 22.50
N ASN B 635 2.30 14.47 22.53
CA ASN B 635 1.50 14.66 21.32
C ASN B 635 2.27 15.42 20.26
N PHE B 636 3.10 16.38 20.68
CA PHE B 636 3.94 17.11 19.73
C PHE B 636 4.93 16.17 19.03
N ALA B 637 5.51 15.24 19.78
CA ALA B 637 6.50 14.34 19.19
C ALA B 637 5.85 13.28 18.31
N GLN B 638 4.71 12.75 18.74
CA GLN B 638 4.07 11.67 17.99
C GLN B 638 3.53 12.11 16.63
N VAL B 639 3.49 13.42 16.37
CA VAL B 639 3.09 13.89 15.04
C VAL B 639 4.14 13.50 14.00
N TRP B 640 5.42 13.47 14.40
CA TRP B 640 6.52 13.25 13.48
C TRP B 640 7.15 11.87 13.64
N CYS B 641 6.40 10.89 14.15
CA CYS B 641 6.87 9.52 14.20
C CYS B 641 6.97 8.97 12.78
N GLY B 642 8.19 8.85 12.27
CA GLY B 642 8.33 8.38 10.91
C GLY B 642 9.76 8.04 10.57
N THR B 643 9.95 7.61 9.32
CA THR B 643 11.27 7.23 8.82
C THR B 643 11.33 7.55 7.33
N TYR B 644 12.55 7.69 6.83
CA TYR B 644 12.80 8.08 5.44
C TYR B 644 13.45 6.93 4.68
N ARG B 645 13.30 6.98 3.36
CA ARG B 645 14.07 6.08 2.50
C ARG B 645 15.47 6.65 2.28
N PRO B 646 16.47 5.78 2.08
CA PRO B 646 17.84 6.30 1.86
C PRO B 646 17.96 7.24 0.69
N GLU B 647 17.21 7.02 -0.39
CA GLU B 647 17.31 7.89 -1.55
C GLU B 647 16.68 9.26 -1.27
N TYR B 648 15.53 9.28 -0.59
CA TYR B 648 14.87 10.55 -0.28
C TYR B 648 15.52 11.29 0.87
N ALA B 649 16.30 10.60 1.70
CA ALA B 649 17.03 11.30 2.76
C ALA B 649 18.05 12.26 2.18
N VAL B 650 18.72 11.86 1.10
CA VAL B 650 19.65 12.77 0.41
C VAL B 650 18.87 13.86 -0.31
N ASN B 651 17.66 13.55 -0.77
CA ASN B 651 16.85 14.55 -1.47
C ASN B 651 16.34 15.62 -0.52
N SER B 652 15.84 15.20 0.66
CA SER B 652 15.26 16.15 1.59
C SER B 652 16.29 17.08 2.23
N ILE B 653 17.56 16.68 2.26
CA ILE B 653 18.59 17.55 2.82
C ILE B 653 18.84 18.75 1.92
N LYS B 654 18.73 18.57 0.61
CA LYS B 654 19.02 19.63 -0.35
C LYS B 654 17.79 20.32 -0.90
N THR B 655 16.59 19.76 -0.69
CA THR B 655 15.38 20.33 -1.26
C THR B 655 14.34 20.72 -0.22
N ASP B 656 14.19 19.95 0.85
CA ASP B 656 13.20 20.26 1.88
C ASP B 656 13.76 21.33 2.82
N VAL B 657 13.05 22.45 2.94
CA VAL B 657 13.45 23.48 3.90
C VAL B 657 13.13 23.11 5.33
N HIS B 658 12.45 21.99 5.56
CA HIS B 658 12.20 21.48 6.90
C HIS B 658 13.29 20.49 7.29
N SER B 659 13.51 20.36 8.59
CA SER B 659 14.32 19.28 9.11
C SER B 659 13.48 18.02 9.19
N PRO B 660 14.12 16.84 9.19
CA PRO B 660 13.36 15.61 9.37
C PRO B 660 12.71 15.55 10.75
N GLY B 661 11.61 14.80 10.84
CA GLY B 661 10.86 14.74 12.08
C GLY B 661 11.67 14.24 13.26
N ASN B 662 12.69 13.43 13.00
CA ASN B 662 13.57 12.96 14.07
C ASN B 662 14.22 14.14 14.80
N PHE B 663 14.82 15.05 14.04
CA PHE B 663 15.53 16.18 14.64
C PHE B 663 14.64 17.37 14.92
N ARG B 664 13.45 17.44 14.32
CA ARG B 664 12.50 18.48 14.70
C ARG B 664 12.05 18.27 16.14
N ILE B 665 12.02 17.03 16.61
CA ILE B 665 11.70 16.75 18.00
C ILE B 665 12.93 16.93 18.88
N ILE B 666 14.08 16.43 18.43
CA ILE B 666 15.30 16.51 19.23
C ILE B 666 15.76 17.95 19.37
N GLY B 667 15.88 18.67 18.25
CA GLY B 667 16.40 20.02 18.29
C GLY B 667 15.50 20.98 19.06
N SER B 668 14.18 20.85 18.88
CA SER B 668 13.26 21.77 19.55
C SER B 668 13.21 21.52 21.05
N LEU B 669 13.30 20.26 21.46
CA LEU B 669 13.23 19.93 22.88
C LEU B 669 14.57 20.06 23.59
N GLN B 670 15.68 20.01 22.85
CA GLN B 670 16.98 20.26 23.47
C GLN B 670 17.09 21.68 23.98
N ASN B 671 16.45 22.63 23.30
CA ASN B 671 16.48 24.04 23.69
C ASN B 671 15.29 24.43 24.57
N SER B 672 14.44 23.46 24.94
CA SER B 672 13.25 23.74 25.73
C SER B 672 13.55 23.44 27.20
N VAL B 673 13.46 24.48 28.04
CA VAL B 673 13.62 24.28 29.47
C VAL B 673 12.37 23.61 30.06
N GLU B 674 11.19 23.97 29.54
CA GLU B 674 9.94 23.41 30.04
C GLU B 674 9.81 21.93 29.73
N PHE B 675 10.50 21.44 28.70
CA PHE B 675 10.49 20.00 28.43
C PHE B 675 11.31 19.24 29.46
N SER B 676 12.50 19.75 29.80
CA SER B 676 13.33 19.10 30.81
C SER B 676 12.73 19.21 32.20
N GLU B 677 11.90 20.23 32.45
CA GLU B 677 11.25 20.36 33.75
C GLU B 677 10.14 19.33 33.91
N ALA B 678 9.38 19.06 32.84
CA ALA B 678 8.26 18.14 32.94
C ALA B 678 8.71 16.70 33.13
N PHE B 679 9.81 16.31 32.48
CA PHE B 679 10.33 14.95 32.58
C PHE B 679 11.50 14.84 33.56
N GLN B 680 11.90 15.94 34.19
CA GLN B 680 12.98 15.95 35.17
C GLN B 680 14.25 15.34 34.59
N CYS B 681 14.71 15.94 33.49
CA CYS B 681 15.90 15.44 32.81
C CYS B 681 17.16 15.88 33.54
N PRO B 682 18.13 14.99 33.69
CA PRO B 682 19.39 15.36 34.38
C PRO B 682 20.22 16.30 33.52
N LYS B 683 21.23 16.89 34.16
CA LYS B 683 22.11 17.81 33.46
C LYS B 683 23.01 17.08 32.48
N ASN B 684 23.32 17.78 31.38
CA ASN B 684 24.19 17.29 30.32
C ASN B 684 23.69 15.98 29.70
N SER B 685 22.38 15.72 29.78
CA SER B 685 21.80 14.61 29.03
C SER B 685 21.64 15.01 27.57
N TYR B 686 21.34 14.01 26.73
CA TYR B 686 21.22 14.28 25.30
C TYR B 686 20.06 15.21 24.99
N MET B 687 18.99 15.17 25.78
CA MET B 687 17.83 16.03 25.56
C MET B 687 17.87 17.31 26.38
N ASN B 688 18.81 17.44 27.31
CA ASN B 688 18.92 18.62 28.18
C ASN B 688 20.37 19.09 28.21
N PRO B 689 20.84 19.75 27.15
CA PRO B 689 22.18 20.34 27.19
C PRO B 689 22.18 21.68 27.90
N GLU B 690 23.32 22.01 28.50
CA GLU B 690 23.43 23.29 29.21
C GLU B 690 23.40 24.47 28.25
N LYS B 691 23.90 24.29 27.03
CA LYS B 691 23.89 25.34 26.01
C LYS B 691 22.63 25.18 25.16
N LYS B 692 21.69 26.10 25.33
CA LYS B 692 20.42 26.05 24.62
C LYS B 692 20.24 27.29 23.74
N CYS B 693 19.71 27.08 22.55
CA CYS B 693 19.40 28.19 21.66
C CYS B 693 18.04 28.77 22.03
N ARG B 694 17.89 30.07 21.77
CA ARG B 694 16.64 30.76 22.06
C ARG B 694 16.50 31.97 21.14
N VAL B 695 15.37 32.06 20.45
CA VAL B 695 15.07 33.22 19.62
C VAL B 695 13.74 33.81 20.09
N TRP B 696 12.64 33.12 19.77
CA TRP B 696 11.33 33.58 20.17
C TRP B 696 10.73 32.69 21.24
#